data_8TYS
#
_entry.id   8TYS
#
_cell.length_a   145.209
_cell.length_b   145.209
_cell.length_c   106.491
_cell.angle_alpha   90.000
_cell.angle_beta   90.000
_cell.angle_gamma   120.000
#
_symmetry.space_group_name_H-M   'P 63'
#
loop_
_entity.id
_entity.type
_entity.pdbx_description
1 polymer 'Collagen alpha-1(IV) chain'
2 polymer 'Collagen IV, chain Viking'
3 non-polymer 'CHLORIDE ION'
4 non-polymer 'CALCIUM ION'
#
loop_
_entity_poly.entity_id
_entity_poly.type
_entity_poly.pdbx_seq_one_letter_code
_entity_poly.pdbx_strand_id
1 'polypeptide(L)'
;LDYLTGILITRHSQSETVPACSAGHTELWTGYSLLYVDGNDYAHNQDLGSPGSCVPRFSTLPVLSCGQNNVCNYASRNDK
TFWLTTNAAIPMMPVENIEIRQYISRCVVCEAPANVIAVHSQTIEVPDCPNGWEGLWIGYSFLMHTAVGNGGGGQALQSP
GSCLEDFRATPFIECNGAKGTCHFYETMTSFWMYNLESSQPFERPQQQTIKAGERQSHVSRCQVCMKNSS
;
A,C,D,F
2 'polypeptide(L)'
;APKSRGFIFARHSQSVHVPQCPANTNLLWEGYSLSGNVAASRAVGQDLGQSGSCMMRFTTMPYMLCDITNVCHFAQNNDD
SLWLSTAEPMPMTMTPIQGRDLMKYISRCVVCETTTRIIALHSQSMSIPDCPGGWEEMWTGYSYFMSTLDNVGGVGQNLV
SPGSCLEEFRAQPVIECHGHGRCNYYDALASFWLTVIEEQDQFVQPRQQTLKADFTSKISRCTVCRRRGN
;
B,E
#
# COMPACT_ATOMS: atom_id res chain seq x y z
N GLY A 6 -32.05 -25.37 1.51
CA GLY A 6 -30.86 -25.65 0.71
C GLY A 6 -29.70 -24.72 0.98
N ILE A 7 -29.52 -24.39 2.26
CA ILE A 7 -28.44 -23.51 2.69
C ILE A 7 -27.20 -24.35 2.97
N LEU A 8 -26.03 -23.81 2.65
CA LEU A 8 -24.78 -24.55 2.68
C LEU A 8 -23.88 -24.04 3.80
N ILE A 9 -23.38 -24.98 4.61
CA ILE A 9 -22.41 -24.69 5.66
C ILE A 9 -21.07 -25.27 5.25
N THR A 10 -19.99 -24.60 5.64
CA THR A 10 -18.64 -25.03 5.35
C THR A 10 -17.87 -25.14 6.65
N ARG A 11 -17.26 -26.30 6.88
CA ARG A 11 -16.48 -26.56 8.09
C ARG A 11 -15.05 -26.92 7.73
N HIS A 12 -14.11 -26.41 8.51
CA HIS A 12 -12.68 -26.68 8.33
C HIS A 12 -12.18 -27.49 9.50
N SER A 13 -11.42 -28.54 9.21
CA SER A 13 -11.00 -29.46 10.27
C SER A 13 -9.84 -28.92 11.09
N GLN A 14 -9.03 -28.03 10.50
CA GLN A 14 -7.80 -27.53 11.12
C GLN A 14 -6.81 -28.67 11.42
N SER A 15 -6.95 -29.79 10.70
CA SER A 15 -6.07 -30.93 10.88
C SER A 15 -5.93 -31.64 9.53
N GLU A 16 -5.18 -32.73 9.51
CA GLU A 16 -5.00 -33.51 8.30
C GLU A 16 -6.20 -34.38 7.98
N THR A 17 -7.12 -34.55 8.93
CA THR A 17 -8.32 -35.36 8.71
C THR A 17 -9.39 -34.55 7.99
N VAL A 18 -10.20 -35.24 7.20
CA VAL A 18 -11.32 -34.59 6.53
C VAL A 18 -12.51 -34.54 7.48
N PRO A 19 -13.13 -33.38 7.69
CA PRO A 19 -14.26 -33.30 8.61
C PRO A 19 -15.54 -33.86 8.00
N ALA A 20 -16.48 -34.20 8.88
CA ALA A 20 -17.74 -34.79 8.49
C ALA A 20 -18.90 -33.87 8.85
N CYS A 21 -19.98 -33.99 8.10
CA CYS A 21 -21.17 -33.18 8.32
C CYS A 21 -21.93 -33.68 9.54
N SER A 22 -22.55 -32.74 10.26
CA SER A 22 -23.32 -33.10 11.45
C SER A 22 -24.72 -33.57 11.11
N ALA A 23 -25.21 -34.53 11.89
CA ALA A 23 -26.61 -35.00 11.90
C ALA A 23 -27.06 -35.22 10.45
N GLY A 24 -28.19 -34.66 10.03
CA GLY A 24 -28.70 -34.87 8.69
C GLY A 24 -28.23 -33.87 7.66
N HIS A 25 -26.99 -33.39 7.80
CA HIS A 25 -26.37 -32.52 6.80
C HIS A 25 -25.73 -33.41 5.73
N THR A 26 -26.02 -33.10 4.47
CA THR A 26 -25.58 -33.92 3.35
C THR A 26 -24.29 -33.34 2.78
N GLU A 27 -23.29 -34.21 2.58
CA GLU A 27 -22.04 -33.79 1.97
C GLU A 27 -22.27 -33.42 0.51
N LEU A 28 -21.62 -32.34 0.08
CA LEU A 28 -21.58 -31.95 -1.32
C LEU A 28 -20.22 -32.15 -1.94
N TRP A 29 -19.16 -31.70 -1.27
CA TRP A 29 -17.79 -31.98 -1.70
C TRP A 29 -16.84 -31.67 -0.54
N THR A 30 -15.62 -32.18 -0.67
CA THR A 30 -14.54 -31.92 0.27
C THR A 30 -13.42 -31.21 -0.46
N GLY A 31 -12.40 -30.81 0.30
CA GLY A 31 -11.24 -30.16 -0.31
C GLY A 31 -10.28 -29.62 0.71
N TYR A 32 -9.57 -28.57 0.30
CA TYR A 32 -8.50 -27.97 1.09
C TYR A 32 -8.87 -26.56 1.50
N SER A 33 -8.42 -26.17 2.69
CA SER A 33 -8.78 -24.88 3.28
C SER A 33 -7.92 -23.79 2.68
N LEU A 34 -8.52 -22.95 1.84
CA LEU A 34 -7.84 -21.83 1.22
C LEU A 34 -8.15 -20.55 1.99
N LEU A 35 -7.11 -19.80 2.34
CA LEU A 35 -7.27 -18.53 3.06
C LEU A 35 -7.33 -17.37 2.06
N TYR A 36 -6.23 -17.12 1.37
CA TYR A 36 -6.20 -16.07 0.36
C TYR A 36 -5.03 -16.29 -0.58
N VAL A 37 -5.09 -15.59 -1.72
CA VAL A 37 -4.07 -15.67 -2.76
C VAL A 37 -3.40 -14.31 -2.89
N ASP A 38 -2.09 -14.32 -3.08
CA ASP A 38 -1.30 -13.10 -3.27
C ASP A 38 -0.84 -13.06 -4.72
N GLY A 39 -1.72 -12.56 -5.59
CA GLY A 39 -1.43 -12.46 -7.01
C GLY A 39 -1.14 -11.03 -7.41
N ASN A 40 0.01 -10.84 -8.06
CA ASN A 40 0.47 -9.52 -8.51
C ASN A 40 0.47 -8.51 -7.36
N ASP A 41 1.00 -8.94 -6.22
CA ASP A 41 1.12 -8.10 -5.03
C ASP A 41 -0.23 -7.60 -4.56
N TYR A 42 -1.27 -8.43 -4.70
CA TYR A 42 -2.60 -8.13 -4.22
C TYR A 42 -3.17 -9.37 -3.53
N ALA A 43 -3.80 -9.15 -2.38
CA ALA A 43 -4.34 -10.24 -1.57
C ALA A 43 -5.86 -10.30 -1.75
N HIS A 44 -6.34 -11.44 -2.25
CA HIS A 44 -7.77 -11.69 -2.41
C HIS A 44 -8.17 -12.83 -1.47
N ASN A 45 -9.02 -12.52 -0.50
CA ASN A 45 -9.37 -13.47 0.55
C ASN A 45 -10.66 -14.23 0.21
N GLN A 46 -10.82 -15.37 0.87
CA GLN A 46 -12.01 -16.19 0.78
C GLN A 46 -12.68 -16.28 2.14
N ASP A 47 -14.00 -16.19 2.16
CA ASP A 47 -14.76 -16.30 3.40
C ASP A 47 -14.58 -17.69 3.99
N LEU A 48 -13.92 -17.78 5.14
CA LEU A 48 -13.64 -19.06 5.76
C LEU A 48 -14.90 -19.85 6.11
N GLY A 49 -16.03 -19.17 6.26
CA GLY A 49 -17.30 -19.83 6.52
C GLY A 49 -18.12 -20.14 5.30
N SER A 50 -17.67 -19.76 4.11
CA SER A 50 -18.37 -19.98 2.86
C SER A 50 -17.72 -21.12 2.08
N PRO A 51 -18.46 -21.76 1.18
CA PRO A 51 -17.88 -22.85 0.37
C PRO A 51 -16.72 -22.41 -0.50
N GLY A 52 -16.55 -21.11 -0.76
CA GLY A 52 -15.47 -20.66 -1.61
C GLY A 52 -14.10 -20.93 -1.04
N SER A 53 -13.97 -20.94 0.29
CA SER A 53 -12.69 -21.21 0.93
C SER A 53 -12.30 -22.68 0.86
N CYS A 54 -13.21 -23.55 0.42
CA CYS A 54 -12.95 -24.99 0.32
C CYS A 54 -12.78 -25.34 -1.15
N VAL A 55 -11.54 -25.58 -1.55
CA VAL A 55 -11.22 -25.89 -2.95
C VAL A 55 -10.92 -27.37 -3.07
N PRO A 56 -11.43 -28.06 -4.10
CA PRO A 56 -11.24 -29.52 -4.17
C PRO A 56 -9.81 -29.94 -4.44
N ARG A 57 -9.12 -29.29 -5.36
CA ARG A 57 -7.77 -29.68 -5.76
C ARG A 57 -6.75 -28.74 -5.14
N PHE A 58 -5.69 -29.31 -4.58
CA PHE A 58 -4.62 -28.54 -3.97
C PHE A 58 -3.51 -28.27 -4.99
N SER A 59 -2.88 -27.11 -4.85
CA SER A 59 -1.71 -26.73 -5.62
C SER A 59 -1.11 -25.48 -4.99
N THR A 60 0.21 -25.36 -5.05
CA THR A 60 0.85 -24.16 -4.54
C THR A 60 0.54 -22.93 -5.38
N LEU A 61 0.02 -23.11 -6.59
CA LEU A 61 -0.34 -22.01 -7.47
C LEU A 61 -1.46 -22.49 -8.39
N PRO A 62 -2.69 -22.54 -7.87
CA PRO A 62 -3.80 -23.10 -8.67
C PRO A 62 -4.48 -22.07 -9.54
N VAL A 63 -3.78 -21.00 -9.92
CA VAL A 63 -4.36 -19.93 -10.70
C VAL A 63 -3.50 -19.70 -11.94
N LEU A 64 -4.08 -19.01 -12.91
CA LEU A 64 -3.40 -18.67 -14.16
C LEU A 64 -3.45 -17.16 -14.35
N SER A 65 -2.30 -16.57 -14.65
CA SER A 65 -2.19 -15.13 -14.85
C SER A 65 -2.25 -14.83 -16.35
N CYS A 66 -3.24 -14.05 -16.76
CA CYS A 66 -3.45 -13.70 -18.15
C CYS A 66 -3.40 -12.19 -18.32
N GLY A 67 -2.75 -11.74 -19.38
CA GLY A 67 -2.56 -10.34 -19.67
C GLY A 67 -3.51 -9.82 -20.73
N GLN A 68 -3.06 -8.77 -21.44
CA GLN A 68 -3.89 -8.11 -22.44
C GLN A 68 -3.66 -8.64 -23.85
N ASN A 69 -2.43 -9.02 -24.18
CA ASN A 69 -2.08 -9.43 -25.54
C ASN A 69 -2.37 -10.90 -25.81
N ASN A 70 -3.44 -11.44 -25.25
CA ASN A 70 -3.89 -12.81 -25.52
C ASN A 70 -2.80 -13.83 -25.18
N VAL A 71 -2.08 -13.59 -24.09
CA VAL A 71 -1.03 -14.48 -23.62
C VAL A 71 -1.17 -14.63 -22.12
N CYS A 72 -1.10 -15.87 -21.64
CA CYS A 72 -1.18 -16.17 -20.22
C CYS A 72 0.15 -16.76 -19.75
N ASN A 73 0.35 -16.73 -18.43
CA ASN A 73 1.59 -17.21 -17.83
C ASN A 73 1.27 -17.98 -16.56
N TYR A 74 1.85 -19.17 -16.43
CA TYR A 74 1.66 -20.03 -15.26
C TYR A 74 2.99 -20.20 -14.55
N ALA A 75 2.98 -19.94 -13.24
CA ALA A 75 4.19 -20.06 -12.40
C ALA A 75 5.35 -19.26 -12.99
N SER A 76 5.04 -18.07 -13.52
CA SER A 76 6.03 -17.24 -14.19
C SER A 76 6.41 -16.00 -13.40
N ARG A 77 5.92 -15.85 -12.17
CA ARG A 77 6.30 -14.71 -11.34
C ARG A 77 6.57 -15.15 -9.91
N ASN A 78 6.15 -14.35 -8.93
CA ASN A 78 6.43 -14.62 -7.53
C ASN A 78 5.16 -14.66 -6.69
N ASP A 79 4.05 -15.04 -7.30
CA ASP A 79 2.78 -15.12 -6.57
C ASP A 79 2.80 -16.29 -5.61
N LYS A 80 2.08 -16.14 -4.49
CA LYS A 80 2.06 -17.14 -3.44
C LYS A 80 0.62 -17.43 -3.04
N THR A 81 0.44 -18.54 -2.32
CA THR A 81 -0.86 -18.99 -1.85
C THR A 81 -0.80 -19.21 -0.34
N PHE A 82 -1.96 -19.10 0.30
CA PHE A 82 -2.05 -19.19 1.75
C PHE A 82 -3.18 -20.14 2.13
N TRP A 83 -2.89 -21.09 3.02
CA TRP A 83 -3.83 -22.13 3.40
C TRP A 83 -3.88 -22.25 4.92
N LEU A 84 -5.05 -22.63 5.44
CA LEU A 84 -5.16 -22.94 6.85
C LEU A 84 -4.29 -24.15 7.19
N THR A 85 -3.42 -23.98 8.17
CA THR A 85 -2.49 -25.04 8.54
C THR A 85 -3.08 -25.90 9.66
N THR A 86 -2.28 -26.85 10.15
CA THR A 86 -2.66 -27.75 11.22
C THR A 86 -1.84 -27.46 12.46
N ASN A 87 -1.86 -28.39 13.41
CA ASN A 87 -1.09 -28.29 14.64
C ASN A 87 0.22 -29.07 14.58
N ALA A 88 0.69 -29.40 13.38
CA ALA A 88 1.92 -30.15 13.24
C ALA A 88 3.13 -29.29 13.63
N ALA A 89 4.28 -29.93 13.75
CA ALA A 89 5.49 -29.23 14.16
C ALA A 89 6.02 -28.36 13.02
N ILE A 90 6.45 -27.16 13.37
CA ILE A 90 6.96 -26.22 12.37
C ILE A 90 8.38 -26.64 11.99
N PRO A 91 8.66 -26.79 10.70
CA PRO A 91 10.00 -27.22 10.27
C PRO A 91 10.98 -26.04 10.30
N MET A 92 12.21 -26.32 9.86
CA MET A 92 13.24 -25.31 9.80
C MET A 92 13.46 -24.76 8.40
N MET A 93 13.00 -25.48 7.38
CA MET A 93 13.10 -25.08 5.99
C MET A 93 11.75 -25.27 5.32
N PRO A 94 11.52 -24.63 4.17
CA PRO A 94 10.24 -24.82 3.47
C PRO A 94 10.04 -26.29 3.10
N VAL A 95 8.84 -26.78 3.37
CA VAL A 95 8.48 -28.16 3.04
C VAL A 95 8.09 -28.23 1.57
N GLU A 96 8.39 -29.37 0.94
CA GLU A 96 8.23 -29.50 -0.51
C GLU A 96 7.63 -30.85 -0.84
N ASN A 97 7.01 -30.92 -2.03
CA ASN A 97 6.48 -32.15 -2.62
C ASN A 97 5.36 -32.70 -1.75
N ILE A 98 5.45 -33.93 -1.25
CA ILE A 98 4.29 -34.59 -0.64
C ILE A 98 4.20 -34.34 0.87
N GLU A 99 5.33 -34.16 1.55
CA GLU A 99 5.32 -33.94 2.99
C GLU A 99 4.64 -32.63 3.40
N ILE A 100 4.24 -31.79 2.45
CA ILE A 100 3.55 -30.55 2.80
C ILE A 100 2.13 -30.80 3.27
N ARG A 101 1.57 -31.97 2.96
CA ARG A 101 0.17 -32.24 3.30
C ARG A 101 -0.08 -32.27 4.80
N GLN A 102 0.97 -32.47 5.61
CA GLN A 102 0.80 -32.40 7.06
C GLN A 102 0.63 -30.97 7.55
N TYR A 103 0.65 -29.99 6.65
CA TYR A 103 0.51 -28.58 7.02
C TYR A 103 -0.68 -27.92 6.34
N ILE A 104 -1.56 -28.69 5.72
CA ILE A 104 -2.73 -28.16 5.02
C ILE A 104 -3.98 -28.73 5.67
N SER A 105 -4.86 -27.85 6.12
CA SER A 105 -6.12 -28.28 6.71
C SER A 105 -7.09 -28.75 5.62
N ARG A 106 -8.02 -29.61 6.02
CA ARG A 106 -9.05 -30.13 5.14
C ARG A 106 -10.40 -29.54 5.52
N CYS A 107 -11.31 -29.52 4.55
CA CYS A 107 -12.61 -28.89 4.71
C CYS A 107 -13.67 -29.71 3.99
N VAL A 108 -14.93 -29.35 4.23
CA VAL A 108 -16.07 -30.03 3.64
C VAL A 108 -17.23 -29.06 3.60
N VAL A 109 -18.08 -29.20 2.58
CA VAL A 109 -19.27 -28.38 2.42
C VAL A 109 -20.48 -29.26 2.63
N CYS A 110 -21.42 -28.79 3.45
CA CYS A 110 -22.64 -29.52 3.79
C CYS A 110 -23.84 -28.66 3.46
N GLU A 111 -25.01 -29.29 3.43
CA GLU A 111 -26.28 -28.61 3.28
C GLU A 111 -27.05 -28.65 4.59
N ALA A 112 -27.60 -27.50 4.98
CA ALA A 112 -28.37 -27.36 6.20
C ALA A 112 -29.78 -26.89 5.87
N PRO A 113 -30.77 -27.24 6.70
CA PRO A 113 -32.15 -26.81 6.40
C PRO A 113 -32.35 -25.31 6.57
N ALA A 114 -31.84 -24.74 7.65
CA ALA A 114 -32.06 -23.34 7.97
C ALA A 114 -30.75 -22.55 7.92
N ASN A 115 -30.82 -21.29 8.31
CA ASN A 115 -29.67 -20.40 8.23
C ASN A 115 -28.70 -20.65 9.39
N VAL A 116 -27.42 -20.46 9.10
CA VAL A 116 -26.35 -20.67 10.06
C VAL A 116 -25.57 -19.38 10.22
N ILE A 117 -25.27 -19.02 11.48
CA ILE A 117 -24.54 -17.80 11.81
C ILE A 117 -23.48 -18.14 12.85
N ALA A 118 -22.73 -17.12 13.27
CA ALA A 118 -21.75 -17.25 14.33
C ALA A 118 -21.87 -16.06 15.26
N VAL A 119 -21.99 -16.33 16.56
CA VAL A 119 -22.14 -15.30 17.58
C VAL A 119 -20.90 -15.30 18.45
N HIS A 120 -20.49 -14.10 18.87
CA HIS A 120 -19.28 -13.92 19.68
C HIS A 120 -19.66 -13.32 21.03
N SER A 121 -18.89 -13.70 22.06
CA SER A 121 -19.16 -13.24 23.41
C SER A 121 -18.25 -12.12 23.88
N GLN A 122 -17.06 -11.99 23.27
CA GLN A 122 -16.04 -11.04 23.73
C GLN A 122 -15.64 -11.30 25.17
N THR A 123 -15.84 -12.53 25.64
CA THR A 123 -15.56 -12.92 27.01
C THR A 123 -15.01 -14.34 27.00
N ILE A 124 -14.53 -14.79 28.17
CA ILE A 124 -14.04 -16.16 28.31
C ILE A 124 -15.17 -17.18 28.26
N GLU A 125 -16.41 -16.72 28.33
CA GLU A 125 -17.56 -17.61 28.30
C GLU A 125 -17.99 -17.87 26.86
N VAL A 126 -18.48 -19.08 26.62
CA VAL A 126 -19.04 -19.41 25.30
C VAL A 126 -20.39 -18.73 25.15
N PRO A 127 -20.63 -17.97 24.09
CA PRO A 127 -21.92 -17.28 23.95
C PRO A 127 -23.04 -18.25 23.65
N ASP A 128 -24.21 -17.97 24.21
CA ASP A 128 -25.39 -18.78 23.98
C ASP A 128 -26.06 -18.39 22.67
N CYS A 129 -26.52 -19.40 21.93
CA CYS A 129 -27.23 -19.14 20.69
C CYS A 129 -28.55 -18.44 20.98
N PRO A 130 -29.05 -17.62 20.04
CA PRO A 130 -30.30 -16.90 20.28
C PRO A 130 -31.48 -17.84 20.43
N ASN A 131 -32.61 -17.27 20.80
CA ASN A 131 -33.83 -18.06 20.98
C ASN A 131 -34.26 -18.67 19.67
N GLY A 132 -34.41 -20.00 19.65
CA GLY A 132 -34.72 -20.73 18.45
C GLY A 132 -33.53 -21.30 17.72
N TRP A 133 -32.32 -21.11 18.24
CA TRP A 133 -31.10 -21.57 17.61
C TRP A 133 -30.42 -22.62 18.48
N GLU A 134 -29.83 -23.62 17.82
CA GLU A 134 -29.04 -24.64 18.50
C GLU A 134 -27.61 -24.59 17.97
N GLY A 135 -26.66 -24.88 18.86
CA GLY A 135 -25.26 -24.76 18.50
C GLY A 135 -24.73 -25.95 17.72
N LEU A 136 -23.83 -25.65 16.78
CA LEU A 136 -23.16 -26.67 15.97
C LEU A 136 -21.76 -26.97 16.48
N TRP A 137 -20.94 -25.94 16.69
CA TRP A 137 -19.65 -26.11 17.35
C TRP A 137 -19.29 -24.81 18.03
N ILE A 138 -18.26 -24.87 18.88
CA ILE A 138 -17.77 -23.72 19.61
C ILE A 138 -16.31 -23.51 19.26
N GLY A 139 -15.81 -22.31 19.57
CA GLY A 139 -14.43 -22.01 19.26
C GLY A 139 -13.96 -20.63 19.71
N TYR A 140 -13.05 -20.05 18.94
CA TYR A 140 -12.38 -18.81 19.30
C TYR A 140 -12.56 -17.79 18.18
N SER A 141 -12.72 -16.52 18.57
CA SER A 141 -13.02 -15.46 17.61
C SER A 141 -11.79 -15.13 16.79
N PHE A 142 -11.81 -15.54 15.52
CA PHE A 142 -10.70 -15.29 14.60
C PHE A 142 -11.06 -14.05 13.76
N LEU A 143 -10.31 -12.98 13.95
CA LEU A 143 -10.67 -11.70 13.34
C LEU A 143 -9.85 -11.43 12.08
N MET A 144 -8.55 -11.19 12.23
CA MET A 144 -7.70 -10.79 11.11
C MET A 144 -6.42 -11.60 11.11
N HIS A 145 -5.63 -11.40 10.06
CA HIS A 145 -4.37 -12.11 9.88
C HIS A 145 -3.51 -11.34 8.89
N THR A 146 -2.20 -11.33 9.13
CA THR A 146 -1.24 -10.75 8.20
C THR A 146 -0.07 -11.69 8.03
N ALA A 147 0.51 -11.69 6.83
CA ALA A 147 1.67 -12.52 6.52
C ALA A 147 2.97 -11.72 6.49
N VAL A 148 2.98 -10.61 5.77
CA VAL A 148 4.13 -9.72 5.72
C VAL A 148 3.64 -8.33 5.35
N GLY A 149 4.20 -7.31 6.00
CA GLY A 149 3.72 -5.95 5.77
C GLY A 149 2.28 -5.82 6.19
N ASN A 150 1.45 -5.28 5.30
CA ASN A 150 0.01 -5.21 5.52
C ASN A 150 -0.76 -6.21 4.66
N GLY A 151 -0.06 -7.17 4.05
CA GLY A 151 -0.73 -8.20 3.27
C GLY A 151 -1.39 -9.23 4.17
N GLY A 152 -2.67 -9.47 3.95
CA GLY A 152 -3.43 -10.41 4.76
C GLY A 152 -4.92 -10.36 4.48
N GLY A 153 -5.71 -10.26 5.55
CA GLY A 153 -7.15 -10.23 5.40
C GLY A 153 -7.84 -10.41 6.74
N GLY A 154 -9.15 -10.58 6.67
CA GLY A 154 -9.95 -10.73 7.87
C GLY A 154 -11.25 -11.46 7.58
N GLN A 155 -11.95 -11.81 8.65
CA GLN A 155 -13.17 -12.58 8.58
C GLN A 155 -14.37 -11.74 9.01
N ALA A 156 -15.52 -12.00 8.39
CA ALA A 156 -16.76 -11.40 8.82
C ALA A 156 -17.21 -12.04 10.13
N LEU A 157 -17.48 -11.21 11.14
CA LEU A 157 -17.79 -11.73 12.46
C LEU A 157 -19.15 -12.41 12.54
N GLN A 158 -19.98 -12.30 11.51
CA GLN A 158 -21.20 -13.10 11.44
C GLN A 158 -20.96 -14.46 10.82
N SER A 159 -20.06 -14.54 9.84
CA SER A 159 -19.78 -15.80 9.18
C SER A 159 -19.13 -16.78 10.15
N PRO A 160 -19.40 -18.08 10.00
CA PRO A 160 -18.74 -19.08 10.84
C PRO A 160 -17.22 -19.09 10.70
N GLY A 161 -16.69 -18.50 9.63
CA GLY A 161 -15.24 -18.44 9.46
C GLY A 161 -14.53 -17.65 10.54
N SER A 162 -15.23 -16.72 11.17
CA SER A 162 -14.66 -15.97 12.30
C SER A 162 -14.62 -16.80 13.57
N CYS A 163 -15.01 -18.07 13.52
CA CYS A 163 -15.08 -18.94 14.69
C CYS A 163 -14.36 -20.24 14.36
N LEU A 164 -13.13 -20.39 14.83
CA LEU A 164 -12.34 -21.59 14.61
C LEU A 164 -12.34 -22.45 15.86
N GLU A 165 -12.39 -23.77 15.67
CA GLU A 165 -12.51 -24.68 16.82
C GLU A 165 -11.22 -24.72 17.63
N ASP A 166 -10.07 -24.76 16.96
CA ASP A 166 -8.77 -24.83 17.62
C ASP A 166 -8.03 -23.50 17.44
N PHE A 167 -7.44 -23.02 18.52
CA PHE A 167 -6.75 -21.73 18.53
C PHE A 167 -5.24 -21.94 18.41
N ARG A 168 -4.64 -21.41 17.35
CA ARG A 168 -3.20 -21.37 17.18
C ARG A 168 -2.78 -19.96 16.80
N ALA A 169 -1.63 -19.53 17.32
CA ALA A 169 -1.14 -18.19 17.04
C ALA A 169 -0.78 -18.01 15.56
N THR A 170 -0.44 -19.10 14.86
CA THR A 170 -0.11 -19.07 13.44
C THR A 170 -1.02 -20.06 12.72
N PRO A 171 -2.24 -19.64 12.36
CA PRO A 171 -3.23 -20.56 11.80
C PRO A 171 -3.13 -20.78 10.30
N PHE A 172 -2.10 -20.28 9.62
CA PHE A 172 -2.00 -20.43 8.18
C PHE A 172 -0.54 -20.61 7.78
N ILE A 173 -0.33 -21.03 6.52
CA ILE A 173 0.98 -21.31 5.98
C ILE A 173 1.09 -20.66 4.61
N GLU A 174 2.29 -20.23 4.25
CA GLU A 174 2.56 -19.52 3.01
C GLU A 174 3.28 -20.45 2.03
N CYS A 175 2.76 -20.56 0.81
CA CYS A 175 3.30 -21.43 -0.22
C CYS A 175 3.80 -20.60 -1.38
N ASN A 176 5.10 -20.68 -1.65
CA ASN A 176 5.65 -20.08 -2.87
C ASN A 176 5.15 -20.86 -4.07
N GLY A 177 4.44 -20.18 -4.97
CA GLY A 177 3.79 -20.89 -6.07
C GLY A 177 4.77 -21.37 -7.11
N ALA A 178 5.64 -20.48 -7.59
CA ALA A 178 6.55 -20.82 -8.68
C ALA A 178 7.55 -21.88 -8.24
N LYS A 179 8.00 -21.82 -6.98
CA LYS A 179 8.93 -22.80 -6.44
C LYS A 179 8.25 -23.99 -5.80
N GLY A 180 6.93 -23.93 -5.60
CA GLY A 180 6.19 -25.07 -5.08
C GLY A 180 6.56 -25.46 -3.67
N THR A 181 6.93 -24.51 -2.83
CA THR A 181 7.35 -24.76 -1.47
C THR A 181 6.48 -23.98 -0.50
N CYS A 182 6.16 -24.60 0.64
CA CYS A 182 5.35 -23.98 1.68
C CYS A 182 6.19 -23.86 2.95
N HIS A 183 5.96 -22.78 3.70
CA HIS A 183 6.81 -22.50 4.85
C HIS A 183 6.10 -21.50 5.76
N PHE A 184 6.58 -21.43 6.99
CA PHE A 184 6.18 -20.42 7.96
C PHE A 184 7.24 -19.32 8.02
N TYR A 185 6.81 -18.14 8.46
CA TYR A 185 7.71 -17.00 8.56
C TYR A 185 7.44 -16.25 9.85
N GLU A 186 8.45 -15.53 10.32
CA GLU A 186 8.35 -14.82 11.60
C GLU A 186 7.43 -13.60 11.52
N THR A 187 7.26 -13.02 10.33
CA THR A 187 6.41 -11.85 10.18
C THR A 187 4.93 -12.18 10.25
N MET A 188 4.54 -13.45 10.23
CA MET A 188 3.14 -13.81 10.29
C MET A 188 2.55 -13.48 11.66
N THR A 189 1.43 -12.77 11.65
CA THR A 189 0.73 -12.40 12.88
C THR A 189 -0.76 -12.64 12.70
N SER A 190 -1.41 -13.11 13.76
CA SER A 190 -2.85 -13.31 13.78
C SER A 190 -3.49 -12.36 14.77
N PHE A 191 -4.78 -12.09 14.56
CA PHE A 191 -5.52 -11.13 15.37
C PHE A 191 -6.82 -11.76 15.82
N TRP A 192 -7.01 -11.89 17.13
CA TRP A 192 -8.19 -12.50 17.72
C TRP A 192 -8.90 -11.50 18.63
N MET A 193 -10.22 -11.61 18.69
CA MET A 193 -11.00 -10.74 19.57
C MET A 193 -10.63 -11.01 21.02
N TYR A 194 -10.60 -9.93 21.81
CA TYR A 194 -10.04 -9.97 23.15
C TYR A 194 -11.13 -10.29 24.19
N ASN A 195 -10.68 -10.77 25.35
CA ASN A 195 -11.56 -11.07 26.48
C ASN A 195 -11.73 -9.79 27.29
N LEU A 196 -12.93 -9.22 27.28
CA LEU A 196 -13.20 -7.93 27.92
C LEU A 196 -13.95 -8.07 29.24
N GLU A 197 -13.70 -9.13 30.01
CA GLU A 197 -14.44 -9.32 31.25
C GLU A 197 -13.86 -8.51 32.39
N SER A 198 -12.57 -8.18 32.34
CA SER A 198 -11.88 -7.46 33.40
C SER A 198 -11.62 -6.00 33.05
N SER A 199 -12.34 -5.46 32.07
CA SER A 199 -12.11 -4.10 31.61
C SER A 199 -13.22 -3.18 32.11
N GLN A 200 -12.90 -1.89 32.20
CA GLN A 200 -13.99 -1.01 32.56
C GLN A 200 -14.54 -0.30 31.32
N PRO A 201 -15.87 -0.18 31.23
CA PRO A 201 -16.48 0.32 29.99
C PRO A 201 -15.97 1.71 29.61
N PHE A 202 -15.67 1.87 28.32
CA PHE A 202 -15.16 3.09 27.70
C PHE A 202 -13.88 3.62 28.34
N GLU A 203 -13.20 2.81 29.15
CA GLU A 203 -11.89 3.19 29.65
C GLU A 203 -10.82 2.86 28.61
N ARG A 204 -9.62 3.39 28.82
CA ARG A 204 -8.52 3.04 27.95
C ARG A 204 -8.10 1.59 28.20
N PRO A 205 -7.86 0.81 27.15
CA PRO A 205 -7.52 -0.61 27.34
C PRO A 205 -6.24 -0.79 28.14
N GLN A 206 -6.28 -1.75 29.06
CA GLN A 206 -5.13 -2.12 29.86
C GLN A 206 -4.22 -3.04 29.05
N GLN A 207 -3.05 -2.55 28.67
CA GLN A 207 -2.15 -3.30 27.82
C GLN A 207 -1.63 -4.54 28.53
N GLN A 208 -1.47 -5.63 27.77
CA GLN A 208 -1.09 -6.93 28.31
C GLN A 208 -0.15 -7.64 27.34
N THR A 209 0.93 -8.20 27.87
CA THR A 209 1.82 -9.10 27.13
C THR A 209 1.63 -10.50 27.71
N ILE A 210 0.94 -11.36 26.97
CA ILE A 210 0.57 -12.70 27.44
C ILE A 210 1.44 -13.74 26.75
N LYS A 211 1.82 -14.78 27.48
CA LYS A 211 2.64 -15.85 26.94
C LYS A 211 2.08 -17.22 27.34
N ALA A 212 2.47 -18.23 26.59
CA ALA A 212 2.21 -19.66 26.88
C ALA A 212 0.72 -19.90 27.01
N GLY A 213 0.30 -20.78 27.92
CA GLY A 213 -1.07 -21.25 28.03
C GLY A 213 -2.08 -20.21 28.45
N GLU A 214 -1.62 -19.07 28.98
CA GLU A 214 -2.53 -18.03 29.41
C GLU A 214 -3.16 -17.27 28.24
N ARG A 215 -2.63 -17.47 27.02
CA ARG A 215 -3.16 -16.76 25.87
C ARG A 215 -4.61 -17.14 25.58
N GLN A 216 -4.96 -18.42 25.77
CA GLN A 216 -6.32 -18.86 25.51
C GLN A 216 -7.33 -18.21 26.45
N SER A 217 -6.88 -17.79 27.63
CA SER A 217 -7.78 -17.14 28.57
C SER A 217 -8.13 -15.71 28.17
N HIS A 218 -7.40 -15.12 27.23
CA HIS A 218 -7.66 -13.76 26.76
C HIS A 218 -8.30 -13.72 25.38
N VAL A 219 -8.68 -14.87 24.83
CA VAL A 219 -9.31 -14.94 23.52
C VAL A 219 -10.82 -14.97 23.71
N SER A 220 -11.52 -14.20 22.87
CA SER A 220 -12.98 -14.23 22.88
C SER A 220 -13.47 -15.58 22.38
N ARG A 221 -14.57 -16.06 22.97
CA ARG A 221 -15.17 -17.31 22.56
C ARG A 221 -16.35 -17.06 21.64
N CYS A 222 -16.71 -18.09 20.88
CA CYS A 222 -17.76 -17.96 19.87
C CYS A 222 -18.44 -19.31 19.68
N GLN A 223 -19.61 -19.27 19.05
CA GLN A 223 -20.38 -20.47 18.77
C GLN A 223 -21.11 -20.30 17.44
N VAL A 224 -21.10 -21.36 16.65
CA VAL A 224 -21.77 -21.38 15.35
C VAL A 224 -23.14 -22.03 15.55
N CYS A 225 -24.20 -21.28 15.25
CA CYS A 225 -25.56 -21.67 15.56
C CYS A 225 -26.39 -21.85 14.30
N MET A 226 -27.36 -22.75 14.35
CA MET A 226 -28.34 -22.95 13.30
C MET A 226 -29.73 -22.95 13.89
N LYS A 227 -30.69 -22.41 13.13
CA LYS A 227 -32.06 -22.24 13.59
C LYS A 227 -32.90 -23.47 13.28
N ASN A 228 -33.93 -23.68 14.09
CA ASN A 228 -34.91 -24.74 13.85
C ASN A 228 -36.03 -24.23 12.94
N SER B 4 -39.27 -21.74 10.14
CA SER B 4 -38.59 -20.55 9.62
C SER B 4 -37.09 -20.78 9.50
N ARG B 5 -36.50 -20.30 8.40
CA ARG B 5 -35.07 -20.46 8.21
C ARG B 5 -34.27 -19.44 9.03
N GLY B 6 -34.80 -18.23 9.20
CA GLY B 6 -34.19 -17.28 10.13
C GLY B 6 -32.99 -16.52 9.60
N PHE B 7 -33.16 -15.80 8.50
CA PHE B 7 -32.13 -14.89 8.04
C PHE B 7 -32.09 -13.65 8.93
N ILE B 8 -30.89 -13.23 9.33
CA ILE B 8 -30.73 -12.14 10.27
C ILE B 8 -30.06 -10.96 9.56
N PHE B 9 -30.27 -9.77 10.12
CA PHE B 9 -29.68 -8.55 9.61
C PHE B 9 -29.40 -7.62 10.78
N ALA B 10 -28.79 -6.48 10.48
CA ALA B 10 -28.44 -5.49 11.49
C ALA B 10 -29.00 -4.13 11.11
N ARG B 11 -29.35 -3.34 12.12
CA ARG B 11 -29.84 -1.99 11.94
C ARG B 11 -29.09 -1.05 12.87
N HIS B 12 -28.67 0.10 12.35
CA HIS B 12 -27.86 1.06 13.09
C HIS B 12 -28.61 2.37 13.21
N SER B 13 -28.74 2.86 14.44
CA SER B 13 -29.46 4.10 14.69
C SER B 13 -28.62 5.33 14.40
N GLN B 14 -27.30 5.20 14.35
CA GLN B 14 -26.37 6.33 14.18
C GLN B 14 -26.57 7.38 15.27
N SER B 15 -27.01 6.95 16.45
CA SER B 15 -27.20 7.82 17.59
C SER B 15 -26.92 7.04 18.86
N VAL B 16 -27.01 7.73 20.00
CA VAL B 16 -26.79 7.08 21.29
C VAL B 16 -27.96 6.21 21.72
N HIS B 17 -29.08 6.29 21.00
CA HIS B 17 -30.27 5.52 21.35
C HIS B 17 -30.30 4.22 20.56
N VAL B 18 -30.79 3.17 21.19
CA VAL B 18 -30.81 1.85 20.55
C VAL B 18 -31.93 1.84 19.51
N PRO B 19 -31.69 1.38 18.29
CA PRO B 19 -32.76 1.32 17.30
C PRO B 19 -33.72 0.18 17.61
N GLN B 20 -34.83 0.17 16.88
CA GLN B 20 -35.82 -0.88 16.99
C GLN B 20 -35.78 -1.78 15.77
N CYS B 21 -36.13 -3.04 15.97
CA CYS B 21 -36.29 -3.94 14.83
C CYS B 21 -37.55 -3.58 14.07
N PRO B 22 -37.53 -3.65 12.74
CA PRO B 22 -38.71 -3.27 11.95
C PRO B 22 -39.89 -4.21 12.15
N ALA B 23 -40.90 -4.10 11.30
CA ALA B 23 -42.09 -4.91 11.43
C ALA B 23 -41.82 -6.37 11.07
N ASN B 24 -42.48 -7.27 11.80
CA ASN B 24 -42.45 -8.72 11.52
C ASN B 24 -41.04 -9.31 11.65
N THR B 25 -40.22 -8.75 12.52
CA THR B 25 -38.90 -9.31 12.81
C THR B 25 -38.67 -9.24 14.31
N ASN B 26 -37.83 -10.16 14.81
CA ASN B 26 -37.59 -10.31 16.24
C ASN B 26 -36.17 -9.91 16.60
N LEU B 27 -36.03 -9.25 17.76
CA LEU B 27 -34.74 -8.73 18.21
C LEU B 27 -33.96 -9.82 18.93
N LEU B 28 -32.73 -10.09 18.47
CA LEU B 28 -31.87 -11.04 19.15
C LEU B 28 -31.00 -10.36 20.22
N TRP B 29 -30.24 -9.34 19.82
CA TRP B 29 -29.43 -8.61 20.79
C TRP B 29 -29.16 -7.21 20.27
N GLU B 30 -28.70 -6.35 21.20
CA GLU B 30 -28.34 -4.98 20.91
C GLU B 30 -26.86 -4.78 21.22
N GLY B 31 -26.26 -3.79 20.56
CA GLY B 31 -24.86 -3.51 20.80
C GLY B 31 -24.37 -2.20 20.23
N TYR B 32 -23.11 -2.17 19.81
CA TYR B 32 -22.46 -0.96 19.32
C TYR B 32 -22.03 -1.18 17.87
N SER B 33 -22.18 -0.14 17.06
CA SER B 33 -21.99 -0.25 15.62
C SER B 33 -20.49 -0.31 15.30
N LEU B 34 -20.02 -1.50 14.94
CA LEU B 34 -18.62 -1.71 14.56
C LEU B 34 -18.49 -1.64 13.05
N SER B 35 -17.60 -0.79 12.56
CA SER B 35 -17.42 -0.60 11.13
C SER B 35 -16.23 -1.35 10.57
N GLY B 36 -15.21 -1.61 11.38
CA GLY B 36 -14.04 -2.33 10.91
C GLY B 36 -12.90 -2.22 11.90
N ASN B 37 -11.76 -2.76 11.50
CA ASN B 37 -10.56 -2.75 12.31
C ASN B 37 -9.35 -2.55 11.41
N VAL B 38 -8.35 -1.85 11.94
CA VAL B 38 -7.12 -1.53 11.20
C VAL B 38 -5.97 -2.11 12.00
N ALA B 39 -5.55 -3.33 11.65
CA ALA B 39 -4.44 -4.00 12.29
C ALA B 39 -3.31 -4.16 11.28
N ALA B 40 -2.08 -3.85 11.73
CA ALA B 40 -0.89 -3.93 10.88
C ALA B 40 -1.06 -3.09 9.61
N SER B 41 -1.64 -1.90 9.76
CA SER B 41 -1.87 -0.97 8.66
C SER B 41 -2.75 -1.56 7.57
N ARG B 42 -3.65 -2.46 7.93
CA ARG B 42 -4.62 -3.03 7.00
C ARG B 42 -6.02 -2.88 7.59
N ALA B 43 -6.92 -2.25 6.83
CA ALA B 43 -8.29 -2.00 7.26
C ALA B 43 -9.19 -3.08 6.68
N VAL B 44 -9.68 -3.97 7.54
CA VAL B 44 -10.68 -4.97 7.18
C VAL B 44 -12.00 -4.55 7.83
N GLY B 45 -13.05 -4.45 7.02
CA GLY B 45 -14.32 -3.94 7.47
C GLY B 45 -15.37 -5.02 7.68
N GLN B 46 -16.33 -4.70 8.54
CA GLN B 46 -17.50 -5.54 8.77
C GLN B 46 -18.67 -4.99 7.97
N ASP B 47 -19.46 -5.89 7.40
CA ASP B 47 -20.65 -5.48 6.67
C ASP B 47 -21.69 -4.95 7.65
N LEU B 48 -22.09 -3.68 7.46
CA LEU B 48 -23.03 -3.03 8.36
C LEU B 48 -24.42 -3.65 8.31
N GLY B 49 -24.65 -4.63 7.44
CA GLY B 49 -25.92 -5.33 7.39
C GLY B 49 -25.90 -6.62 8.18
N GLN B 50 -24.71 -7.18 8.39
CA GLN B 50 -24.56 -8.42 9.13
C GLN B 50 -24.42 -8.16 10.62
N SER B 51 -24.54 -9.23 11.40
CA SER B 51 -24.38 -9.13 12.85
C SER B 51 -22.94 -8.85 13.25
N GLY B 52 -21.98 -9.09 12.34
CA GLY B 52 -20.59 -8.78 12.62
C GLY B 52 -20.30 -7.31 12.83
N SER B 53 -21.24 -6.44 12.49
CA SER B 53 -21.10 -5.00 12.71
C SER B 53 -21.81 -4.53 13.97
N CYS B 54 -22.20 -5.45 14.85
CA CYS B 54 -22.96 -5.11 16.06
C CYS B 54 -22.37 -5.88 17.23
N MET B 55 -21.36 -5.30 17.88
CA MET B 55 -20.72 -5.90 19.04
C MET B 55 -21.47 -5.52 20.31
N MET B 56 -21.65 -6.50 21.20
CA MET B 56 -22.38 -6.25 22.43
C MET B 56 -21.60 -5.36 23.40
N ARG B 57 -20.28 -5.41 23.35
CA ARG B 57 -19.43 -4.60 24.21
C ARG B 57 -18.54 -3.71 23.35
N PHE B 58 -18.34 -2.48 23.80
CA PHE B 58 -17.51 -1.51 23.09
C PHE B 58 -16.15 -1.40 23.74
N THR B 59 -15.12 -1.24 22.90
CA THR B 59 -13.78 -0.89 23.35
C THR B 59 -13.01 -0.33 22.17
N THR B 60 -12.06 0.56 22.47
CA THR B 60 -11.27 1.15 21.40
C THR B 60 -10.33 0.14 20.75
N MET B 61 -10.02 -0.96 21.44
CA MET B 61 -9.20 -2.03 20.89
C MET B 61 -9.88 -3.36 21.18
N PRO B 62 -10.65 -3.88 20.21
CA PRO B 62 -11.39 -5.13 20.43
C PRO B 62 -10.61 -6.41 20.13
N TYR B 63 -9.33 -6.32 19.78
CA TYR B 63 -8.57 -7.49 19.39
C TYR B 63 -7.14 -7.39 19.92
N MET B 64 -6.36 -8.44 19.69
CA MET B 64 -4.96 -8.51 20.09
C MET B 64 -4.19 -9.27 19.03
N LEU B 65 -2.89 -9.01 18.97
CA LEU B 65 -2.01 -9.69 18.03
C LEU B 65 -1.27 -10.83 18.73
N CYS B 66 -0.98 -11.88 17.97
CA CYS B 66 -0.24 -13.03 18.47
C CYS B 66 0.75 -13.47 17.40
N ASP B 67 2.02 -13.56 17.76
CA ASP B 67 3.08 -13.85 16.82
C ASP B 67 3.42 -15.34 16.83
N ILE B 68 4.60 -15.70 16.31
CA ILE B 68 4.98 -17.10 16.19
C ILE B 68 5.70 -17.63 17.42
N THR B 69 6.19 -16.74 18.29
CA THR B 69 6.83 -17.15 19.54
C THR B 69 5.82 -17.47 20.63
N ASN B 70 4.55 -17.63 20.28
CA ASN B 70 3.49 -17.94 21.23
C ASN B 70 3.38 -16.88 22.34
N VAL B 71 3.45 -15.62 21.94
CA VAL B 71 3.15 -14.50 22.83
C VAL B 71 2.12 -13.62 22.14
N CYS B 72 1.28 -12.97 22.95
CA CYS B 72 0.24 -12.10 22.43
C CYS B 72 0.34 -10.73 23.09
N HIS B 73 0.26 -9.68 22.27
CA HIS B 73 0.28 -8.31 22.75
C HIS B 73 -1.10 -7.70 22.56
N PHE B 74 -1.62 -7.06 23.61
CA PHE B 74 -2.89 -6.35 23.56
C PHE B 74 -2.65 -4.89 23.88
N ALA B 75 -3.01 -4.01 22.95
CA ALA B 75 -2.88 -2.56 23.08
C ALA B 75 -1.46 -2.11 23.40
N GLN B 76 -0.46 -2.94 23.06
CA GLN B 76 0.94 -2.56 23.26
C GLN B 76 1.51 -1.78 22.10
N ASN B 77 0.97 -1.97 20.89
CA ASN B 77 1.42 -1.21 19.73
C ASN B 77 0.30 -0.34 19.18
N ASN B 78 0.44 0.12 17.95
CA ASN B 78 -0.46 1.14 17.38
C ASN B 78 -1.36 0.50 16.33
N ASP B 79 -2.54 0.05 16.76
CA ASP B 79 -3.57 -0.44 15.86
C ASP B 79 -4.86 0.30 16.16
N ASP B 80 -5.81 0.21 15.23
CA ASP B 80 -7.01 1.05 15.25
C ASP B 80 -8.27 0.20 15.17
N SER B 81 -9.39 0.84 15.53
CA SER B 81 -10.70 0.27 15.35
C SER B 81 -11.62 1.35 14.77
N LEU B 82 -12.71 0.90 14.14
CA LEU B 82 -13.61 1.80 13.45
C LEU B 82 -15.04 1.52 13.89
N TRP B 83 -15.80 2.59 14.17
CA TRP B 83 -17.16 2.48 14.64
C TRP B 83 -18.03 3.53 13.95
N LEU B 84 -19.27 3.18 13.66
CA LEU B 84 -20.23 4.18 13.20
C LEU B 84 -20.45 5.22 14.29
N SER B 85 -20.59 6.48 13.90
CA SER B 85 -20.59 7.59 14.84
C SER B 85 -21.97 8.24 14.93
N THR B 86 -22.16 8.97 16.02
CA THR B 86 -23.37 9.75 16.26
C THR B 86 -23.20 11.16 15.71
N ALA B 87 -24.30 11.92 15.74
CA ALA B 87 -24.29 13.31 15.31
C ALA B 87 -23.74 14.27 16.36
N GLU B 88 -23.15 13.74 17.43
CA GLU B 88 -22.61 14.61 18.49
C GLU B 88 -21.44 15.42 17.95
N PRO B 89 -21.46 16.74 18.10
CA PRO B 89 -20.34 17.56 17.62
C PRO B 89 -19.10 17.37 18.49
N MET B 90 -17.95 17.26 17.85
CA MET B 90 -16.70 17.21 18.59
C MET B 90 -16.44 18.57 19.25
N PRO B 91 -15.79 18.58 20.41
CA PRO B 91 -15.57 19.84 21.12
C PRO B 91 -14.74 20.82 20.30
N MET B 92 -14.95 22.11 20.56
CA MET B 92 -14.25 23.14 19.80
C MET B 92 -12.75 23.08 19.98
N THR B 93 -12.27 22.48 21.08
CA THR B 93 -10.84 22.23 21.23
C THR B 93 -10.33 21.17 20.26
N MET B 94 -11.23 20.44 19.60
CA MET B 94 -10.89 19.46 18.56
C MET B 94 -9.77 18.51 19.02
N THR B 95 -9.87 18.05 20.28
CA THR B 95 -9.02 17.05 20.90
C THR B 95 -9.71 15.69 20.89
N PRO B 96 -8.93 14.61 20.76
CA PRO B 96 -9.53 13.27 20.77
C PRO B 96 -10.36 13.01 22.02
N ILE B 97 -11.46 12.28 21.84
CA ILE B 97 -12.40 11.97 22.91
C ILE B 97 -11.95 10.70 23.63
N GLN B 98 -11.91 10.74 24.96
CA GLN B 98 -11.58 9.58 25.76
C GLN B 98 -12.54 9.52 26.95
N GLY B 99 -12.45 8.42 27.70
CA GLY B 99 -13.29 8.25 28.87
C GLY B 99 -14.73 7.93 28.50
N ARG B 100 -15.62 8.18 29.47
CA ARG B 100 -17.04 7.88 29.28
C ARG B 100 -17.74 8.87 28.36
N ASP B 101 -17.08 9.97 27.98
CA ASP B 101 -17.66 10.82 26.95
C ASP B 101 -17.74 10.12 25.61
N LEU B 102 -17.04 8.98 25.45
CA LEU B 102 -17.14 8.18 24.25
C LEU B 102 -18.55 7.61 24.04
N MET B 103 -19.36 7.53 25.11
CA MET B 103 -20.73 7.05 24.94
C MET B 103 -21.51 7.94 23.97
N LYS B 104 -21.22 9.23 23.97
CA LYS B 104 -21.95 10.19 23.15
C LYS B 104 -21.64 10.06 21.66
N TYR B 105 -20.56 9.36 21.29
CA TYR B 105 -20.10 9.36 19.91
C TYR B 105 -20.19 8.01 19.22
N ILE B 106 -20.46 6.92 19.93
CA ILE B 106 -20.51 5.59 19.36
C ILE B 106 -21.96 5.23 19.06
N SER B 107 -22.24 4.86 17.81
CA SER B 107 -23.59 4.50 17.40
C SER B 107 -24.02 3.18 18.05
N ARG B 108 -25.33 2.98 18.11
CA ARG B 108 -25.93 1.77 18.63
C ARG B 108 -26.56 0.96 17.51
N CYS B 109 -26.81 -0.31 17.79
CA CYS B 109 -27.31 -1.22 16.75
C CYS B 109 -28.14 -2.32 17.37
N VAL B 110 -28.92 -3.00 16.51
CA VAL B 110 -29.67 -4.19 16.89
C VAL B 110 -29.49 -5.22 15.78
N VAL B 111 -29.66 -6.49 16.16
CA VAL B 111 -29.63 -7.61 15.22
C VAL B 111 -31.00 -8.27 15.25
N CYS B 112 -31.65 -8.34 14.08
CA CYS B 112 -33.02 -8.80 13.97
C CYS B 112 -33.10 -10.01 13.04
N GLU B 113 -33.90 -11.00 13.44
CA GLU B 113 -34.11 -12.20 12.64
C GLU B 113 -35.47 -12.14 11.96
N THR B 114 -35.52 -12.63 10.72
CA THR B 114 -36.77 -12.67 9.96
C THR B 114 -36.81 -13.97 9.16
N THR B 115 -37.97 -14.24 8.58
CA THR B 115 -38.21 -15.50 7.88
C THR B 115 -37.77 -15.46 6.42
N THR B 116 -37.60 -14.28 5.84
CA THR B 116 -37.19 -14.12 4.45
C THR B 116 -35.86 -13.38 4.40
N ARG B 117 -35.42 -13.07 3.19
CA ARG B 117 -34.14 -12.39 3.01
C ARG B 117 -34.35 -10.89 2.80
N ILE B 118 -33.31 -10.13 3.10
CA ILE B 118 -33.34 -8.68 3.08
C ILE B 118 -32.39 -8.19 1.99
N ILE B 119 -32.87 -7.28 1.15
CA ILE B 119 -32.06 -6.70 0.09
C ILE B 119 -32.12 -5.18 0.22
N ALA B 120 -31.28 -4.51 -0.58
CA ALA B 120 -31.25 -3.06 -0.60
C ALA B 120 -31.17 -2.59 -2.04
N LEU B 121 -32.06 -1.68 -2.40
CA LEU B 121 -32.14 -1.13 -3.75
C LEU B 121 -31.75 0.34 -3.73
N HIS B 122 -30.91 0.75 -4.67
CA HIS B 122 -30.46 2.12 -4.79
C HIS B 122 -31.02 2.74 -6.06
N SER B 123 -31.55 3.96 -5.93
CA SER B 123 -32.25 4.61 -7.03
C SER B 123 -31.34 5.46 -7.90
N GLN B 124 -30.17 5.87 -7.39
CA GLN B 124 -29.26 6.77 -8.10
C GLN B 124 -29.91 8.10 -8.43
N SER B 125 -30.91 8.50 -7.64
CA SER B 125 -31.61 9.76 -7.85
C SER B 125 -32.11 10.24 -6.49
N MET B 126 -32.91 11.31 -6.50
CA MET B 126 -33.48 11.85 -5.28
C MET B 126 -34.78 11.16 -4.88
N SER B 127 -35.32 10.29 -5.73
CA SER B 127 -36.57 9.60 -5.45
C SER B 127 -36.29 8.31 -4.70
N ILE B 128 -37.04 8.08 -3.63
CA ILE B 128 -36.92 6.86 -2.83
C ILE B 128 -37.47 5.68 -3.63
N PRO B 129 -36.65 4.66 -3.87
CA PRO B 129 -37.12 3.53 -4.70
C PRO B 129 -38.14 2.68 -3.98
N ASP B 130 -39.10 2.16 -4.75
CA ASP B 130 -40.13 1.29 -4.23
C ASP B 130 -39.64 -0.15 -4.18
N CYS B 131 -40.19 -0.92 -3.23
CA CYS B 131 -39.82 -2.32 -3.09
C CYS B 131 -40.51 -3.12 -4.20
N PRO B 132 -39.88 -4.19 -4.67
CA PRO B 132 -40.48 -4.96 -5.78
C PRO B 132 -41.75 -5.67 -5.37
N GLY B 133 -42.43 -6.31 -6.32
CA GLY B 133 -43.64 -7.04 -6.02
C GLY B 133 -43.39 -8.18 -5.05
N GLY B 134 -44.15 -8.20 -3.95
CA GLY B 134 -43.96 -9.22 -2.95
C GLY B 134 -43.01 -8.87 -1.84
N TRP B 135 -42.44 -7.67 -1.85
CA TRP B 135 -41.48 -7.24 -0.84
C TRP B 135 -42.05 -6.13 0.01
N GLU B 136 -41.68 -6.14 1.29
CA GLU B 136 -42.17 -5.19 2.28
C GLU B 136 -41.06 -4.21 2.65
N GLU B 137 -41.41 -2.93 2.73
CA GLU B 137 -40.44 -1.89 3.04
C GLU B 137 -40.14 -1.87 4.54
N MET B 138 -38.86 -1.87 4.88
CA MET B 138 -38.41 -1.77 6.27
C MET B 138 -37.98 -0.36 6.64
N TRP B 139 -36.96 0.16 5.96
CA TRP B 139 -36.52 1.53 6.17
C TRP B 139 -35.90 2.06 4.88
N THR B 140 -35.74 3.38 4.83
CA THR B 140 -35.13 4.05 3.71
C THR B 140 -33.94 4.86 4.19
N GLY B 141 -33.05 5.22 3.27
CA GLY B 141 -31.86 5.95 3.63
C GLY B 141 -31.07 6.50 2.47
N TYR B 142 -29.74 6.51 2.61
CA TYR B 142 -28.84 7.09 1.62
C TYR B 142 -27.77 6.07 1.26
N SER B 143 -27.38 6.06 -0.01
CA SER B 143 -26.50 5.02 -0.53
C SER B 143 -25.08 5.21 -0.02
N TYR B 144 -24.67 4.36 0.93
CA TYR B 144 -23.34 4.42 1.53
C TYR B 144 -22.47 3.35 0.88
N PHE B 145 -21.39 3.78 0.22
CA PHE B 145 -20.54 2.87 -0.55
C PHE B 145 -19.34 2.38 0.24
N MET B 146 -18.50 3.29 0.75
CA MET B 146 -17.31 2.89 1.46
C MET B 146 -16.77 4.08 2.24
N SER B 147 -15.72 3.82 3.01
CA SER B 147 -14.94 4.84 3.71
C SER B 147 -13.47 4.51 3.56
N THR B 148 -12.64 5.54 3.41
CA THR B 148 -11.21 5.36 3.17
C THR B 148 -10.39 6.06 4.24
N LEU B 149 -9.25 5.47 4.56
CA LEU B 149 -8.25 6.06 5.45
C LEU B 149 -6.93 6.22 4.69
N ASP B 150 -5.96 6.83 5.35
CA ASP B 150 -4.67 7.11 4.73
C ASP B 150 -3.72 5.93 4.92
N ASN B 151 -3.29 5.34 3.80
CA ASN B 151 -2.24 4.33 3.73
C ASN B 151 -2.60 3.01 4.39
N VAL B 152 -3.87 2.79 4.73
CA VAL B 152 -4.34 1.50 5.19
C VAL B 152 -5.49 0.96 4.33
N GLY B 153 -5.89 1.70 3.30
CA GLY B 153 -6.96 1.25 2.42
C GLY B 153 -8.31 1.83 2.78
N GLY B 154 -9.24 0.97 3.15
CA GLY B 154 -10.57 1.42 3.52
C GLY B 154 -11.48 0.24 3.77
N VAL B 155 -12.72 0.57 4.12
CA VAL B 155 -13.76 -0.41 4.41
C VAL B 155 -14.96 -0.11 3.53
N GLY B 156 -15.50 -1.14 2.88
CA GLY B 156 -16.59 -0.94 1.94
C GLY B 156 -17.83 -1.75 2.22
N GLN B 157 -18.95 -1.37 1.62
CA GLN B 157 -20.22 -2.05 1.79
C GLN B 157 -20.69 -2.65 0.47
N ASN B 158 -21.34 -3.81 0.57
CA ASN B 158 -21.95 -4.42 -0.60
C ASN B 158 -23.28 -3.74 -0.90
N LEU B 159 -23.49 -3.35 -2.15
CA LEU B 159 -24.61 -2.49 -2.52
C LEU B 159 -25.96 -3.17 -2.36
N VAL B 160 -26.02 -4.48 -2.20
CA VAL B 160 -27.30 -5.15 -1.94
C VAL B 160 -27.52 -5.41 -0.45
N SER B 161 -26.48 -5.32 0.37
CA SER B 161 -26.66 -5.47 1.81
C SER B 161 -27.37 -4.24 2.37
N PRO B 162 -28.21 -4.40 3.38
CA PRO B 162 -28.82 -3.23 4.03
C PRO B 162 -27.80 -2.30 4.68
N GLY B 163 -26.58 -2.78 4.92
CA GLY B 163 -25.53 -1.92 5.44
C GLY B 163 -25.10 -0.82 4.50
N SER B 164 -25.39 -0.97 3.20
CA SER B 164 -25.12 0.07 2.23
C SER B 164 -26.22 1.12 2.17
N CYS B 165 -27.14 1.12 3.14
CA CYS B 165 -28.28 2.04 3.17
C CYS B 165 -28.39 2.61 4.58
N LEU B 166 -27.66 3.70 4.83
CA LEU B 166 -27.70 4.35 6.14
C LEU B 166 -28.89 5.29 6.21
N GLU B 167 -29.63 5.21 7.32
CA GLU B 167 -30.87 5.98 7.45
C GLU B 167 -30.63 7.48 7.55
N GLU B 168 -29.43 7.89 7.97
CA GLU B 168 -29.08 9.31 8.06
C GLU B 168 -27.76 9.54 7.35
N PHE B 169 -27.72 10.58 6.52
CA PHE B 169 -26.51 10.92 5.79
C PHE B 169 -25.53 11.64 6.71
N ARG B 170 -24.26 11.25 6.61
CA ARG B 170 -23.19 11.84 7.41
C ARG B 170 -21.99 12.06 6.53
N ALA B 171 -21.40 13.27 6.60
CA ALA B 171 -20.13 13.50 5.93
C ALA B 171 -19.01 12.68 6.58
N GLN B 172 -19.11 12.45 7.89
CA GLN B 172 -18.15 11.65 8.64
C GLN B 172 -18.94 10.62 9.44
N PRO B 173 -19.37 9.52 8.82
CA PRO B 173 -20.15 8.52 9.55
C PRO B 173 -19.31 7.58 10.41
N VAL B 174 -18.00 7.54 10.21
CA VAL B 174 -17.13 6.59 10.90
C VAL B 174 -16.11 7.37 11.72
N ILE B 175 -15.90 6.93 12.96
CA ILE B 175 -14.92 7.53 13.85
C ILE B 175 -13.82 6.51 14.09
N GLU B 176 -12.60 7.01 14.31
CA GLU B 176 -11.41 6.18 14.45
C GLU B 176 -10.97 6.16 15.91
N CYS B 177 -10.75 4.96 16.44
CA CYS B 177 -10.32 4.76 17.81
C CYS B 177 -8.99 4.02 17.82
N HIS B 178 -8.17 4.32 18.83
CA HIS B 178 -6.83 3.76 18.95
C HIS B 178 -6.73 2.91 20.21
N GLY B 179 -5.68 2.09 20.26
CA GLY B 179 -5.42 1.30 21.45
C GLY B 179 -5.13 2.13 22.67
N HIS B 180 -4.84 3.42 22.50
CA HIS B 180 -4.61 4.32 23.63
C HIS B 180 -5.88 4.57 24.43
N GLY B 181 -7.05 4.26 23.88
CA GLY B 181 -8.30 4.51 24.55
C GLY B 181 -9.00 5.79 24.17
N ARG B 182 -8.71 6.33 22.99
CA ARG B 182 -9.29 7.59 22.53
C ARG B 182 -9.82 7.43 21.11
N CYS B 183 -10.78 8.27 20.76
CA CYS B 183 -11.35 8.31 19.43
C CYS B 183 -11.43 9.76 18.96
N ASN B 184 -11.44 9.93 17.63
CA ASN B 184 -11.50 11.26 17.03
C ASN B 184 -11.69 11.09 15.53
N TYR B 185 -12.08 12.17 14.87
CA TYR B 185 -12.07 12.24 13.42
C TYR B 185 -10.71 12.76 12.96
N TYR B 186 -10.23 12.21 11.84
CA TYR B 186 -8.97 12.63 11.27
C TYR B 186 -9.17 12.96 9.79
N ASP B 187 -8.42 13.94 9.31
CA ASP B 187 -8.72 14.57 8.03
C ASP B 187 -8.74 13.57 6.89
N ALA B 188 -7.91 12.53 6.96
CA ALA B 188 -7.85 11.56 5.87
C ALA B 188 -9.09 10.68 5.80
N LEU B 189 -9.89 10.63 6.87
CA LEU B 189 -11.13 9.87 6.85
C LEU B 189 -12.13 10.44 5.85
N ALA B 190 -12.44 9.70 4.81
CA ALA B 190 -13.40 10.11 3.80
C ALA B 190 -14.54 9.11 3.72
N SER B 191 -15.66 9.55 3.16
CA SER B 191 -16.85 8.72 2.99
C SER B 191 -17.33 8.85 1.55
N PHE B 192 -17.63 7.72 0.92
CA PHE B 192 -18.09 7.70 -0.46
C PHE B 192 -19.54 7.27 -0.53
N TRP B 193 -20.32 7.99 -1.35
CA TRP B 193 -21.74 7.73 -1.51
C TRP B 193 -22.08 7.71 -3.00
N LEU B 194 -23.08 6.92 -3.36
CA LEU B 194 -23.57 6.90 -4.73
C LEU B 194 -24.21 8.25 -5.05
N THR B 195 -23.88 8.78 -6.22
CA THR B 195 -24.37 10.10 -6.62
C THR B 195 -25.68 9.97 -7.39
N VAL B 196 -26.34 11.12 -7.57
CA VAL B 196 -27.55 11.20 -8.38
C VAL B 196 -27.16 11.26 -9.84
N ILE B 197 -27.67 10.33 -10.64
CA ILE B 197 -27.36 10.24 -12.07
C ILE B 197 -28.68 10.20 -12.81
N GLU B 198 -28.99 11.26 -13.54
CA GLU B 198 -30.16 11.21 -14.40
C GLU B 198 -29.87 10.35 -15.63
N GLU B 199 -30.95 9.85 -16.25
CA GLU B 199 -30.79 8.93 -17.37
C GLU B 199 -30.08 9.57 -18.55
N GLN B 200 -30.18 10.89 -18.70
CA GLN B 200 -29.50 11.56 -19.81
C GLN B 200 -28.03 11.84 -19.53
N ASP B 201 -27.59 11.74 -18.29
CA ASP B 201 -26.20 11.99 -17.92
C ASP B 201 -25.37 10.73 -17.87
N GLN B 202 -25.89 9.61 -18.36
CA GLN B 202 -25.21 8.33 -18.18
C GLN B 202 -23.88 8.26 -18.91
N PHE B 203 -23.76 8.98 -20.03
CA PHE B 203 -22.55 8.94 -20.85
C PHE B 203 -22.08 10.36 -21.20
N VAL B 204 -22.42 11.33 -20.35
CA VAL B 204 -21.91 12.68 -20.47
C VAL B 204 -20.77 12.83 -19.46
N GLN B 205 -19.78 13.65 -19.81
CA GLN B 205 -18.67 13.90 -18.90
C GLN B 205 -19.19 14.45 -17.58
N PRO B 206 -18.81 13.86 -16.44
CA PRO B 206 -19.33 14.35 -15.15
C PRO B 206 -18.88 15.78 -14.89
N ARG B 207 -19.77 16.56 -14.29
CA ARG B 207 -19.50 17.97 -14.01
C ARG B 207 -18.98 18.13 -12.59
N GLN B 208 -17.91 18.91 -12.44
CA GLN B 208 -17.32 19.11 -11.13
C GLN B 208 -18.24 19.94 -10.26
N GLN B 209 -18.34 19.56 -8.99
CA GLN B 209 -19.28 20.22 -8.07
C GLN B 209 -18.87 19.91 -6.63
N THR B 210 -18.63 20.94 -5.83
CA THR B 210 -18.35 20.77 -4.41
C THR B 210 -19.58 21.25 -3.63
N LEU B 211 -20.34 20.29 -3.10
CA LEU B 211 -21.53 20.55 -2.32
C LEU B 211 -21.18 20.67 -0.84
N LYS B 212 -22.14 21.13 -0.04
CA LYS B 212 -22.00 21.10 1.40
C LYS B 212 -22.63 19.82 1.93
N ALA B 213 -22.86 19.75 3.25
CA ALA B 213 -23.42 18.53 3.83
C ALA B 213 -24.93 18.45 3.58
N ASP B 214 -25.65 19.54 3.82
CA ASP B 214 -27.11 19.53 3.69
C ASP B 214 -27.55 19.26 2.26
N PHE B 215 -26.68 19.43 1.27
CA PHE B 215 -27.06 19.30 -0.13
C PHE B 215 -27.09 17.82 -0.53
N THR B 216 -28.06 17.12 0.05
CA THR B 216 -28.32 15.71 -0.23
C THR B 216 -28.88 15.47 -1.63
N SER B 217 -29.14 16.54 -2.38
CA SER B 217 -29.68 16.45 -3.73
C SER B 217 -28.75 15.70 -4.67
N LYS B 218 -27.50 15.47 -4.28
CA LYS B 218 -26.54 14.73 -5.08
C LYS B 218 -26.28 13.34 -4.51
N ILE B 219 -26.93 12.99 -3.41
CA ILE B 219 -26.76 11.70 -2.75
C ILE B 219 -27.90 10.78 -3.19
N SER B 220 -27.56 9.57 -3.61
CA SER B 220 -28.57 8.61 -4.02
C SER B 220 -29.38 8.11 -2.84
N ARG B 221 -30.67 7.89 -3.07
CA ARG B 221 -31.56 7.33 -2.06
C ARG B 221 -31.62 5.81 -2.22
N CYS B 222 -31.92 5.13 -1.12
CA CYS B 222 -31.96 3.68 -1.09
C CYS B 222 -33.11 3.22 -0.20
N THR B 223 -33.44 1.94 -0.33
CA THR B 223 -34.51 1.32 0.43
C THR B 223 -34.17 -0.14 0.66
N VAL B 224 -34.33 -0.60 1.89
CA VAL B 224 -34.15 -2.01 2.22
C VAL B 224 -35.52 -2.66 2.25
N CYS B 225 -35.59 -3.93 1.86
CA CYS B 225 -36.88 -4.59 1.73
C CYS B 225 -36.76 -6.03 2.20
N ARG B 226 -37.80 -6.50 2.90
CA ARG B 226 -37.96 -7.91 3.21
C ARG B 226 -39.10 -8.47 2.37
N ARG B 227 -39.19 -9.79 2.32
CA ARG B 227 -40.21 -10.45 1.52
C ARG B 227 -41.35 -10.95 2.42
N ARG B 228 -42.54 -11.07 1.83
CA ARG B 228 -43.71 -11.57 2.53
C ARG B 228 -43.99 -13.02 2.12
N GLY B 229 -45.19 -13.25 1.57
CA GLY B 229 -45.58 -14.58 1.14
C GLY B 229 -46.46 -14.56 -0.10
N TYR C 3 -43.17 -20.86 1.00
CA TYR C 3 -41.82 -21.27 1.35
C TYR C 3 -40.78 -20.45 0.60
N LEU C 4 -41.25 -19.46 -0.16
CA LEU C 4 -40.35 -18.64 -0.97
C LEU C 4 -39.53 -17.74 -0.05
N THR C 5 -38.21 -17.83 -0.15
CA THR C 5 -37.32 -17.07 0.73
C THR C 5 -36.86 -15.75 0.13
N GLY C 6 -36.74 -15.66 -1.19
CA GLY C 6 -36.38 -14.39 -1.80
C GLY C 6 -34.92 -14.33 -2.21
N ILE C 7 -34.48 -15.27 -3.04
CA ILE C 7 -33.10 -15.32 -3.49
C ILE C 7 -32.94 -14.44 -4.71
N LEU C 8 -31.83 -13.72 -4.79
CA LEU C 8 -31.53 -12.84 -5.91
C LEU C 8 -30.28 -13.34 -6.62
N ILE C 9 -30.36 -13.42 -7.94
CA ILE C 9 -29.23 -13.86 -8.76
C ILE C 9 -28.83 -12.73 -9.69
N THR C 10 -27.56 -12.75 -10.09
CA THR C 10 -27.00 -11.73 -10.97
C THR C 10 -26.29 -12.41 -12.12
N ARG C 11 -26.65 -12.05 -13.35
CA ARG C 11 -26.06 -12.62 -14.55
C ARG C 11 -25.50 -11.49 -15.41
N HIS C 12 -24.30 -11.72 -15.95
CA HIS C 12 -23.62 -10.73 -16.78
C HIS C 12 -23.47 -11.28 -18.19
N SER C 13 -23.95 -10.51 -19.18
CA SER C 13 -23.93 -10.98 -20.55
C SER C 13 -22.56 -10.87 -21.19
N GLN C 14 -21.72 -9.95 -20.70
CA GLN C 14 -20.43 -9.64 -21.31
C GLN C 14 -20.57 -9.21 -22.76
N SER C 15 -21.70 -8.60 -23.09
CA SER C 15 -22.01 -8.19 -24.45
C SER C 15 -22.77 -6.87 -24.42
N GLU C 16 -23.07 -6.35 -25.61
CA GLU C 16 -23.82 -5.10 -25.71
C GLU C 16 -25.31 -5.31 -25.49
N THR C 17 -25.80 -6.54 -25.51
CA THR C 17 -27.20 -6.84 -25.30
C THR C 17 -27.45 -7.17 -23.83
N VAL C 18 -28.62 -6.79 -23.35
CA VAL C 18 -29.00 -7.06 -21.96
C VAL C 18 -29.35 -8.54 -21.82
N PRO C 19 -28.85 -9.22 -20.80
CA PRO C 19 -29.18 -10.64 -20.62
C PRO C 19 -30.58 -10.83 -20.05
N ALA C 20 -31.09 -12.03 -20.24
CA ALA C 20 -32.43 -12.39 -19.79
C ALA C 20 -32.38 -13.33 -18.60
N CYS C 21 -33.43 -13.27 -17.78
CA CYS C 21 -33.56 -14.13 -16.62
C CYS C 21 -33.86 -15.57 -17.03
N SER C 22 -33.45 -16.51 -16.19
CA SER C 22 -33.72 -17.92 -16.45
C SER C 22 -35.21 -18.21 -16.29
N ALA C 23 -35.59 -19.40 -16.75
CA ALA C 23 -36.98 -19.83 -16.73
C ALA C 23 -37.62 -19.62 -15.36
N GLY C 24 -38.85 -19.12 -15.36
CA GLY C 24 -39.62 -18.80 -14.17
C GLY C 24 -38.93 -17.94 -13.15
N HIS C 25 -38.02 -17.07 -13.58
CA HIS C 25 -37.38 -16.10 -12.71
C HIS C 25 -38.01 -14.74 -12.94
N THR C 26 -38.31 -14.04 -11.84
CA THR C 26 -38.91 -12.72 -11.93
C THR C 26 -37.81 -11.69 -12.13
N GLU C 27 -37.83 -11.00 -13.28
CA GLU C 27 -36.84 -9.97 -13.53
C GLU C 27 -37.06 -8.79 -12.59
N LEU C 28 -35.99 -8.38 -11.90
CA LEU C 28 -36.08 -7.28 -10.95
C LEU C 28 -35.56 -5.97 -11.52
N TRP C 29 -34.36 -5.99 -12.12
CA TRP C 29 -33.85 -4.83 -12.83
C TRP C 29 -32.68 -5.26 -13.70
N THR C 30 -32.32 -4.39 -14.64
CA THR C 30 -31.18 -4.57 -15.52
C THR C 30 -30.25 -3.37 -15.34
N GLY C 31 -29.04 -3.49 -15.90
CA GLY C 31 -28.10 -2.39 -15.82
C GLY C 31 -26.72 -2.70 -16.39
N TYR C 32 -25.70 -2.08 -15.82
CA TYR C 32 -24.33 -2.21 -16.30
C TYR C 32 -23.46 -2.90 -15.27
N SER C 33 -22.46 -3.62 -15.75
CA SER C 33 -21.63 -4.48 -14.90
C SER C 33 -20.51 -3.65 -14.30
N LEU C 34 -20.56 -3.45 -12.98
CA LEU C 34 -19.54 -2.71 -12.25
C LEU C 34 -18.60 -3.70 -11.57
N LEU C 35 -17.29 -3.52 -11.79
CA LEU C 35 -16.28 -4.37 -11.14
C LEU C 35 -15.91 -3.77 -9.79
N TYR C 36 -15.23 -2.62 -9.80
CA TYR C 36 -14.90 -1.95 -8.55
C TYR C 36 -14.71 -0.46 -8.81
N VAL C 37 -14.76 0.30 -7.72
CA VAL C 37 -14.55 1.75 -7.75
C VAL C 37 -13.25 2.05 -7.03
N ASP C 38 -12.39 2.85 -7.66
CA ASP C 38 -11.10 3.24 -7.08
C ASP C 38 -11.24 4.67 -6.57
N GLY C 39 -11.67 4.79 -5.31
CA GLY C 39 -11.84 6.08 -4.66
C GLY C 39 -10.75 6.29 -3.63
N ASN C 40 -10.08 7.44 -3.74
CA ASN C 40 -8.97 7.79 -2.86
C ASN C 40 -7.90 6.69 -2.87
N ASP C 41 -7.63 6.17 -4.06
CA ASP C 41 -6.62 5.13 -4.28
C ASP C 41 -6.87 3.88 -3.43
N TYR C 42 -8.15 3.57 -3.19
CA TYR C 42 -8.54 2.31 -2.58
C TYR C 42 -9.57 1.64 -3.46
N ALA C 43 -9.37 0.36 -3.75
CA ALA C 43 -10.25 -0.41 -4.64
C ALA C 43 -11.27 -1.17 -3.80
N HIS C 44 -12.54 -0.80 -3.92
CA HIS C 44 -13.64 -1.51 -3.29
C HIS C 44 -14.47 -2.19 -4.38
N ASN C 45 -14.56 -3.52 -4.30
CA ASN C 45 -15.21 -4.32 -5.32
C ASN C 45 -16.66 -4.63 -4.96
N GLN C 46 -17.45 -4.90 -6.00
CA GLN C 46 -18.77 -5.49 -5.86
C GLN C 46 -18.73 -6.86 -6.51
N ASP C 47 -19.11 -7.90 -5.75
CA ASP C 47 -19.04 -9.25 -6.26
C ASP C 47 -19.97 -9.42 -7.45
N LEU C 48 -19.44 -9.96 -8.55
CA LEU C 48 -20.21 -10.10 -9.77
C LEU C 48 -21.41 -11.04 -9.60
N GLY C 49 -21.41 -11.86 -8.54
CA GLY C 49 -22.57 -12.68 -8.24
C GLY C 49 -23.58 -12.04 -7.32
N SER C 50 -23.31 -10.81 -6.84
CA SER C 50 -24.22 -10.05 -5.99
C SER C 50 -24.93 -8.98 -6.82
N PRO C 51 -26.18 -8.66 -6.47
CA PRO C 51 -26.91 -7.64 -7.22
C PRO C 51 -26.26 -6.27 -7.20
N GLY C 52 -25.37 -6.00 -6.24
CA GLY C 52 -24.68 -4.73 -6.19
C GLY C 52 -23.76 -4.47 -7.36
N SER C 53 -23.31 -5.52 -8.05
CA SER C 53 -22.48 -5.35 -9.22
C SER C 53 -23.27 -4.96 -10.47
N CYS C 54 -24.60 -4.91 -10.37
CA CYS C 54 -25.45 -4.51 -11.49
C CYS C 54 -26.10 -3.18 -11.15
N VAL C 55 -25.57 -2.11 -11.72
CA VAL C 55 -26.05 -0.75 -11.48
C VAL C 55 -26.84 -0.31 -12.70
N PRO C 56 -28.10 0.11 -12.55
CA PRO C 56 -28.90 0.45 -13.74
C PRO C 56 -28.38 1.66 -14.51
N ARG C 57 -27.92 2.69 -13.82
CA ARG C 57 -27.49 3.93 -14.46
C ARG C 57 -25.97 4.02 -14.43
N PHE C 58 -25.38 4.16 -15.61
CA PHE C 58 -23.93 4.16 -15.78
C PHE C 58 -23.35 5.56 -15.60
N SER C 59 -22.09 5.60 -15.18
CA SER C 59 -21.30 6.83 -15.14
C SER C 59 -19.85 6.44 -14.90
N THR C 60 -18.93 7.18 -15.54
CA THR C 60 -17.52 6.98 -15.26
C THR C 60 -17.16 7.33 -13.82
N LEU C 61 -18.06 8.00 -13.09
CA LEU C 61 -17.86 8.30 -11.68
C LEU C 61 -19.22 8.36 -11.01
N PRO C 62 -19.79 7.19 -10.67
CA PRO C 62 -21.12 7.16 -10.03
C PRO C 62 -21.10 7.38 -8.54
N VAL C 63 -19.99 7.83 -7.95
CA VAL C 63 -19.89 8.06 -6.53
C VAL C 63 -19.32 9.45 -6.29
N LEU C 64 -19.54 9.95 -5.07
CA LEU C 64 -18.99 11.22 -4.63
C LEU C 64 -18.47 11.08 -3.21
N SER C 65 -17.47 11.88 -2.87
CA SER C 65 -16.79 11.79 -1.59
C SER C 65 -17.14 12.97 -0.70
N CYS C 66 -17.24 12.69 0.60
CA CYS C 66 -17.48 13.71 1.62
C CYS C 66 -16.37 13.64 2.67
N GLY C 67 -16.02 14.79 3.24
CA GLY C 67 -14.94 14.85 4.19
C GLY C 67 -15.17 15.75 5.38
N GLN C 68 -14.12 16.37 5.88
CA GLN C 68 -14.21 17.23 7.04
C GLN C 68 -14.91 18.54 6.68
N ASN C 69 -15.35 19.26 7.73
CA ASN C 69 -16.01 20.56 7.59
C ASN C 69 -17.31 20.46 6.81
N ASN C 70 -17.92 19.28 6.81
CA ASN C 70 -19.22 19.05 6.17
C ASN C 70 -19.19 19.46 4.69
N VAL C 71 -18.17 18.99 3.99
CA VAL C 71 -17.97 19.28 2.57
C VAL C 71 -18.01 17.98 1.79
N CYS C 72 -18.74 17.97 0.69
CA CYS C 72 -18.80 16.84 -0.23
C CYS C 72 -18.31 17.27 -1.61
N ASN C 73 -17.72 16.32 -2.34
CA ASN C 73 -17.10 16.62 -3.63
C ASN C 73 -17.49 15.55 -4.64
N TYR C 74 -17.88 15.99 -5.83
CA TYR C 74 -18.20 15.10 -6.94
C TYR C 74 -17.27 15.42 -8.11
N ALA C 75 -16.55 14.40 -8.59
CA ALA C 75 -15.63 14.55 -9.72
C ALA C 75 -14.64 15.68 -9.49
N SER C 76 -14.11 15.75 -8.27
CA SER C 76 -13.22 16.84 -7.86
C SER C 76 -11.79 16.39 -7.64
N ARG C 77 -11.46 15.13 -7.93
CA ARG C 77 -10.09 14.68 -7.72
C ARG C 77 -9.59 13.82 -8.88
N ASN C 78 -9.11 12.61 -8.58
CA ASN C 78 -8.48 11.76 -9.58
C ASN C 78 -8.87 10.31 -9.36
N ASP C 79 -10.15 10.06 -9.14
CA ASP C 79 -10.65 8.71 -8.95
C ASP C 79 -11.07 8.11 -10.29
N LYS C 80 -11.08 6.77 -10.33
CA LYS C 80 -11.44 6.05 -11.54
C LYS C 80 -12.37 4.90 -11.16
N THR C 81 -13.04 4.35 -12.18
CA THR C 81 -13.95 3.24 -12.00
C THR C 81 -13.63 2.15 -13.01
N PHE C 82 -13.98 0.91 -12.66
CA PHE C 82 -13.65 -0.25 -13.47
C PHE C 82 -14.93 -1.05 -13.74
N TRP C 83 -15.16 -1.38 -15.00
CA TRP C 83 -16.39 -2.03 -15.44
C TRP C 83 -16.07 -3.25 -16.28
N LEU C 84 -16.93 -4.26 -16.18
CA LEU C 84 -16.78 -5.45 -17.02
C LEU C 84 -17.05 -5.07 -18.47
N THR C 85 -16.22 -5.59 -19.37
CA THR C 85 -16.26 -5.19 -20.76
C THR C 85 -17.16 -6.11 -21.57
N THR C 86 -17.36 -5.74 -22.84
CA THR C 86 -18.08 -6.54 -23.80
C THR C 86 -17.09 -7.25 -24.74
N ASN C 87 -17.56 -7.65 -25.91
CA ASN C 87 -16.73 -8.30 -26.92
C ASN C 87 -16.34 -7.35 -28.05
N ALA C 88 -16.48 -6.04 -27.84
CA ALA C 88 -16.12 -5.08 -28.87
C ALA C 88 -14.61 -5.07 -29.10
N ALA C 89 -14.22 -4.53 -30.24
CA ALA C 89 -12.80 -4.45 -30.57
C ALA C 89 -12.10 -3.43 -29.70
N ILE C 90 -10.93 -3.81 -29.18
CA ILE C 90 -10.18 -2.92 -28.30
C ILE C 90 -9.66 -1.73 -29.11
N PRO C 91 -9.95 -0.49 -28.70
CA PRO C 91 -9.50 0.66 -29.47
C PRO C 91 -8.02 0.95 -29.22
N MET C 92 -7.51 1.91 -29.98
CA MET C 92 -6.14 2.37 -29.84
C MET C 92 -6.01 3.53 -28.86
N MET C 93 -7.07 4.26 -28.61
CA MET C 93 -7.10 5.41 -27.72
C MET C 93 -8.31 5.30 -26.81
N PRO C 94 -8.33 6.06 -25.71
CA PRO C 94 -9.50 6.05 -24.82
C PRO C 94 -10.77 6.49 -25.54
N VAL C 95 -11.83 5.71 -25.37
CA VAL C 95 -13.13 6.04 -25.95
C VAL C 95 -13.76 7.16 -25.14
N GLU C 96 -14.63 7.93 -25.79
CA GLU C 96 -15.16 9.16 -25.24
C GLU C 96 -16.67 9.10 -25.10
N ASN C 97 -17.16 9.42 -23.90
CA ASN C 97 -18.58 9.63 -23.63
C ASN C 97 -19.47 8.51 -24.16
N ILE C 98 -20.21 8.79 -25.24
CA ILE C 98 -21.20 7.84 -25.73
C ILE C 98 -20.52 6.61 -26.34
N GLU C 99 -19.27 6.75 -26.78
CA GLU C 99 -18.53 5.62 -27.34
C GLU C 99 -18.33 4.50 -26.32
N ILE C 100 -18.49 4.80 -25.04
CA ILE C 100 -18.25 3.81 -23.99
C ILE C 100 -19.37 2.79 -23.89
N ARG C 101 -20.55 3.09 -24.43
CA ARG C 101 -21.69 2.20 -24.26
C ARG C 101 -21.45 0.85 -24.91
N GLN C 102 -20.73 0.80 -26.02
CA GLN C 102 -20.42 -0.47 -26.68
C GLN C 102 -19.34 -1.26 -25.97
N TYR C 103 -18.74 -0.72 -24.90
CA TYR C 103 -17.69 -1.41 -24.17
C TYR C 103 -18.07 -1.82 -22.76
N ILE C 104 -19.27 -1.46 -22.30
CA ILE C 104 -19.70 -1.76 -20.93
C ILE C 104 -20.66 -2.94 -20.98
N SER C 105 -20.35 -3.98 -20.21
CA SER C 105 -21.18 -5.17 -20.19
C SER C 105 -22.54 -4.86 -19.58
N ARG C 106 -23.53 -5.65 -19.96
CA ARG C 106 -24.87 -5.53 -19.42
C ARG C 106 -25.14 -6.69 -18.45
N CYS C 107 -26.08 -6.46 -17.55
CA CYS C 107 -26.37 -7.42 -16.48
C CYS C 107 -27.86 -7.39 -16.17
N VAL C 108 -28.29 -8.38 -15.39
CA VAL C 108 -29.68 -8.48 -14.97
C VAL C 108 -29.73 -9.12 -13.60
N VAL C 109 -30.64 -8.64 -12.76
CA VAL C 109 -30.86 -9.19 -11.43
C VAL C 109 -32.27 -9.74 -11.38
N CYS C 110 -32.40 -11.01 -11.00
CA CYS C 110 -33.67 -11.71 -10.98
C CYS C 110 -33.87 -12.32 -9.60
N GLU C 111 -35.07 -12.86 -9.36
CA GLU C 111 -35.39 -13.53 -8.12
C GLU C 111 -35.51 -15.03 -8.38
N ALA C 112 -34.90 -15.83 -7.51
CA ALA C 112 -34.89 -17.28 -7.61
C ALA C 112 -35.53 -17.91 -6.39
N PRO C 113 -36.16 -19.08 -6.55
CA PRO C 113 -36.80 -19.74 -5.40
C PRO C 113 -35.80 -20.37 -4.44
N ALA C 114 -34.80 -21.07 -4.97
CA ALA C 114 -33.80 -21.76 -4.17
C ALA C 114 -32.44 -21.10 -4.32
N ASN C 115 -31.49 -21.59 -3.52
CA ASN C 115 -30.16 -21.01 -3.45
C ASN C 115 -29.35 -21.36 -4.70
N VAL C 116 -28.37 -20.51 -4.99
CA VAL C 116 -27.55 -20.63 -6.20
C VAL C 116 -26.08 -20.53 -5.80
N ILE C 117 -25.28 -21.49 -6.27
CA ILE C 117 -23.84 -21.52 -6.01
C ILE C 117 -23.12 -21.78 -7.33
N ALA C 118 -21.80 -21.89 -7.24
CA ALA C 118 -20.95 -22.16 -8.39
C ALA C 118 -19.93 -23.23 -8.02
N VAL C 119 -19.72 -24.19 -8.92
CA VAL C 119 -18.80 -25.29 -8.72
C VAL C 119 -17.71 -25.22 -9.77
N HIS C 120 -16.48 -25.53 -9.38
CA HIS C 120 -15.32 -25.48 -10.26
C HIS C 120 -14.62 -26.85 -10.27
N SER C 121 -14.18 -27.25 -11.46
CA SER C 121 -13.53 -28.54 -11.63
C SER C 121 -12.01 -28.47 -11.60
N GLN C 122 -11.42 -27.31 -11.87
CA GLN C 122 -9.98 -27.12 -12.01
C GLN C 122 -9.39 -28.00 -13.11
N THR C 123 -10.22 -28.44 -14.05
CA THR C 123 -9.80 -29.22 -15.20
C THR C 123 -10.49 -28.67 -16.44
N ILE C 124 -10.16 -29.25 -17.60
CA ILE C 124 -10.80 -28.85 -18.85
C ILE C 124 -12.25 -29.31 -18.90
N GLU C 125 -12.63 -30.25 -18.04
CA GLU C 125 -13.99 -30.78 -18.03
C GLU C 125 -14.91 -29.89 -17.22
N VAL C 126 -16.17 -29.83 -17.66
CA VAL C 126 -17.18 -29.05 -16.94
C VAL C 126 -17.58 -29.80 -15.68
N PRO C 127 -17.51 -29.17 -14.50
CA PRO C 127 -17.89 -29.88 -13.27
C PRO C 127 -19.39 -30.11 -13.21
N ASP C 128 -19.77 -31.17 -12.49
CA ASP C 128 -21.17 -31.51 -12.33
C ASP C 128 -21.76 -30.77 -11.13
N CYS C 129 -23.04 -30.41 -11.26
CA CYS C 129 -23.75 -29.84 -10.14
C CYS C 129 -23.92 -30.91 -9.06
N PRO C 130 -24.08 -30.49 -7.80
CA PRO C 130 -24.33 -31.48 -6.74
C PRO C 130 -25.62 -32.23 -6.97
N ASN C 131 -25.71 -33.42 -6.39
CA ASN C 131 -26.88 -34.27 -6.55
C ASN C 131 -28.11 -33.57 -6.00
N GLY C 132 -29.09 -33.31 -6.88
CA GLY C 132 -30.28 -32.58 -6.51
C GLY C 132 -30.32 -31.15 -6.99
N TRP C 133 -29.25 -30.67 -7.63
CA TRP C 133 -29.15 -29.30 -8.10
C TRP C 133 -29.19 -29.26 -9.62
N GLU C 134 -29.90 -28.28 -10.16
CA GLU C 134 -30.05 -28.09 -11.60
C GLU C 134 -29.08 -27.02 -12.09
N GLY C 135 -28.71 -27.12 -13.36
CA GLY C 135 -27.75 -26.22 -13.95
C GLY C 135 -28.42 -25.02 -14.60
N LEU C 136 -27.77 -23.85 -14.48
CA LEU C 136 -28.25 -22.61 -15.06
C LEU C 136 -27.41 -22.18 -16.26
N TRP C 137 -26.10 -22.09 -16.09
CA TRP C 137 -25.19 -21.82 -17.20
C TRP C 137 -23.81 -22.32 -16.81
N ILE C 138 -22.92 -22.39 -17.80
CA ILE C 138 -21.57 -22.89 -17.61
C ILE C 138 -20.59 -21.83 -18.12
N GLY C 139 -19.33 -21.97 -17.70
CA GLY C 139 -18.32 -21.02 -18.12
C GLY C 139 -16.92 -21.32 -17.64
N TYR C 140 -16.15 -20.28 -17.35
CA TYR C 140 -14.74 -20.40 -16.98
C TYR C 140 -14.51 -19.74 -15.62
N SER C 141 -13.74 -20.43 -14.77
CA SER C 141 -13.53 -20.01 -13.39
C SER C 141 -12.74 -18.70 -13.34
N PHE C 142 -13.38 -17.62 -12.89
CA PHE C 142 -12.76 -16.30 -12.79
C PHE C 142 -12.54 -15.98 -11.33
N LEU C 143 -11.28 -15.82 -10.92
CA LEU C 143 -10.97 -15.63 -9.51
C LEU C 143 -10.76 -14.16 -9.14
N MET C 144 -9.60 -13.60 -9.49
CA MET C 144 -9.24 -12.26 -9.05
C MET C 144 -8.68 -11.47 -10.22
N HIS C 145 -8.31 -10.22 -9.95
CA HIS C 145 -7.84 -9.29 -10.96
C HIS C 145 -6.99 -8.23 -10.31
N THR C 146 -6.10 -7.63 -11.12
CA THR C 146 -5.22 -6.55 -10.68
C THR C 146 -5.12 -5.50 -11.78
N ALA C 147 -5.08 -4.23 -11.38
CA ALA C 147 -4.97 -3.14 -12.34
C ALA C 147 -3.91 -2.13 -11.92
N VAL C 148 -4.11 -0.86 -12.28
CA VAL C 148 -3.11 0.17 -12.02
C VAL C 148 -3.12 0.54 -10.54
N GLY C 149 -1.93 0.78 -10.01
CA GLY C 149 -1.81 1.22 -8.61
C GLY C 149 -2.29 0.13 -7.67
N ASN C 150 -3.08 0.54 -6.68
CA ASN C 150 -3.68 -0.40 -5.75
C ASN C 150 -4.92 -1.07 -6.32
N GLY C 151 -5.11 -1.01 -7.64
CA GLY C 151 -6.28 -1.61 -8.25
C GLY C 151 -6.25 -3.12 -8.15
N GLY C 152 -7.36 -3.69 -7.72
CA GLY C 152 -7.43 -5.14 -7.60
C GLY C 152 -8.77 -5.56 -7.05
N GLY C 153 -8.87 -6.85 -6.77
CA GLY C 153 -10.10 -7.43 -6.27
C GLY C 153 -10.22 -8.87 -6.72
N GLY C 154 -11.32 -9.49 -6.33
CA GLY C 154 -11.53 -10.88 -6.66
C GLY C 154 -12.96 -11.30 -6.41
N GLN C 155 -13.27 -12.50 -6.87
CA GLN C 155 -14.61 -13.07 -6.75
C GLN C 155 -14.61 -14.20 -5.74
N ALA C 156 -15.71 -14.35 -5.02
CA ALA C 156 -15.86 -15.50 -4.14
C ALA C 156 -16.06 -16.76 -4.97
N LEU C 157 -15.34 -17.83 -4.60
CA LEU C 157 -15.33 -19.02 -5.44
C LEU C 157 -16.68 -19.74 -5.46
N GLN C 158 -17.55 -19.52 -4.48
CA GLN C 158 -18.89 -20.08 -4.50
C GLN C 158 -19.90 -19.17 -5.19
N SER C 159 -19.55 -17.91 -5.41
CA SER C 159 -20.43 -16.94 -6.03
C SER C 159 -20.54 -17.16 -7.54
N PRO C 160 -21.70 -16.86 -8.12
CA PRO C 160 -21.82 -16.94 -9.59
C PRO C 160 -20.89 -15.98 -10.33
N GLY C 161 -20.36 -14.95 -9.63
CA GLY C 161 -19.37 -14.10 -10.27
C GLY C 161 -18.05 -14.79 -10.53
N SER C 162 -17.76 -15.87 -9.80
CA SER C 162 -16.58 -16.70 -10.04
C SER C 162 -16.72 -17.56 -11.28
N CYS C 163 -17.81 -17.42 -12.03
CA CYS C 163 -18.09 -18.26 -13.20
C CYS C 163 -18.68 -17.36 -14.27
N LEU C 164 -17.86 -16.98 -15.24
CA LEU C 164 -18.29 -16.19 -16.39
C LEU C 164 -18.47 -17.09 -17.60
N GLU C 165 -19.47 -16.76 -18.43
CA GLU C 165 -19.75 -17.58 -19.60
C GLU C 165 -18.58 -17.54 -20.58
N ASP C 166 -18.26 -16.35 -21.09
CA ASP C 166 -17.15 -16.18 -22.02
C ASP C 166 -15.83 -16.07 -21.25
N PHE C 167 -14.77 -16.64 -21.83
CA PHE C 167 -13.41 -16.42 -21.34
C PHE C 167 -12.81 -15.23 -22.08
N ARG C 168 -12.33 -14.25 -21.32
CA ARG C 168 -11.77 -13.03 -21.88
C ARG C 168 -10.42 -12.75 -21.24
N ALA C 169 -9.40 -12.54 -22.05
CA ALA C 169 -8.11 -12.10 -21.52
C ALA C 169 -8.16 -10.67 -21.01
N THR C 170 -9.09 -9.87 -21.51
CA THR C 170 -9.27 -8.47 -21.10
C THR C 170 -10.74 -8.28 -20.74
N PRO C 171 -11.15 -8.73 -19.56
CA PRO C 171 -12.58 -8.70 -19.20
C PRO C 171 -13.06 -7.43 -18.53
N PHE C 172 -12.22 -6.42 -18.33
CA PHE C 172 -12.66 -5.18 -17.70
C PHE C 172 -11.92 -4.01 -18.29
N ILE C 173 -12.48 -2.81 -18.08
CA ILE C 173 -11.97 -1.57 -18.66
C ILE C 173 -11.91 -0.52 -17.57
N GLU C 174 -10.95 0.40 -17.69
CA GLU C 174 -10.73 1.46 -16.71
C GLU C 174 -11.30 2.77 -17.24
N CYS C 175 -12.19 3.39 -16.46
CA CYS C 175 -12.84 4.63 -16.83
C CYS C 175 -12.29 5.77 -15.97
N ASN C 176 -11.67 6.75 -16.61
CA ASN C 176 -11.26 7.96 -15.92
C ASN C 176 -12.50 8.71 -15.43
N GLY C 177 -12.59 8.89 -14.11
CA GLY C 177 -13.79 9.45 -13.51
C GLY C 177 -14.16 10.85 -13.94
N ALA C 178 -13.29 11.82 -13.65
CA ALA C 178 -13.62 13.21 -13.93
C ALA C 178 -13.57 13.54 -15.42
N LYS C 179 -12.74 12.82 -16.19
CA LYS C 179 -12.63 13.11 -17.61
C LYS C 179 -13.71 12.40 -18.43
N GLY C 180 -14.28 11.31 -17.91
CA GLY C 180 -15.33 10.61 -18.62
C GLY C 180 -14.89 9.79 -19.81
N THR C 181 -13.65 9.28 -19.79
CA THR C 181 -13.14 8.44 -20.86
C THR C 181 -12.67 7.11 -20.27
N CYS C 182 -12.79 6.05 -21.07
CA CYS C 182 -12.43 4.72 -20.65
C CYS C 182 -11.45 4.12 -21.66
N HIS C 183 -10.59 3.22 -21.18
CA HIS C 183 -9.58 2.61 -22.03
C HIS C 183 -9.03 1.38 -21.33
N PHE C 184 -8.34 0.54 -22.12
CA PHE C 184 -7.64 -0.62 -21.61
C PHE C 184 -6.17 -0.29 -21.44
N TYR C 185 -5.55 -0.88 -20.42
CA TYR C 185 -4.16 -0.62 -20.09
C TYR C 185 -3.43 -1.93 -19.84
N GLU C 186 -2.11 -1.90 -20.05
CA GLU C 186 -1.31 -3.11 -19.88
C GLU C 186 -1.16 -3.53 -18.41
N THR C 187 -1.46 -2.63 -17.48
CA THR C 187 -1.40 -2.99 -16.06
C THR C 187 -2.55 -3.86 -15.63
N MET C 188 -3.53 -4.10 -16.51
CA MET C 188 -4.66 -4.95 -16.18
C MET C 188 -4.26 -6.42 -16.29
N THR C 189 -4.67 -7.21 -15.31
CA THR C 189 -4.36 -8.63 -15.28
C THR C 189 -5.57 -9.39 -14.75
N SER C 190 -5.93 -10.47 -15.44
CA SER C 190 -7.03 -11.33 -15.01
C SER C 190 -6.46 -12.65 -14.51
N PHE C 191 -7.10 -13.21 -13.49
CA PHE C 191 -6.67 -14.46 -12.87
C PHE C 191 -7.80 -15.47 -12.94
N TRP C 192 -7.50 -16.64 -13.51
CA TRP C 192 -8.45 -17.73 -13.62
C TRP C 192 -7.89 -18.96 -12.93
N MET C 193 -8.80 -19.81 -12.43
CA MET C 193 -8.37 -21.07 -11.85
C MET C 193 -7.74 -21.95 -12.92
N TYR C 194 -6.67 -22.66 -12.55
CA TYR C 194 -5.84 -23.35 -13.52
C TYR C 194 -6.33 -24.78 -13.75
N ASN C 195 -5.96 -25.31 -14.92
CA ASN C 195 -6.28 -26.68 -15.30
C ASN C 195 -5.21 -27.60 -14.73
N LEU C 196 -5.58 -28.40 -13.73
CA LEU C 196 -4.64 -29.27 -13.01
C LEU C 196 -4.90 -30.74 -13.30
N GLU C 197 -5.24 -31.08 -14.54
CA GLU C 197 -5.46 -32.48 -14.89
C GLU C 197 -4.16 -33.22 -15.17
N SER C 198 -3.15 -32.52 -15.70
CA SER C 198 -1.88 -33.12 -16.05
C SER C 198 -0.86 -33.03 -14.92
N SER C 199 -1.31 -32.84 -13.69
CA SER C 199 -0.42 -32.70 -12.55
C SER C 199 -1.03 -33.42 -11.34
N GLN C 200 -0.20 -33.64 -10.34
CA GLN C 200 -0.67 -34.25 -9.10
C GLN C 200 -0.79 -33.18 -8.02
N PRO C 201 -1.74 -33.34 -7.09
CA PRO C 201 -2.11 -32.25 -6.19
C PRO C 201 -0.95 -31.61 -5.42
N PHE C 202 0.21 -32.27 -5.40
CA PHE C 202 1.35 -31.77 -4.64
C PHE C 202 2.61 -31.65 -5.50
N GLU C 203 2.45 -31.56 -6.83
CA GLU C 203 3.58 -31.39 -7.71
C GLU C 203 3.98 -29.92 -7.80
N ARG C 204 5.27 -29.69 -8.02
CA ARG C 204 5.76 -28.33 -8.19
C ARG C 204 5.28 -27.79 -9.52
N PRO C 205 4.71 -26.58 -9.57
CA PRO C 205 4.24 -26.04 -10.84
C PRO C 205 5.39 -25.77 -11.80
N GLN C 206 5.15 -26.11 -13.06
CA GLN C 206 6.12 -25.91 -14.13
C GLN C 206 5.77 -24.62 -14.88
N GLN C 207 6.78 -23.79 -15.11
CA GLN C 207 6.55 -22.54 -15.84
C GLN C 207 6.10 -22.84 -17.26
N GLN C 208 5.02 -22.19 -17.69
CA GLN C 208 4.45 -22.38 -19.02
C GLN C 208 3.93 -21.05 -19.54
N THR C 209 4.27 -20.73 -20.77
CA THR C 209 3.74 -19.54 -21.45
C THR C 209 2.76 -20.03 -22.51
N ILE C 210 1.48 -19.82 -22.26
CA ILE C 210 0.41 -20.28 -23.13
C ILE C 210 -0.02 -19.13 -24.02
N LYS C 211 -0.16 -19.38 -25.32
CA LYS C 211 -0.50 -18.35 -26.29
C LYS C 211 -1.78 -18.70 -27.03
N ALA C 212 -2.23 -17.74 -27.85
CA ALA C 212 -3.42 -17.78 -28.69
C ALA C 212 -4.53 -18.72 -28.22
N GLY C 213 -5.03 -19.53 -29.15
CA GLY C 213 -6.13 -20.45 -28.91
C GLY C 213 -5.90 -21.45 -27.79
N GLU C 214 -4.65 -21.72 -27.44
CA GLU C 214 -4.37 -22.73 -26.42
C GLU C 214 -4.68 -22.27 -25.01
N ARG C 215 -5.11 -21.02 -24.81
CA ARG C 215 -5.37 -20.55 -23.44
C ARG C 215 -6.64 -21.17 -22.88
N GLN C 216 -7.66 -21.33 -23.71
CA GLN C 216 -8.94 -21.88 -23.25
C GLN C 216 -8.80 -23.29 -22.70
N SER C 217 -7.75 -24.02 -23.10
CA SER C 217 -7.57 -25.39 -22.64
C SER C 217 -6.91 -25.45 -21.26
N HIS C 218 -6.27 -24.38 -20.82
CA HIS C 218 -5.59 -24.34 -19.53
C HIS C 218 -6.41 -23.65 -18.45
N VAL C 219 -7.63 -23.23 -18.77
CA VAL C 219 -8.49 -22.53 -17.83
C VAL C 219 -9.47 -23.52 -17.22
N SER C 220 -9.69 -23.41 -15.92
CA SER C 220 -10.65 -24.27 -15.24
C SER C 220 -12.06 -23.95 -15.73
N ARG C 221 -12.89 -25.00 -15.79
CA ARG C 221 -14.29 -24.83 -16.13
C ARG C 221 -15.13 -24.74 -14.85
N CYS C 222 -16.38 -24.33 -15.03
CA CYS C 222 -17.25 -24.05 -13.89
C CYS C 222 -18.69 -24.19 -14.34
N GLN C 223 -19.60 -24.18 -13.36
CA GLN C 223 -21.02 -24.23 -13.63
C GLN C 223 -21.78 -23.58 -12.48
N VAL C 224 -22.81 -22.80 -12.81
CA VAL C 224 -23.66 -22.14 -11.83
C VAL C 224 -24.92 -22.98 -11.67
N CYS C 225 -25.18 -23.41 -10.44
CA CYS C 225 -26.22 -24.39 -10.16
C CYS C 225 -27.23 -23.85 -9.15
N MET C 226 -28.44 -24.38 -9.22
CA MET C 226 -29.50 -24.05 -8.27
C MET C 226 -30.15 -25.35 -7.83
N LYS C 227 -30.66 -25.36 -6.59
CA LYS C 227 -31.25 -26.56 -6.04
C LYS C 227 -32.69 -26.71 -6.50
N ASN C 228 -33.04 -27.94 -6.88
CA ASN C 228 -34.41 -28.25 -7.31
C ASN C 228 -35.22 -28.88 -6.18
N LEU D 4 41.79 17.52 -6.70
CA LEU D 4 40.58 16.71 -6.82
C LEU D 4 39.95 16.50 -5.44
N THR D 5 38.64 16.71 -5.35
CA THR D 5 37.94 16.54 -4.08
C THR D 5 37.59 15.09 -3.82
N GLY D 6 37.29 14.32 -4.87
CA GLY D 6 36.89 12.94 -4.71
C GLY D 6 35.41 12.74 -4.96
N ILE D 7 34.88 13.42 -5.96
CA ILE D 7 33.48 13.32 -6.33
C ILE D 7 33.31 12.18 -7.32
N LEU D 8 32.23 11.42 -7.18
CA LEU D 8 32.02 10.20 -7.96
C LEU D 8 30.86 10.39 -8.94
N ILE D 9 31.11 10.10 -10.21
CA ILE D 9 30.09 10.08 -11.24
C ILE D 9 29.84 8.63 -11.63
N THR D 10 28.57 8.31 -11.94
CA THR D 10 28.19 6.96 -12.31
C THR D 10 27.48 6.99 -13.66
N ARG D 11 27.93 6.15 -14.58
CA ARG D 11 27.38 6.06 -15.93
C ARG D 11 26.88 4.65 -16.17
N HIS D 12 25.71 4.54 -16.80
CA HIS D 12 25.13 3.25 -17.14
C HIS D 12 25.09 3.09 -18.65
N SER D 13 25.51 1.92 -19.12
CA SER D 13 25.64 1.69 -20.57
C SER D 13 24.31 1.38 -21.24
N GLN D 14 23.35 0.83 -20.49
CA GLN D 14 22.09 0.32 -21.05
C GLN D 14 22.32 -0.73 -22.11
N SER D 15 23.46 -1.42 -22.06
CA SER D 15 23.80 -2.46 -23.00
C SER D 15 24.66 -3.50 -22.28
N GLU D 16 25.08 -4.53 -23.03
CA GLU D 16 25.92 -5.58 -22.47
C GLU D 16 27.38 -5.17 -22.33
N THR D 17 27.79 -4.08 -22.96
CA THR D 17 29.17 -3.62 -22.87
C THR D 17 29.39 -2.78 -21.61
N VAL D 18 30.60 -2.86 -21.06
CA VAL D 18 30.95 -2.04 -19.91
C VAL D 18 31.42 -0.67 -20.40
N PRO D 19 30.85 0.42 -19.90
CA PRO D 19 31.26 1.75 -20.36
C PRO D 19 32.58 2.19 -19.73
N ALA D 20 33.19 3.18 -20.38
CA ALA D 20 34.47 3.73 -19.96
C ALA D 20 34.29 5.19 -19.55
N CYS D 21 35.16 5.66 -18.66
CA CYS D 21 35.07 7.02 -18.17
C CYS D 21 35.52 8.03 -19.22
N SER D 22 34.89 9.19 -19.20
CA SER D 22 35.23 10.26 -20.13
C SER D 22 36.45 11.03 -19.67
N ALA D 23 37.25 11.48 -20.65
CA ALA D 23 38.39 12.38 -20.47
C ALA D 23 39.29 11.86 -19.35
N GLY D 24 39.72 12.70 -18.41
CA GLY D 24 40.63 12.29 -17.36
C GLY D 24 39.98 11.80 -16.09
N HIS D 25 38.83 11.12 -16.21
CA HIS D 25 38.16 10.54 -15.06
C HIS D 25 38.74 9.16 -14.78
N THR D 26 39.04 8.90 -13.51
CA THR D 26 39.70 7.67 -13.10
C THR D 26 38.66 6.64 -12.69
N GLU D 27 38.77 5.42 -13.23
CA GLU D 27 37.87 4.34 -12.87
C GLU D 27 38.12 3.89 -11.44
N LEU D 28 37.03 3.63 -10.72
CA LEU D 28 37.09 3.03 -9.39
C LEU D 28 36.60 1.60 -9.38
N TRP D 29 35.46 1.34 -10.00
CA TRP D 29 34.97 -0.02 -10.20
C TRP D 29 33.88 0.00 -11.27
N THR D 30 33.60 -1.20 -11.80
CA THR D 30 32.52 -1.41 -12.75
C THR D 30 31.53 -2.39 -12.15
N GLY D 31 30.42 -2.61 -12.86
CA GLY D 31 29.44 -3.57 -12.38
C GLY D 31 28.16 -3.54 -13.20
N TYR D 32 27.08 -3.92 -12.54
CA TYR D 32 25.76 -4.07 -13.15
C TYR D 32 24.79 -3.04 -12.59
N SER D 33 23.86 -2.60 -13.43
CA SER D 33 22.94 -1.53 -13.09
C SER D 33 21.78 -2.10 -12.25
N LEU D 34 21.77 -1.76 -10.96
CA LEU D 34 20.72 -2.18 -10.04
C LEU D 34 19.67 -1.09 -9.92
N LEU D 35 18.40 -1.46 -10.05
CA LEU D 35 17.30 -0.50 -9.93
C LEU D 35 16.77 -0.46 -8.50
N TYR D 36 16.16 -1.56 -8.06
CA TYR D 36 15.66 -1.63 -6.69
C TYR D 36 15.44 -3.08 -6.30
N VAL D 37 15.27 -3.31 -5.01
CA VAL D 37 15.06 -4.64 -4.44
C VAL D 37 13.67 -4.69 -3.82
N ASP D 38 12.99 -5.82 -4.00
CA ASP D 38 11.66 -6.05 -3.46
C ASP D 38 11.78 -7.08 -2.34
N GLY D 39 12.14 -6.61 -1.15
CA GLY D 39 12.30 -7.48 0.00
C GLY D 39 11.13 -7.34 0.96
N ASN D 40 10.51 -8.48 1.28
CA ASN D 40 9.35 -8.53 2.17
C ASN D 40 8.25 -7.56 1.73
N ASP D 41 7.98 -7.56 0.42
CA ASP D 41 6.94 -6.73 -0.18
C ASP D 41 7.20 -5.23 0.08
N TYR D 42 8.47 -4.85 0.05
CA TYR D 42 8.88 -3.46 0.19
C TYR D 42 9.94 -3.15 -0.85
N ALA D 43 9.80 -1.99 -1.50
CA ALA D 43 10.69 -1.58 -2.58
C ALA D 43 11.69 -0.56 -2.07
N HIS D 44 12.98 -0.89 -2.13
CA HIS D 44 14.05 0.01 -1.76
C HIS D 44 14.89 0.31 -3.00
N ASN D 45 14.88 1.57 -3.42
CA ASN D 45 15.50 1.97 -4.67
C ASN D 45 16.92 2.47 -4.46
N GLN D 46 17.71 2.45 -5.53
CA GLN D 46 19.05 2.98 -5.56
C GLN D 46 19.12 4.12 -6.57
N ASP D 47 19.80 5.20 -6.21
CA ASP D 47 19.96 6.34 -7.11
C ASP D 47 20.76 5.94 -8.34
N LEU D 48 20.12 5.95 -9.51
CA LEU D 48 20.79 5.52 -10.73
C LEU D 48 21.98 6.39 -11.09
N GLY D 49 22.03 7.63 -10.60
CA GLY D 49 23.15 8.50 -10.83
C GLY D 49 24.23 8.44 -9.79
N SER D 50 24.04 7.67 -8.73
CA SER D 50 25.00 7.52 -7.64
C SER D 50 25.73 6.19 -7.76
N PRO D 51 26.92 6.08 -7.17
CA PRO D 51 27.65 4.81 -7.22
C PRO D 51 26.92 3.64 -6.58
N GLY D 52 25.91 3.90 -5.74
CA GLY D 52 25.19 2.82 -5.11
C GLY D 52 24.43 1.94 -6.10
N SER D 53 23.97 2.52 -7.20
CA SER D 53 23.26 1.75 -8.21
C SER D 53 24.18 0.85 -9.02
N CYS D 54 25.50 1.01 -8.90
CA CYS D 54 26.47 0.20 -9.63
C CYS D 54 27.07 -0.80 -8.66
N VAL D 55 26.63 -2.06 -8.77
CA VAL D 55 27.07 -3.12 -7.88
C VAL D 55 28.04 -4.02 -8.65
N PRO D 56 29.18 -4.41 -8.06
CA PRO D 56 30.16 -5.19 -8.82
C PRO D 56 29.69 -6.59 -9.17
N ARG D 57 29.07 -7.30 -8.22
CA ARG D 57 28.68 -8.69 -8.41
C ARG D 57 27.19 -8.78 -8.69
N PHE D 58 26.83 -9.55 -9.71
CA PHE D 58 25.44 -9.75 -10.07
C PHE D 58 24.88 -11.01 -9.41
N SER D 59 23.60 -10.95 -9.05
CA SER D 59 22.86 -12.09 -8.52
C SER D 59 21.39 -11.75 -8.49
N THR D 60 20.55 -12.75 -8.72
CA THR D 60 19.11 -12.55 -8.65
C THR D 60 18.62 -12.29 -7.24
N LEU D 61 19.43 -12.57 -6.22
CA LEU D 61 19.05 -12.34 -4.83
C LEU D 61 20.31 -12.12 -4.01
N PRO D 62 20.88 -10.92 -4.06
CA PRO D 62 22.12 -10.67 -3.34
C PRO D 62 21.91 -10.22 -1.90
N VAL D 63 20.77 -10.59 -1.31
CA VAL D 63 20.43 -10.19 0.04
C VAL D 63 20.09 -11.42 0.87
N LEU D 64 20.16 -11.25 2.19
CA LEU D 64 19.82 -12.29 3.15
C LEU D 64 18.77 -11.76 4.12
N SER D 65 17.72 -12.54 4.34
CA SER D 65 16.62 -12.16 5.22
C SER D 65 16.82 -12.81 6.58
N CYS D 66 16.94 -11.98 7.62
CA CYS D 66 17.14 -12.45 8.98
C CYS D 66 16.02 -11.92 9.88
N GLY D 67 15.54 -12.76 10.77
CA GLY D 67 14.45 -12.44 11.67
C GLY D 67 14.93 -12.08 13.06
N GLN D 68 14.05 -12.31 14.04
CA GLN D 68 14.33 -11.93 15.42
C GLN D 68 14.89 -13.06 16.27
N ASN D 69 14.47 -14.30 16.01
CA ASN D 69 14.85 -15.44 16.83
C ASN D 69 16.17 -16.07 16.41
N ASN D 70 17.13 -15.24 15.95
CA ASN D 70 18.49 -15.68 15.63
C ASN D 70 18.50 -16.77 14.55
N VAL D 71 17.61 -16.63 13.57
CA VAL D 71 17.54 -17.55 12.43
C VAL D 71 17.37 -16.73 11.17
N CYS D 72 18.15 -17.04 10.13
CA CYS D 72 18.06 -16.36 8.85
C CYS D 72 17.61 -17.35 7.78
N ASN D 73 17.11 -16.80 6.67
CA ASN D 73 16.63 -17.59 5.56
C ASN D 73 17.07 -16.93 4.26
N TYR D 74 17.64 -17.75 3.36
CA TYR D 74 18.11 -17.28 2.06
C TYR D 74 17.32 -17.98 0.97
N ALA D 75 16.78 -17.21 0.03
CA ALA D 75 15.97 -17.73 -1.08
C ALA D 75 14.83 -18.61 -0.57
N SER D 76 14.22 -18.17 0.54
CA SER D 76 13.15 -18.93 1.18
C SER D 76 11.78 -18.29 1.01
N ARG D 77 11.68 -17.20 0.25
CA ARG D 77 10.38 -16.57 0.04
C ARG D 77 10.21 -16.18 -1.43
N ASN D 78 9.62 -15.01 -1.68
CA ASN D 78 9.32 -14.57 -3.04
C ASN D 78 9.91 -13.19 -3.33
N ASP D 79 11.04 -12.87 -2.70
CA ASP D 79 11.66 -11.57 -2.93
C ASP D 79 12.25 -11.50 -4.34
N LYS D 80 12.29 -10.29 -4.88
CA LYS D 80 12.72 -10.07 -6.26
C LYS D 80 13.77 -8.96 -6.33
N THR D 81 14.46 -8.93 -7.47
CA THR D 81 15.46 -7.91 -7.75
C THR D 81 15.15 -7.28 -9.10
N PHE D 82 15.57 -6.03 -9.27
CA PHE D 82 15.26 -5.26 -10.47
C PHE D 82 16.52 -4.59 -10.99
N TRP D 83 16.76 -4.73 -12.29
CA TRP D 83 17.98 -4.23 -12.91
C TRP D 83 17.62 -3.48 -14.19
N LEU D 84 18.42 -2.46 -14.50
CA LEU D 84 18.29 -1.78 -15.79
C LEU D 84 18.62 -2.76 -16.90
N THR D 85 17.72 -2.88 -17.87
CA THR D 85 17.88 -3.84 -18.95
C THR D 85 18.64 -3.17 -20.10
N THR D 86 18.75 -3.89 -21.22
CA THR D 86 19.44 -3.40 -22.41
C THR D 86 18.42 -3.17 -23.52
N ASN D 87 18.91 -3.01 -24.74
CA ASN D 87 18.06 -2.81 -25.91
C ASN D 87 17.82 -4.11 -26.68
N ALA D 88 18.06 -5.25 -26.04
CA ALA D 88 17.83 -6.54 -26.69
C ALA D 88 16.33 -6.82 -26.82
N ALA D 89 16.02 -7.85 -27.60
CA ALA D 89 14.64 -8.22 -27.83
C ALA D 89 14.05 -8.92 -26.61
N ILE D 90 12.80 -8.58 -26.30
CA ILE D 90 12.13 -9.18 -25.14
C ILE D 90 11.73 -10.61 -25.49
N PRO D 91 12.06 -11.60 -24.67
CA PRO D 91 11.74 -12.99 -24.99
C PRO D 91 10.26 -13.28 -24.70
N MET D 92 9.89 -14.55 -24.91
CA MET D 92 8.53 -14.99 -24.68
C MET D 92 8.35 -15.74 -23.37
N MET D 93 9.43 -16.24 -22.78
CA MET D 93 9.41 -16.89 -21.48
C MET D 93 10.58 -16.38 -20.66
N PRO D 94 10.53 -16.53 -19.34
CA PRO D 94 11.65 -16.05 -18.51
C PRO D 94 12.96 -16.73 -18.87
N VAL D 95 14.00 -15.92 -19.05
CA VAL D 95 15.34 -16.42 -19.31
C VAL D 95 16.02 -16.77 -17.99
N GLU D 96 16.89 -17.78 -18.01
CA GLU D 96 17.48 -18.28 -16.78
C GLU D 96 18.97 -18.51 -16.99
N ASN D 97 19.70 -18.54 -15.86
CA ASN D 97 21.12 -18.88 -15.84
C ASN D 97 21.95 -17.84 -16.60
N ILE D 98 22.65 -18.26 -17.64
CA ILE D 98 23.62 -17.37 -18.25
C ILE D 98 22.99 -16.46 -19.31
N GLU D 99 21.89 -16.89 -19.94
CA GLU D 99 21.24 -16.04 -20.94
C GLU D 99 20.75 -14.72 -20.37
N ILE D 100 20.86 -14.50 -19.05
CA ILE D 100 20.43 -13.26 -18.44
C ILE D 100 21.38 -12.11 -18.74
N ARG D 101 22.63 -12.41 -19.11
CA ARG D 101 23.62 -11.35 -19.29
C ARG D 101 23.29 -10.43 -20.46
N GLN D 102 22.52 -10.90 -21.43
CA GLN D 102 22.08 -10.05 -22.53
C GLN D 102 20.94 -9.12 -22.15
N TYR D 103 20.47 -9.17 -20.90
CA TYR D 103 19.37 -8.33 -20.43
C TYR D 103 19.73 -7.48 -19.23
N ILE D 104 21.01 -7.38 -18.88
CA ILE D 104 21.46 -6.62 -17.72
C ILE D 104 22.38 -5.52 -18.21
N SER D 105 22.06 -4.28 -17.86
CA SER D 105 22.90 -3.15 -18.22
C SER D 105 24.17 -3.14 -17.38
N ARG D 106 25.21 -2.52 -17.95
CA ARG D 106 26.50 -2.38 -17.28
C ARG D 106 26.71 -0.92 -16.89
N CYS D 107 27.55 -0.73 -15.87
CA CYS D 107 27.79 0.60 -15.32
C CYS D 107 29.25 0.72 -14.92
N VAL D 108 29.64 1.95 -14.58
CA VAL D 108 31.01 2.25 -14.17
C VAL D 108 30.96 3.49 -13.29
N VAL D 109 31.86 3.55 -12.31
CA VAL D 109 31.98 4.68 -11.40
C VAL D 109 33.32 5.36 -11.68
N CYS D 110 33.30 6.69 -11.82
CA CYS D 110 34.48 7.47 -12.10
C CYS D 110 34.63 8.55 -11.03
N GLU D 111 35.82 9.14 -10.98
CA GLU D 111 36.07 10.30 -10.12
C GLU D 111 36.21 11.54 -10.98
N ALA D 112 35.53 12.61 -10.57
CA ALA D 112 35.53 13.86 -11.30
C ALA D 112 36.08 15.00 -10.43
N PRO D 113 36.68 16.03 -11.04
CA PRO D 113 37.22 17.13 -10.24
C PRO D 113 36.14 17.97 -9.58
N ALA D 114 35.11 18.33 -10.34
CA ALA D 114 34.07 19.23 -9.86
C ALA D 114 32.74 18.50 -9.75
N ASN D 115 31.69 19.26 -9.44
CA ASN D 115 30.37 18.70 -9.22
C ASN D 115 29.68 18.40 -10.54
N VAL D 116 28.87 17.33 -10.54
CA VAL D 116 28.15 16.89 -11.73
C VAL D 116 26.66 16.88 -11.40
N ILE D 117 25.86 17.40 -12.32
CA ILE D 117 24.41 17.48 -12.17
C ILE D 117 23.75 17.06 -13.48
N ALA D 118 22.43 17.09 -13.50
CA ALA D 118 21.64 16.82 -14.70
C ALA D 118 20.55 17.87 -14.80
N VAL D 119 20.46 18.52 -15.97
CA VAL D 119 19.48 19.57 -16.21
C VAL D 119 18.46 19.06 -17.23
N HIS D 120 17.21 19.44 -17.04
CA HIS D 120 16.12 18.99 -17.89
C HIS D 120 15.47 20.17 -18.59
N SER D 121 14.99 19.93 -19.80
CA SER D 121 14.40 20.98 -20.63
C SER D 121 12.89 20.96 -20.67
N GLN D 122 12.26 19.81 -20.39
CA GLN D 122 10.82 19.61 -20.53
C GLN D 122 10.34 19.87 -21.95
N THR D 123 11.25 19.78 -22.92
CA THR D 123 10.94 20.01 -24.33
C THR D 123 11.77 19.05 -25.17
N ILE D 124 11.49 19.05 -26.49
CA ILE D 124 12.22 18.20 -27.42
C ILE D 124 13.65 18.67 -27.64
N GLU D 125 14.00 19.86 -27.18
CA GLU D 125 15.35 20.39 -27.33
C GLU D 125 16.24 19.95 -26.19
N VAL D 126 17.51 19.73 -26.50
CA VAL D 126 18.50 19.41 -25.47
C VAL D 126 18.84 20.69 -24.70
N PRO D 127 18.74 20.68 -23.37
CA PRO D 127 19.03 21.90 -22.61
C PRO D 127 20.52 22.24 -22.60
N ASP D 128 20.81 23.53 -22.66
CA ASP D 128 22.19 23.99 -22.62
C ASP D 128 22.67 24.12 -21.18
N CYS D 129 23.89 23.67 -20.94
CA CYS D 129 24.48 23.77 -19.61
C CYS D 129 24.69 25.24 -19.23
N PRO D 130 24.64 25.56 -17.93
CA PRO D 130 24.81 26.95 -17.50
C PRO D 130 26.22 27.47 -17.79
N ASN D 131 26.40 28.76 -17.54
CA ASN D 131 27.68 29.41 -17.76
C ASN D 131 28.73 28.83 -16.83
N GLY D 132 29.83 28.36 -17.42
CA GLY D 132 30.87 27.68 -16.68
C GLY D 132 30.76 26.18 -16.64
N TRP D 133 29.73 25.62 -17.29
CA TRP D 133 29.48 24.18 -17.30
C TRP D 133 29.62 23.65 -18.71
N GLU D 134 30.17 22.45 -18.83
CA GLU D 134 30.26 21.75 -20.11
C GLU D 134 29.50 20.43 -20.00
N GLY D 135 28.88 20.04 -21.11
CA GLY D 135 28.04 18.84 -21.09
C GLY D 135 28.86 17.57 -21.21
N LEU D 136 28.41 16.54 -20.51
CA LEU D 136 29.08 15.24 -20.54
C LEU D 136 28.36 14.25 -21.46
N TRP D 137 27.05 14.12 -21.30
CA TRP D 137 26.24 13.35 -22.25
C TRP D 137 24.83 13.92 -22.25
N ILE D 138 24.04 13.50 -23.24
CA ILE D 138 22.66 13.94 -23.38
C ILE D 138 21.76 12.71 -23.37
N GLY D 139 20.47 12.95 -23.15
CA GLY D 139 19.52 11.87 -23.12
C GLY D 139 18.08 12.28 -22.88
N TYR D 140 17.32 11.42 -22.20
CA TYR D 140 15.90 11.60 -21.98
C TYR D 140 15.59 11.57 -20.49
N SER D 141 14.64 12.40 -20.07
CA SER D 141 14.31 12.58 -18.66
C SER D 141 13.60 11.34 -18.12
N PHE D 142 14.30 10.56 -17.30
CA PHE D 142 13.74 9.36 -16.68
C PHE D 142 13.28 9.72 -15.28
N LEU D 143 11.96 9.66 -15.05
CA LEU D 143 11.40 10.12 -13.79
C LEU D 143 11.09 8.97 -12.83
N MET D 144 10.10 8.14 -13.17
CA MET D 144 9.63 7.10 -12.28
C MET D 144 9.48 5.79 -13.05
N HIS D 145 9.18 4.73 -12.29
CA HIS D 145 9.02 3.39 -12.86
C HIS D 145 8.21 2.55 -11.88
N THR D 146 7.35 1.69 -12.42
CA THR D 146 6.62 0.72 -11.63
C THR D 146 6.65 -0.63 -12.33
N ALA D 147 6.66 -1.70 -11.54
CA ALA D 147 6.66 -3.06 -12.06
C ALA D 147 5.29 -3.71 -11.98
N VAL D 148 4.66 -3.67 -10.81
CA VAL D 148 3.31 -4.19 -10.63
C VAL D 148 2.69 -3.47 -9.44
N GLY D 149 1.41 -3.14 -9.57
CA GLY D 149 0.74 -2.38 -8.53
C GLY D 149 1.38 -1.02 -8.38
N ASN D 150 1.71 -0.66 -7.13
CA ASN D 150 2.45 0.56 -6.86
C ASN D 150 3.90 0.30 -6.47
N GLY D 151 4.38 -0.92 -6.69
CA GLY D 151 5.78 -1.23 -6.43
C GLY D 151 6.66 -0.66 -7.51
N GLY D 152 7.66 0.12 -7.11
CA GLY D 152 8.56 0.74 -8.05
C GLY D 152 9.48 1.77 -7.41
N GLY D 153 9.55 2.96 -8.00
CA GLY D 153 10.41 4.00 -7.47
C GLY D 153 10.53 5.14 -8.44
N GLY D 154 11.47 6.03 -8.14
CA GLY D 154 11.69 7.21 -8.96
C GLY D 154 13.09 7.73 -8.79
N GLN D 155 13.45 8.68 -9.65
CA GLN D 155 14.78 9.25 -9.68
C GLN D 155 14.75 10.72 -9.27
N ALA D 156 15.83 11.15 -8.61
CA ALA D 156 16.00 12.57 -8.33
C ALA D 156 16.37 13.30 -9.62
N LEU D 157 15.62 14.36 -9.92
CA LEU D 157 15.80 15.05 -11.20
C LEU D 157 17.10 15.83 -11.26
N GLN D 158 17.83 15.98 -10.15
CA GLN D 158 19.17 16.52 -10.19
C GLN D 158 20.22 15.45 -10.47
N SER D 159 20.00 14.24 -9.96
CA SER D 159 20.96 13.16 -10.15
C SER D 159 21.06 12.79 -11.63
N PRO D 160 22.24 12.36 -12.08
CA PRO D 160 22.37 11.90 -13.47
C PRO D 160 21.50 10.70 -13.80
N GLY D 161 21.00 9.99 -12.80
CA GLY D 161 20.13 8.86 -13.05
C GLY D 161 18.82 9.24 -13.70
N SER D 162 18.38 10.48 -13.52
CA SER D 162 17.18 10.97 -14.19
C SER D 162 17.41 11.30 -15.66
N CYS D 163 18.62 11.08 -16.18
CA CYS D 163 18.96 11.38 -17.57
C CYS D 163 19.65 10.18 -18.17
N LEU D 164 18.91 9.38 -18.94
CA LEU D 164 19.46 8.22 -19.62
C LEU D 164 19.63 8.52 -21.11
N GLU D 165 20.72 8.00 -21.68
CA GLU D 165 21.05 8.33 -23.07
C GLU D 165 20.07 7.68 -24.03
N ASP D 166 19.67 6.44 -23.79
CA ASP D 166 18.78 5.70 -24.66
C ASP D 166 17.41 5.55 -24.01
N PHE D 167 16.36 5.79 -24.80
CA PHE D 167 14.99 5.75 -24.33
C PHE D 167 14.35 4.42 -24.73
N ARG D 168 13.90 3.66 -23.73
CA ARG D 168 13.15 2.44 -23.94
C ARG D 168 11.89 2.48 -23.09
N ALA D 169 10.78 1.98 -23.63
CA ALA D 169 9.52 2.03 -22.90
C ALA D 169 9.56 1.15 -21.65
N THR D 170 10.36 0.08 -21.67
CA THR D 170 10.53 -0.81 -20.52
C THR D 170 12.02 -0.93 -20.23
N PRO D 171 12.58 0.02 -19.48
CA PRO D 171 14.04 0.07 -19.30
C PRO D 171 14.59 -0.82 -18.20
N PHE D 172 13.80 -1.71 -17.61
CA PHE D 172 14.29 -2.56 -16.53
C PHE D 172 13.66 -3.95 -16.64
N ILE D 173 14.24 -4.89 -15.89
CA ILE D 173 13.82 -6.28 -15.91
C ILE D 173 13.67 -6.78 -14.48
N GLU D 174 12.75 -7.72 -14.29
CA GLU D 174 12.40 -8.26 -12.98
C GLU D 174 12.96 -9.67 -12.85
N CYS D 175 13.68 -9.92 -11.76
CA CYS D 175 14.33 -11.21 -11.51
C CYS D 175 13.74 -11.85 -10.27
N ASN D 176 13.12 -13.02 -10.43
CA ASN D 176 12.74 -13.83 -9.29
C ASN D 176 13.99 -14.38 -8.62
N GLY D 177 14.17 -14.05 -7.34
CA GLY D 177 15.43 -14.35 -6.68
C GLY D 177 15.63 -15.83 -6.38
N ALA D 178 14.62 -16.47 -5.76
CA ALA D 178 14.80 -17.83 -5.29
C ALA D 178 15.01 -18.82 -6.43
N LYS D 179 14.30 -18.64 -7.54
CA LYS D 179 14.48 -19.52 -8.68
C LYS D 179 15.49 -18.99 -9.70
N GLY D 180 15.97 -17.76 -9.51
CA GLY D 180 17.03 -17.23 -10.36
C GLY D 180 16.64 -16.97 -11.81
N THR D 181 15.42 -16.53 -12.05
CA THR D 181 14.94 -16.27 -13.40
C THR D 181 14.55 -14.80 -13.53
N CYS D 182 14.87 -14.22 -14.68
CA CYS D 182 14.56 -12.83 -14.98
C CYS D 182 13.65 -12.75 -16.21
N HIS D 183 12.74 -11.79 -16.20
CA HIS D 183 11.75 -11.69 -17.27
C HIS D 183 11.14 -10.30 -17.27
N PHE D 184 10.48 -9.96 -18.38
CA PHE D 184 9.67 -8.77 -18.51
C PHE D 184 8.20 -9.13 -18.31
N TYR D 185 7.41 -8.12 -17.93
CA TYR D 185 5.99 -8.33 -17.70
C TYR D 185 5.22 -7.13 -18.27
N GLU D 186 3.95 -7.39 -18.59
CA GLU D 186 3.12 -6.35 -19.21
C GLU D 186 2.77 -5.24 -18.23
N THR D 187 2.77 -5.52 -16.93
CA THR D 187 2.44 -4.51 -15.95
C THR D 187 3.56 -3.48 -15.75
N MET D 188 4.74 -3.73 -16.31
CA MET D 188 5.85 -2.79 -16.15
C MET D 188 5.55 -1.50 -16.91
N THR D 189 5.68 -0.37 -16.22
CA THR D 189 5.45 0.94 -16.81
C THR D 189 6.58 1.87 -16.41
N SER D 190 6.98 2.73 -17.36
CA SER D 190 7.97 3.76 -17.12
C SER D 190 7.32 5.13 -17.24
N PHE D 191 7.94 6.12 -16.59
CA PHE D 191 7.42 7.47 -16.56
C PHE D 191 8.53 8.44 -16.93
N TRP D 192 8.33 9.17 -18.02
CA TRP D 192 9.30 10.12 -18.53
C TRP D 192 8.66 11.50 -18.58
N MET D 193 9.49 12.54 -18.36
CA MET D 193 8.99 13.90 -18.42
C MET D 193 8.52 14.23 -19.83
N TYR D 194 7.44 15.00 -19.92
CA TYR D 194 6.75 15.20 -21.18
C TYR D 194 7.32 16.39 -21.95
N ASN D 195 7.06 16.38 -23.25
CA ASN D 195 7.49 17.45 -24.15
C ASN D 195 6.43 18.54 -24.16
N LEU D 196 6.76 19.70 -23.59
CA LEU D 196 5.84 20.82 -23.43
C LEU D 196 6.10 21.92 -24.44
N GLU D 197 6.44 21.54 -25.68
CA GLU D 197 6.82 22.52 -26.69
C GLU D 197 5.62 23.24 -27.30
N SER D 198 4.45 22.62 -27.31
CA SER D 198 3.26 23.22 -27.90
C SER D 198 2.29 23.74 -26.86
N SER D 199 2.73 23.88 -25.60
CA SER D 199 1.88 24.29 -24.51
C SER D 199 2.26 25.69 -24.02
N GLN D 200 1.29 26.33 -23.37
CA GLN D 200 1.30 27.56 -22.59
C GLN D 200 1.34 27.19 -21.11
N PRO D 201 2.03 27.97 -20.29
CA PRO D 201 2.41 27.49 -18.94
C PRO D 201 1.28 26.92 -18.09
N PHE D 202 0.13 27.60 -18.02
CA PHE D 202 -0.96 27.17 -17.15
C PHE D 202 -2.16 26.60 -17.90
N GLU D 203 -1.94 26.09 -19.12
CA GLU D 203 -3.04 25.44 -19.83
C GLU D 203 -3.35 24.07 -19.25
N ARG D 204 -4.52 23.57 -19.61
CA ARG D 204 -4.89 22.20 -19.30
C ARG D 204 -4.10 21.26 -20.21
N PRO D 205 -3.55 20.18 -19.68
CA PRO D 205 -2.72 19.29 -20.50
C PRO D 205 -3.51 18.68 -21.65
N GLN D 206 -2.89 18.68 -22.83
CA GLN D 206 -3.50 18.07 -24.00
C GLN D 206 -3.22 16.57 -23.96
N GLN D 207 -4.25 15.77 -23.69
CA GLN D 207 -4.02 14.34 -23.60
C GLN D 207 -3.68 13.79 -24.98
N GLN D 208 -2.70 12.88 -25.02
CA GLN D 208 -2.20 12.35 -26.27
C GLN D 208 -1.85 10.89 -26.08
N THR D 209 -2.27 10.05 -27.02
CA THR D 209 -1.86 8.65 -27.07
C THR D 209 -0.91 8.50 -28.25
N ILE D 210 0.37 8.34 -27.95
CA ILE D 210 1.43 8.30 -28.95
C ILE D 210 1.86 6.86 -29.15
N LYS D 211 2.18 6.50 -30.39
CA LYS D 211 2.52 5.14 -30.75
C LYS D 211 3.79 5.11 -31.58
N ALA D 212 4.43 3.95 -31.59
CA ALA D 212 5.57 3.59 -32.47
C ALA D 212 6.68 4.64 -32.30
N GLY D 213 7.38 5.02 -33.37
CA GLY D 213 8.56 5.88 -33.24
C GLY D 213 8.27 7.31 -32.80
N GLU D 214 7.01 7.73 -32.84
CA GLU D 214 6.68 9.10 -32.43
C GLU D 214 6.77 9.28 -30.92
N ARG D 215 6.87 8.19 -30.15
CA ARG D 215 6.94 8.31 -28.70
C ARG D 215 8.18 9.09 -28.28
N GLN D 216 9.30 8.87 -28.98
CA GLN D 216 10.54 9.57 -28.67
C GLN D 216 10.41 11.08 -28.91
N SER D 217 9.50 11.49 -29.78
CA SER D 217 9.28 12.91 -30.06
C SER D 217 8.54 13.62 -28.94
N HIS D 218 7.92 12.89 -28.02
CA HIS D 218 7.17 13.49 -26.91
C HIS D 218 7.89 13.36 -25.58
N VAL D 219 9.14 12.89 -25.58
CA VAL D 219 9.92 12.74 -24.36
C VAL D 219 10.76 13.98 -24.14
N SER D 220 10.81 14.45 -22.90
CA SER D 220 11.66 15.58 -22.54
C SER D 220 13.13 15.19 -22.67
N ARG D 221 13.96 16.15 -23.08
CA ARG D 221 15.39 15.95 -23.22
C ARG D 221 16.12 16.51 -22.00
N CYS D 222 17.34 16.02 -21.81
CA CYS D 222 18.14 16.40 -20.65
C CYS D 222 19.61 16.30 -21.02
N GLN D 223 20.45 16.91 -20.19
CA GLN D 223 21.89 16.87 -20.39
C GLN D 223 22.57 16.85 -19.03
N VAL D 224 23.61 16.01 -18.92
CA VAL D 224 24.38 15.90 -17.69
C VAL D 224 25.61 16.80 -17.82
N CYS D 225 25.73 17.77 -16.93
CA CYS D 225 26.74 18.81 -17.02
C CYS D 225 27.69 18.72 -15.84
N MET D 226 28.95 19.09 -16.09
CA MET D 226 29.96 19.23 -15.05
C MET D 226 30.61 20.59 -15.22
N LYS D 227 30.96 21.23 -14.10
CA LYS D 227 31.49 22.58 -14.14
C LYS D 227 33.01 22.56 -14.27
N ASN D 228 33.54 23.60 -14.92
CA ASN D 228 34.98 23.81 -15.02
C ASN D 228 35.45 24.64 -13.84
N SER D 229 36.55 24.22 -13.23
CA SER D 229 37.12 24.94 -12.09
C SER D 229 37.94 26.13 -12.55
N SER E 4 36.15 26.96 -9.59
CA SER E 4 35.02 26.65 -8.72
C SER E 4 34.48 25.26 -9.02
N ARG E 5 34.13 24.51 -7.96
CA ARG E 5 33.59 23.18 -8.14
C ARG E 5 32.12 23.20 -8.54
N GLY E 6 31.37 24.17 -8.03
CA GLY E 6 30.01 24.40 -8.47
C GLY E 6 28.97 23.47 -7.84
N PHE E 7 28.91 23.45 -6.52
CA PHE E 7 27.81 22.78 -5.83
C PHE E 7 26.56 23.64 -5.92
N ILE E 8 25.43 23.03 -6.26
CA ILE E 8 24.20 23.77 -6.47
C ILE E 8 23.18 23.37 -5.43
N PHE E 9 22.23 24.27 -5.20
CA PHE E 9 21.12 24.03 -4.29
C PHE E 9 19.91 24.79 -4.81
N ALA E 10 18.78 24.63 -4.12
CA ALA E 10 17.54 25.27 -4.51
C ALA E 10 16.96 26.06 -3.34
N ARG E 11 16.27 27.15 -3.68
CA ARG E 11 15.61 27.99 -2.69
C ARG E 11 14.18 28.24 -3.14
N HIS E 12 13.24 28.13 -2.21
CA HIS E 12 11.81 28.22 -2.52
C HIS E 12 11.22 29.42 -1.78
N SER E 13 10.56 30.30 -2.52
CA SER E 13 9.96 31.48 -1.94
C SER E 13 8.62 31.21 -1.27
N GLN E 14 7.96 30.10 -1.62
CA GLN E 14 6.61 29.79 -1.15
C GLN E 14 5.63 30.91 -1.49
N SER E 15 5.88 31.61 -2.58
CA SER E 15 5.01 32.67 -3.06
C SER E 15 5.07 32.68 -4.58
N VAL E 16 4.25 33.55 -5.20
CA VAL E 16 4.23 33.66 -6.65
C VAL E 16 5.43 34.40 -7.20
N HIS E 17 6.22 35.04 -6.34
CA HIS E 17 7.37 35.82 -6.75
C HIS E 17 8.67 35.02 -6.62
N VAL E 18 9.60 35.27 -7.52
CA VAL E 18 10.84 34.49 -7.60
C VAL E 18 11.76 34.92 -6.45
N PRO E 19 12.33 33.97 -5.71
CA PRO E 19 13.27 34.33 -4.64
C PRO E 19 14.62 34.75 -5.21
N GLN E 20 15.49 35.19 -4.30
CA GLN E 20 16.84 35.61 -4.63
C GLN E 20 17.85 34.56 -4.17
N CYS E 21 18.95 34.45 -4.88
CA CYS E 21 20.04 33.60 -4.43
C CYS E 21 20.75 34.25 -3.25
N PRO E 22 21.16 33.47 -2.25
CA PRO E 22 21.82 34.06 -1.08
C PRO E 22 23.20 34.62 -1.39
N ALA E 23 23.97 34.94 -0.34
CA ALA E 23 25.29 35.51 -0.53
C ALA E 23 26.26 34.46 -1.05
N ASN E 24 27.19 34.89 -1.90
CA ASN E 24 28.25 34.04 -2.44
C ASN E 24 27.69 32.90 -3.27
N THR E 25 26.55 33.13 -3.93
CA THR E 25 25.97 32.15 -4.83
C THR E 25 25.50 32.86 -6.10
N ASN E 26 25.51 32.11 -7.21
CA ASN E 26 25.18 32.65 -8.53
C ASN E 26 23.90 31.98 -9.04
N LEU E 27 23.05 32.75 -9.69
CA LEU E 27 21.76 32.26 -10.15
C LEU E 27 21.94 31.53 -11.48
N LEU E 28 21.53 30.26 -11.52
CA LEU E 28 21.57 29.48 -12.76
C LEU E 28 20.27 29.64 -13.54
N TRP E 29 19.14 29.30 -12.92
CA TRP E 29 17.84 29.49 -13.54
C TRP E 29 16.78 29.57 -12.44
N GLU E 30 15.62 30.08 -12.82
CA GLU E 30 14.48 30.19 -11.92
C GLU E 30 13.32 29.36 -12.47
N GLY E 31 12.43 28.91 -11.58
CA GLY E 31 11.32 28.09 -11.99
C GLY E 31 10.23 27.89 -10.96
N TYR E 32 9.63 26.70 -10.94
CA TYR E 32 8.50 26.38 -10.09
C TYR E 32 8.85 25.26 -9.13
N SER E 33 8.37 25.38 -7.89
CA SER E 33 8.75 24.47 -6.81
C SER E 33 8.04 23.13 -6.97
N LEU E 34 8.77 22.11 -7.39
CA LEU E 34 8.23 20.76 -7.55
C LEU E 34 8.52 19.94 -6.31
N SER E 35 7.48 19.37 -5.71
CA SER E 35 7.62 18.60 -4.48
C SER E 35 7.65 17.09 -4.71
N GLY E 36 6.99 16.61 -5.76
CA GLY E 36 6.97 15.18 -6.03
C GLY E 36 5.92 14.84 -7.07
N ASN E 37 5.76 13.55 -7.29
CA ASN E 37 4.80 13.04 -8.26
C ASN E 37 4.16 11.76 -7.72
N VAL E 38 2.90 11.56 -8.06
CA VAL E 38 2.15 10.38 -7.61
C VAL E 38 1.69 9.65 -8.87
N ALA E 39 2.48 8.68 -9.31
CA ALA E 39 2.16 7.88 -10.47
C ALA E 39 1.92 6.44 -10.05
N ALA E 40 0.85 5.85 -10.60
CA ALA E 40 0.47 4.46 -10.30
C ALA E 40 0.31 4.26 -8.80
N SER E 41 -0.31 5.24 -8.14
CA SER E 41 -0.59 5.21 -6.70
C SER E 41 0.69 5.11 -5.87
N ARG E 42 1.80 5.63 -6.39
CA ARG E 42 3.06 5.69 -5.66
C ARG E 42 3.58 7.12 -5.68
N ALA E 43 3.83 7.68 -4.50
CA ALA E 43 4.29 9.06 -4.36
C ALA E 43 5.80 9.06 -4.20
N VAL E 44 6.52 9.52 -5.22
CA VAL E 44 7.95 9.73 -5.17
C VAL E 44 8.21 11.23 -5.12
N GLY E 45 8.98 11.66 -4.12
CA GLY E 45 9.21 13.07 -3.89
C GLY E 45 10.56 13.54 -4.35
N GLN E 46 10.65 14.84 -4.62
CA GLN E 46 11.90 15.49 -4.96
C GLN E 46 12.46 16.20 -3.73
N ASP E 47 13.77 16.13 -3.56
CA ASP E 47 14.42 16.83 -2.46
C ASP E 47 14.35 18.33 -2.72
N LEU E 48 13.69 19.06 -1.81
CA LEU E 48 13.50 20.49 -1.97
C LEU E 48 14.79 21.29 -1.87
N GLY E 49 15.92 20.64 -1.59
CA GLY E 49 17.20 21.32 -1.57
C GLY E 49 17.97 21.18 -2.87
N GLN E 50 17.65 20.14 -3.63
CA GLN E 50 18.33 19.87 -4.89
C GLN E 50 17.63 20.61 -6.03
N SER E 51 18.29 20.66 -7.19
CA SER E 51 17.71 21.29 -8.36
C SER E 51 16.55 20.50 -8.92
N GLY E 52 16.41 19.23 -8.55
CA GLY E 52 15.29 18.42 -8.99
C GLY E 52 13.93 18.91 -8.51
N SER E 53 13.91 19.84 -7.54
CA SER E 53 12.68 20.42 -7.03
C SER E 53 12.37 21.77 -7.66
N CYS E 54 13.05 22.13 -8.75
CA CYS E 54 12.88 23.45 -9.37
C CYS E 54 12.77 23.25 -10.89
N MET E 55 11.55 23.06 -11.37
CA MET E 55 11.28 22.89 -12.78
C MET E 55 11.11 24.25 -13.45
N MET E 56 11.69 24.39 -14.65
CA MET E 56 11.63 25.67 -15.34
C MET E 56 10.23 25.97 -15.86
N ARG E 57 9.45 24.95 -16.19
CA ARG E 57 8.09 25.12 -16.67
C ARG E 57 7.13 24.36 -15.76
N PHE E 58 5.96 24.95 -15.52
CA PHE E 58 4.96 24.34 -14.66
C PHE E 58 3.87 23.69 -15.51
N THR E 59 3.38 22.55 -15.03
CA THR E 59 2.21 21.89 -15.59
C THR E 59 1.68 20.91 -14.55
N THR E 60 0.36 20.69 -14.56
CA THR E 60 -0.23 19.78 -13.60
C THR E 60 0.16 18.33 -13.85
N MET E 61 0.56 17.99 -15.07
CA MET E 61 1.04 16.65 -15.41
C MET E 61 2.34 16.79 -16.19
N PRO E 62 3.48 16.72 -15.52
CA PRO E 62 4.77 16.89 -16.21
C PRO E 62 5.37 15.62 -16.81
N TYR E 63 4.67 14.49 -16.77
CA TYR E 63 5.21 13.23 -17.24
C TYR E 63 4.14 12.42 -17.95
N MET E 64 4.55 11.29 -18.52
CA MET E 64 3.65 10.38 -19.21
C MET E 64 4.11 8.96 -18.97
N LEU E 65 3.16 8.02 -19.10
CA LEU E 65 3.43 6.61 -18.94
C LEU E 65 3.63 5.93 -20.29
N CYS E 66 4.46 4.89 -20.31
CA CYS E 66 4.72 4.11 -21.51
C CYS E 66 4.78 2.64 -21.12
N ASP E 67 3.96 1.83 -21.79
CA ASP E 67 3.79 0.43 -21.43
C ASP E 67 4.68 -0.46 -22.31
N ILE E 68 4.39 -1.76 -22.35
CA ILE E 68 5.21 -2.71 -23.08
C ILE E 68 4.78 -2.87 -24.54
N THR E 69 3.57 -2.42 -24.89
CA THR E 69 3.11 -2.47 -26.27
C THR E 69 3.64 -1.30 -27.10
N ASN E 70 4.65 -0.59 -26.59
CA ASN E 70 5.26 0.55 -27.28
C ASN E 70 4.23 1.62 -27.62
N VAL E 71 3.37 1.93 -26.65
CA VAL E 71 2.49 3.09 -26.71
C VAL E 71 2.65 3.88 -25.43
N CYS E 72 2.45 5.19 -25.52
CA CYS E 72 2.57 6.08 -24.38
C CYS E 72 1.29 6.88 -24.22
N HIS E 73 0.79 6.95 -22.97
CA HIS E 73 -0.38 7.74 -22.64
C HIS E 73 0.03 8.94 -21.81
N PHE E 74 -0.45 10.12 -22.19
CA PHE E 74 -0.22 11.35 -21.46
C PHE E 74 -1.55 11.92 -21.02
N ALA E 75 -1.72 12.08 -19.71
CA ALA E 75 -2.93 12.64 -19.12
C ALA E 75 -4.19 11.89 -19.52
N GLN E 76 -4.05 10.62 -19.92
CA GLN E 76 -5.20 9.80 -20.28
C GLN E 76 -5.82 9.11 -19.08
N ASN E 77 -5.03 8.85 -18.03
CA ASN E 77 -5.56 8.24 -16.82
C ASN E 77 -5.40 9.19 -15.64
N ASN E 78 -5.49 8.68 -14.43
CA ASN E 78 -5.56 9.49 -13.21
C ASN E 78 -4.26 9.36 -12.42
N ASP E 79 -3.33 10.27 -12.67
CA ASP E 79 -2.11 10.40 -11.90
C ASP E 79 -1.96 11.82 -11.41
N ASP E 80 -1.07 12.02 -10.44
CA ASP E 80 -0.99 13.28 -9.70
C ASP E 80 0.42 13.83 -9.73
N SER E 81 0.52 15.13 -9.40
CA SER E 81 1.79 15.80 -9.18
C SER E 81 1.69 16.65 -7.92
N LEU E 82 2.85 16.99 -7.36
CA LEU E 82 2.90 17.71 -6.09
C LEU E 82 3.82 18.93 -6.23
N TRP E 83 3.35 20.07 -5.73
CA TRP E 83 4.08 21.32 -5.81
C TRP E 83 3.97 22.07 -4.49
N LEU E 84 5.04 22.75 -4.10
CA LEU E 84 4.95 23.66 -2.97
C LEU E 84 3.99 24.81 -3.30
N SER E 85 3.23 25.22 -2.29
CA SER E 85 2.13 26.15 -2.49
C SER E 85 2.44 27.51 -1.87
N THR E 86 1.70 28.51 -2.31
CA THR E 86 1.80 29.86 -1.78
C THR E 86 0.82 30.05 -0.63
N ALA E 87 0.94 31.20 0.04
CA ALA E 87 0.03 31.54 1.13
C ALA E 87 -1.28 32.12 0.63
N GLU E 88 -1.53 32.08 -0.67
CA GLU E 88 -2.77 32.59 -1.22
C GLU E 88 -3.94 31.73 -0.74
N PRO E 89 -4.99 32.32 -0.18
CA PRO E 89 -6.11 31.51 0.29
C PRO E 89 -6.90 30.92 -0.87
N MET E 90 -7.28 29.65 -0.72
CA MET E 90 -8.13 29.03 -1.70
C MET E 90 -9.53 29.67 -1.63
N PRO E 91 -10.25 29.72 -2.75
CA PRO E 91 -11.55 30.40 -2.75
C PRO E 91 -12.52 29.73 -1.78
N MET E 92 -13.44 30.55 -1.26
CA MET E 92 -14.41 30.05 -0.28
C MET E 92 -15.29 28.96 -0.85
N THR E 93 -15.45 28.90 -2.17
CA THR E 93 -16.16 27.81 -2.82
C THR E 93 -15.42 26.48 -2.67
N MET E 94 -14.16 26.51 -2.25
CA MET E 94 -13.32 25.34 -1.97
C MET E 94 -13.43 24.26 -3.04
N THR E 95 -13.45 24.70 -4.33
CA THR E 95 -13.42 23.99 -5.60
C THR E 95 -12.00 23.99 -6.16
N PRO E 96 -11.61 22.94 -6.88
CA PRO E 96 -10.27 22.91 -7.45
C PRO E 96 -10.00 24.12 -8.36
N ILE E 97 -8.78 24.62 -8.30
CA ILE E 97 -8.37 25.77 -9.10
C ILE E 97 -7.83 25.26 -10.43
N GLN E 98 -8.29 25.86 -11.52
CA GLN E 98 -7.82 25.50 -12.85
C GLN E 98 -7.54 26.76 -13.64
N GLY E 99 -6.97 26.58 -14.83
CA GLY E 99 -6.66 27.73 -15.66
C GLY E 99 -5.47 28.49 -15.12
N ARG E 100 -5.38 29.76 -15.55
CA ARG E 100 -4.25 30.61 -15.19
C ARG E 100 -4.31 31.12 -13.76
N ASP E 101 -5.44 30.91 -13.06
CA ASP E 101 -5.48 31.21 -11.63
C ASP E 101 -4.55 30.31 -10.83
N LEU E 102 -4.07 29.21 -11.43
CA LEU E 102 -3.07 28.37 -10.78
C LEU E 102 -1.78 29.11 -10.52
N MET E 103 -1.53 30.22 -11.23
CA MET E 103 -0.35 31.03 -10.96
C MET E 103 -0.32 31.52 -9.52
N LYS E 104 -1.49 31.78 -8.94
CA LYS E 104 -1.55 32.34 -7.59
C LYS E 104 -1.12 31.36 -6.51
N TYR E 105 -1.07 30.06 -6.83
CA TYR E 105 -0.90 29.03 -5.81
C TYR E 105 0.39 28.24 -5.92
N ILE E 106 1.15 28.35 -7.00
CA ILE E 106 2.35 27.55 -7.21
C ILE E 106 3.56 28.38 -6.80
N SER E 107 4.37 27.82 -5.90
CA SER E 107 5.57 28.50 -5.42
C SER E 107 6.61 28.61 -6.53
N ARG E 108 7.52 29.56 -6.37
CA ARG E 108 8.62 29.77 -7.29
C ARG E 108 9.94 29.40 -6.62
N CYS E 109 10.96 29.21 -7.43
CA CYS E 109 12.24 28.73 -6.92
C CYS E 109 13.38 29.23 -7.80
N VAL E 110 14.60 29.12 -7.26
CA VAL E 110 15.83 29.40 -8.00
C VAL E 110 16.83 28.29 -7.70
N VAL E 111 17.75 28.10 -8.62
CA VAL E 111 18.86 27.16 -8.46
C VAL E 111 20.14 27.98 -8.48
N CYS E 112 20.91 27.89 -7.40
CA CYS E 112 22.10 28.72 -7.21
C CYS E 112 23.32 27.82 -7.03
N GLU E 113 24.43 28.21 -7.67
CA GLU E 113 25.68 27.48 -7.56
C GLU E 113 26.63 28.23 -6.62
N THR E 114 27.36 27.46 -5.82
CA THR E 114 28.35 28.01 -4.91
C THR E 114 29.56 27.08 -4.88
N THR E 115 30.63 27.55 -4.24
CA THR E 115 31.89 26.81 -4.23
C THR E 115 31.98 25.78 -3.12
N THR E 116 31.13 25.86 -2.10
CA THR E 116 31.14 24.93 -0.98
C THR E 116 29.80 24.19 -0.90
N ARG E 117 29.66 23.39 0.15
CA ARG E 117 28.50 22.54 0.34
C ARG E 117 27.51 23.17 1.33
N ILE E 118 26.26 22.72 1.23
CA ILE E 118 25.15 23.27 2.00
C ILE E 118 24.64 22.21 2.97
N ILE E 119 24.45 22.61 4.23
CA ILE E 119 23.90 21.73 5.26
C ILE E 119 22.71 22.43 5.91
N ALA E 120 22.01 21.69 6.75
CA ALA E 120 20.86 22.21 7.48
C ALA E 120 20.92 21.72 8.93
N LEU E 121 20.79 22.64 9.87
CA LEU E 121 20.83 22.33 11.30
C LEU E 121 19.46 22.57 11.91
N HIS E 122 18.99 21.60 12.69
CA HIS E 122 17.70 21.69 13.38
C HIS E 122 17.93 21.72 14.89
N SER E 123 17.26 22.66 15.56
CA SER E 123 17.48 22.88 16.99
C SER E 123 16.54 22.09 17.88
N GLN E 124 15.40 21.63 17.36
CA GLN E 124 14.38 20.94 18.15
C GLN E 124 13.88 21.80 19.30
N SER E 125 13.96 23.12 19.15
CA SER E 125 13.54 24.04 20.18
C SER E 125 13.06 25.32 19.51
N MET E 126 12.79 26.35 20.32
CA MET E 126 12.34 27.64 19.81
C MET E 126 13.50 28.54 19.39
N SER E 127 14.74 28.17 19.66
CA SER E 127 15.89 28.98 19.33
C SER E 127 16.40 28.66 17.93
N ILE E 128 16.63 29.69 17.13
CA ILE E 128 17.22 29.51 15.81
C ILE E 128 18.69 29.15 16.02
N PRO E 129 19.14 27.97 15.60
CA PRO E 129 20.53 27.58 15.88
C PRO E 129 21.52 28.33 15.01
N ASP E 130 22.66 28.68 15.60
CA ASP E 130 23.76 29.27 14.86
C ASP E 130 24.62 28.17 14.26
N CYS E 131 25.18 28.45 13.10
CA CYS E 131 26.05 27.47 12.47
C CYS E 131 27.46 27.52 13.06
N PRO E 132 28.16 26.38 13.10
CA PRO E 132 29.48 26.34 13.74
C PRO E 132 30.55 27.15 13.00
N GLY E 133 31.75 27.16 13.57
CA GLY E 133 32.87 27.90 13.02
C GLY E 133 33.25 27.50 11.61
N GLY E 134 33.37 28.49 10.73
CA GLY E 134 33.70 28.26 9.34
C GLY E 134 32.52 28.16 8.40
N TRP E 135 31.30 28.31 8.91
CA TRP E 135 30.09 28.23 8.09
C TRP E 135 29.40 29.59 8.07
N GLU E 136 28.82 29.93 6.93
CA GLU E 136 28.14 31.20 6.75
C GLU E 136 26.63 30.97 6.64
N GLU E 137 25.86 31.78 7.34
CA GLU E 137 24.41 31.64 7.37
C GLU E 137 23.78 32.25 6.12
N MET E 138 22.91 31.49 5.46
CA MET E 138 22.15 31.97 4.30
C MET E 138 20.72 32.35 4.68
N TRP E 139 19.94 31.38 5.18
CA TRP E 139 18.59 31.68 5.63
C TRP E 139 18.21 30.73 6.76
N THR E 140 17.15 31.10 7.48
CA THR E 140 16.60 30.32 8.57
C THR E 140 15.13 30.02 8.31
N GLY E 141 14.60 29.02 9.00
CA GLY E 141 13.23 28.62 8.80
C GLY E 141 12.69 27.65 9.84
N TYR E 142 11.82 26.73 9.40
CA TYR E 142 11.16 25.78 10.28
C TYR E 142 11.37 24.36 9.75
N SER E 143 11.51 23.41 10.67
CA SER E 143 11.92 22.05 10.34
C SER E 143 10.77 21.30 9.66
N TYR E 144 10.88 21.10 8.35
CA TYR E 144 9.88 20.39 7.56
C TYR E 144 10.37 18.96 7.34
N PHE E 145 9.61 17.98 7.83
CA PHE E 145 10.03 16.59 7.80
C PHE E 145 9.49 15.85 6.59
N MET E 146 8.17 15.82 6.42
CA MET E 146 7.56 15.09 5.31
C MET E 146 6.13 15.55 5.12
N SER E 147 5.48 15.02 4.09
CA SER E 147 4.07 15.18 3.84
C SER E 147 3.50 13.83 3.42
N THR E 148 2.27 13.54 3.83
CA THR E 148 1.66 12.24 3.58
C THR E 148 0.34 12.42 2.82
N LEU E 149 0.05 11.46 1.95
CA LEU E 149 -1.22 11.38 1.25
C LEU E 149 -1.89 10.05 1.59
N ASP E 150 -3.12 9.89 1.09
CA ASP E 150 -3.92 8.71 1.40
C ASP E 150 -3.64 7.60 0.39
N ASN E 151 -3.14 6.47 0.90
CA ASN E 151 -2.98 5.21 0.18
C ASN E 151 -1.94 5.28 -0.95
N VAL E 152 -1.13 6.34 -1.00
CA VAL E 152 0.01 6.40 -1.91
C VAL E 152 1.31 6.64 -1.17
N GLY E 153 1.29 6.72 0.15
CA GLY E 153 2.50 6.92 0.92
C GLY E 153 2.72 8.38 1.29
N GLY E 154 3.82 8.95 0.79
CA GLY E 154 4.12 10.34 1.07
C GLY E 154 5.46 10.73 0.49
N VAL E 155 5.80 11.99 0.70
CA VAL E 155 7.05 12.56 0.21
C VAL E 155 7.77 13.22 1.39
N GLY E 156 9.06 12.91 1.54
CA GLY E 156 9.81 13.38 2.67
C GLY E 156 11.07 14.12 2.26
N GLN E 157 11.62 14.85 3.21
CA GLN E 157 12.86 15.60 3.04
C GLN E 157 13.92 15.05 3.97
N ASN E 158 15.17 15.06 3.50
CA ASN E 158 16.29 14.67 4.34
C ASN E 158 16.64 15.82 5.28
N LEU E 159 16.79 15.51 6.57
CA LEU E 159 16.90 16.55 7.58
C LEU E 159 18.17 17.39 7.47
N VAL E 160 19.16 16.95 6.68
CA VAL E 160 20.35 17.77 6.45
C VAL E 160 20.26 18.57 5.16
N SER E 161 19.35 18.22 4.26
CA SER E 161 19.16 19.00 3.05
C SER E 161 18.49 20.32 3.39
N PRO E 162 18.84 21.42 2.69
CA PRO E 162 18.14 22.69 2.92
C PRO E 162 16.66 22.62 2.60
N GLY E 163 16.21 21.61 1.86
CA GLY E 163 14.79 21.43 1.59
C GLY E 163 13.98 21.09 2.82
N SER E 164 14.63 20.60 3.88
CA SER E 164 13.96 20.34 5.14
C SER E 164 13.85 21.59 6.02
N CYS E 165 14.11 22.76 5.47
CA CYS E 165 14.09 24.02 6.21
C CYS E 165 13.34 25.06 5.39
N LEU E 166 12.02 25.10 5.54
CA LEU E 166 11.19 26.06 4.82
C LEU E 166 11.17 27.39 5.58
N GLU E 167 11.36 28.49 4.84
CA GLU E 167 11.46 29.79 5.47
C GLU E 167 10.15 30.26 6.09
N GLU E 168 9.01 29.71 5.67
CA GLU E 168 7.72 30.04 6.23
C GLU E 168 6.98 28.75 6.59
N PHE E 169 6.41 28.72 7.80
CA PHE E 169 5.67 27.55 8.24
C PHE E 169 4.28 27.55 7.61
N ARG E 170 3.86 26.37 7.14
CA ARG E 170 2.56 26.19 6.51
C ARG E 170 1.94 24.90 7.02
N ALA E 171 0.68 24.96 7.42
CA ALA E 171 -0.04 23.73 7.75
C ALA E 171 -0.22 22.85 6.52
N GLN E 172 -0.36 23.47 5.35
CA GLN E 172 -0.50 22.76 4.08
C GLN E 172 0.49 23.35 3.09
N PRO E 173 1.77 22.96 3.17
CA PRO E 173 2.79 23.52 2.27
C PRO E 173 2.78 22.92 0.87
N VAL E 174 2.10 21.80 0.65
CA VAL E 174 2.14 21.09 -0.62
C VAL E 174 0.74 21.03 -1.19
N ILE E 175 0.61 21.29 -2.49
CA ILE E 175 -0.65 21.23 -3.20
C ILE E 175 -0.59 20.09 -4.21
N GLU E 176 -1.75 19.49 -4.47
CA GLU E 176 -1.86 18.32 -5.33
C GLU E 176 -2.52 18.71 -6.65
N CYS E 177 -1.90 18.32 -7.76
CA CYS E 177 -2.41 18.60 -9.10
C CYS E 177 -2.66 17.28 -9.83
N HIS E 178 -3.66 17.29 -10.71
CA HIS E 178 -4.08 16.11 -11.44
C HIS E 178 -3.89 16.31 -12.93
N GLY E 179 -3.91 15.19 -13.67
CA GLY E 179 -3.83 15.25 -15.12
C GLY E 179 -4.97 15.99 -15.78
N HIS E 180 -6.08 16.22 -15.06
CA HIS E 180 -7.18 17.00 -15.60
C HIS E 180 -6.84 18.47 -15.76
N GLY E 181 -5.75 18.94 -15.16
CA GLY E 181 -5.36 20.34 -15.25
C GLY E 181 -5.80 21.24 -14.12
N ARG E 182 -6.06 20.68 -12.93
CA ARG E 182 -6.47 21.49 -11.79
C ARG E 182 -5.67 21.07 -10.57
N CYS E 183 -5.58 21.99 -9.61
CA CYS E 183 -4.91 21.75 -8.34
C CYS E 183 -5.82 22.22 -7.21
N ASN E 184 -5.60 21.64 -6.03
CA ASN E 184 -6.40 21.95 -4.86
C ASN E 184 -5.77 21.27 -3.65
N TYR E 185 -6.20 21.71 -2.47
CA TYR E 185 -5.88 21.00 -1.24
C TYR E 185 -6.94 19.94 -0.98
N TYR E 186 -6.50 18.80 -0.47
CA TYR E 186 -7.40 17.71 -0.12
C TYR E 186 -7.12 17.26 1.30
N ASP E 187 -8.20 16.83 1.98
CA ASP E 187 -8.14 16.67 3.43
C ASP E 187 -7.07 15.68 3.86
N ALA E 188 -6.79 14.67 3.05
CA ALA E 188 -5.80 13.67 3.44
C ALA E 188 -4.37 14.21 3.41
N LEU E 189 -4.14 15.32 2.72
CA LEU E 189 -2.82 15.93 2.69
C LEU E 189 -2.42 16.43 4.07
N ALA E 190 -1.38 15.82 4.65
CA ALA E 190 -0.87 16.20 5.96
C ALA E 190 0.58 16.63 5.83
N SER E 191 1.05 17.38 6.82
CA SER E 191 2.43 17.84 6.86
C SER E 191 3.02 17.54 8.24
N PHE E 192 4.23 17.00 8.25
CA PHE E 192 4.91 16.65 9.48
C PHE E 192 6.11 17.56 9.69
N TRP E 193 6.27 18.05 10.92
CA TRP E 193 7.34 18.96 11.28
C TRP E 193 8.00 18.48 12.56
N LEU E 194 9.29 18.79 12.71
CA LEU E 194 9.97 18.48 13.96
C LEU E 194 9.39 19.33 15.09
N THR E 195 9.11 18.69 16.22
CA THR E 195 8.50 19.38 17.35
C THR E 195 9.57 19.93 18.29
N VAL E 196 9.14 20.79 19.20
CA VAL E 196 10.02 21.33 20.23
C VAL E 196 10.14 20.31 21.35
N ILE E 197 11.37 19.92 21.66
CA ILE E 197 11.66 18.94 22.70
C ILE E 197 12.69 19.56 23.63
N GLU E 198 12.29 19.86 24.86
CA GLU E 198 13.23 20.34 25.85
C GLU E 198 14.12 19.19 26.34
N GLU E 199 15.28 19.56 26.90
CA GLU E 199 16.22 18.56 27.37
C GLU E 199 15.61 17.69 28.46
N GLN E 200 14.64 18.23 29.21
CA GLN E 200 13.95 17.50 30.26
C GLN E 200 12.81 16.65 29.73
N ASP E 201 12.37 16.86 28.49
CA ASP E 201 11.28 16.10 27.89
C ASP E 201 11.77 14.92 27.07
N GLN E 202 13.07 14.60 27.13
CA GLN E 202 13.63 13.61 26.21
C GLN E 202 13.11 12.20 26.44
N PHE E 203 12.75 11.85 27.68
CA PHE E 203 12.30 10.48 27.96
C PHE E 203 11.01 10.47 28.76
N VAL E 204 10.19 11.50 28.62
CA VAL E 204 8.87 11.53 29.21
C VAL E 204 7.84 11.16 28.15
N GLN E 205 6.78 10.50 28.58
CA GLN E 205 5.68 10.17 27.67
C GLN E 205 5.14 11.47 27.06
N PRO E 206 5.02 11.56 25.74
CA PRO E 206 4.56 12.80 25.12
C PRO E 206 3.12 13.13 25.53
N ARG E 207 2.87 14.41 25.75
CA ARG E 207 1.57 14.91 26.17
C ARG E 207 0.81 15.41 24.94
N GLN E 208 -0.46 15.03 24.84
CA GLN E 208 -1.27 15.41 23.69
C GLN E 208 -1.56 16.90 23.70
N GLN E 209 -1.55 17.51 22.52
CA GLN E 209 -1.76 18.95 22.39
C GLN E 209 -2.23 19.24 20.97
N THR E 210 -3.40 19.85 20.85
CA THR E 210 -3.96 20.28 19.57
C THR E 210 -3.85 21.79 19.48
N LEU E 211 -2.96 22.28 18.61
CA LEU E 211 -2.76 23.70 18.46
C LEU E 211 -3.72 24.28 17.42
N LYS E 212 -4.37 25.38 17.77
CA LYS E 212 -5.15 26.18 16.84
C LYS E 212 -4.38 27.40 16.34
N ALA E 213 -3.52 27.97 17.18
CA ALA E 213 -2.73 29.13 16.85
C ALA E 213 -1.46 29.10 17.69
N ASP E 214 -0.64 30.13 17.55
CA ASP E 214 0.66 30.22 18.23
C ASP E 214 1.47 28.96 17.98
N PHE E 215 1.80 28.75 16.70
CA PHE E 215 2.45 27.52 16.28
C PHE E 215 3.95 27.50 16.53
N THR E 216 4.59 28.67 16.62
CA THR E 216 6.04 28.67 16.80
C THR E 216 6.48 28.16 18.17
N SER E 217 5.56 28.03 19.13
CA SER E 217 5.95 27.46 20.42
C SER E 217 6.22 25.95 20.33
N LYS E 218 5.68 25.28 19.32
CA LYS E 218 5.86 23.85 19.15
C LYS E 218 6.63 23.44 17.91
N ILE E 219 7.02 24.38 17.05
CA ILE E 219 7.71 24.07 15.81
C ILE E 219 9.21 24.29 15.98
N SER E 220 10.00 23.30 15.58
CA SER E 220 11.44 23.39 15.66
C SER E 220 11.97 24.39 14.64
N ARG E 221 13.01 25.14 15.02
CA ARG E 221 13.66 26.08 14.13
C ARG E 221 14.86 25.43 13.46
N CYS E 222 15.21 25.93 12.28
CA CYS E 222 16.31 25.38 11.50
C CYS E 222 17.06 26.51 10.81
N THR E 223 18.25 26.18 10.33
CA THR E 223 19.10 27.14 9.63
C THR E 223 19.94 26.40 8.59
N VAL E 224 19.97 26.93 7.37
CA VAL E 224 20.83 26.39 6.32
C VAL E 224 22.07 27.26 6.22
N CYS E 225 23.21 26.63 5.92
CA CYS E 225 24.48 27.32 5.89
C CYS E 225 25.39 26.72 4.82
N ARG E 226 26.21 27.57 4.23
CA ARG E 226 27.30 27.16 3.35
C ARG E 226 28.63 27.22 4.12
N ARG E 227 29.64 26.61 3.54
CA ARG E 227 30.95 26.50 4.18
C ARG E 227 31.90 27.55 3.61
N ARG E 228 32.93 27.88 4.39
CA ARG E 228 33.91 28.87 3.97
C ARG E 228 35.17 28.19 3.44
N TYR F 3 40.93 23.93 -0.46
CA TYR F 3 40.23 24.37 0.75
C TYR F 3 39.07 23.44 1.09
N LEU F 4 38.63 23.50 2.35
CA LEU F 4 37.56 22.63 2.81
C LEU F 4 36.22 23.02 2.20
N THR F 5 35.54 22.05 1.61
CA THR F 5 34.27 22.29 0.94
C THR F 5 33.08 22.11 1.86
N GLY F 6 33.22 21.30 2.92
CA GLY F 6 32.18 21.16 3.91
C GLY F 6 31.36 19.88 3.84
N ILE F 7 32.05 18.74 3.86
CA ILE F 7 31.41 17.43 3.86
C ILE F 7 31.18 16.98 5.29
N LEU F 8 30.04 16.36 5.56
CA LEU F 8 29.67 15.89 6.88
C LEU F 8 29.52 14.37 6.88
N ILE F 9 30.10 13.72 7.88
CA ILE F 9 30.00 12.27 8.03
C ILE F 9 29.28 11.97 9.34
N THR F 10 28.61 10.81 9.37
CA THR F 10 27.83 10.38 10.53
C THR F 10 28.15 8.92 10.85
N ARG F 11 28.49 8.66 12.10
CA ARG F 11 28.78 7.31 12.57
C ARG F 11 27.88 6.97 13.76
N HIS F 12 27.38 5.74 13.79
CA HIS F 12 26.48 5.27 14.83
C HIS F 12 27.17 4.17 15.62
N SER F 13 27.20 4.32 16.94
CA SER F 13 27.96 3.41 17.78
C SER F 13 27.27 2.06 17.98
N GLN F 14 25.95 2.00 17.84
CA GLN F 14 25.17 0.81 18.14
C GLN F 14 25.38 0.34 19.58
N SER F 15 25.67 1.28 20.48
CA SER F 15 25.97 0.97 21.87
C SER F 15 25.39 2.08 22.75
N GLU F 16 25.53 1.89 24.07
CA GLU F 16 25.03 2.88 25.02
C GLU F 16 25.94 4.09 25.16
N THR F 17 27.19 4.00 24.71
CA THR F 17 28.14 5.10 24.79
C THR F 17 28.15 5.90 23.50
N VAL F 18 28.36 7.20 23.64
CA VAL F 18 28.41 8.07 22.46
C VAL F 18 29.75 7.88 21.76
N PRO F 19 29.77 7.69 20.45
CA PRO F 19 31.04 7.52 19.75
C PRO F 19 31.77 8.84 19.53
N ALA F 20 33.06 8.72 19.27
CA ALA F 20 33.93 9.86 19.00
C ALA F 20 34.30 9.89 17.53
N CYS F 21 34.58 11.08 17.02
CA CYS F 21 34.93 11.20 15.60
C CYS F 21 36.31 10.60 15.34
N SER F 22 36.46 9.98 14.18
CA SER F 22 37.74 9.43 13.79
C SER F 22 38.70 10.53 13.34
N ALA F 23 39.98 10.18 13.28
CA ALA F 23 41.08 11.05 12.85
C ALA F 23 40.95 12.49 13.32
N GLY F 24 41.36 13.42 12.47
CA GLY F 24 41.37 14.84 12.74
C GLY F 24 40.10 15.55 12.30
N HIS F 25 38.95 14.89 12.45
CA HIS F 25 37.68 15.46 12.04
C HIS F 25 37.01 16.18 13.21
N THR F 26 36.46 17.36 12.93
CA THR F 26 35.86 18.20 13.94
C THR F 26 34.45 17.74 14.25
N GLU F 27 34.22 17.37 15.52
CA GLU F 27 32.89 16.94 15.95
C GLU F 27 31.90 18.09 15.91
N LEU F 28 30.75 17.86 15.29
CA LEU F 28 29.71 18.88 15.15
C LEU F 28 28.58 18.71 16.16
N TRP F 29 28.05 17.50 16.32
CA TRP F 29 27.06 17.24 17.36
C TRP F 29 26.92 15.74 17.57
N THR F 30 26.31 15.38 18.69
CA THR F 30 26.00 14.01 19.06
C THR F 30 24.50 13.85 19.25
N GLY F 31 24.06 12.61 19.34
CA GLY F 31 22.65 12.34 19.55
C GLY F 31 22.26 10.88 19.52
N TYR F 32 21.03 10.61 19.07
CA TYR F 32 20.47 9.27 19.06
C TYR F 32 20.21 8.82 17.62
N SER F 33 20.31 7.52 17.41
CA SER F 33 20.24 6.94 16.06
C SER F 33 18.78 6.72 15.67
N LEU F 34 18.30 7.52 14.71
CA LEU F 34 16.94 7.42 14.21
C LEU F 34 16.94 6.66 12.88
N LEU F 35 16.09 5.65 12.77
CA LEU F 35 15.96 4.89 11.53
C LEU F 35 14.91 5.53 10.63
N TYR F 36 13.64 5.47 11.03
CA TYR F 36 12.59 6.12 10.27
C TYR F 36 11.42 6.44 11.19
N VAL F 37 10.55 7.33 10.70
CA VAL F 37 9.34 7.73 11.39
C VAL F 37 8.14 7.20 10.61
N ASP F 38 7.21 6.56 11.31
CA ASP F 38 6.00 5.99 10.71
C ASP F 38 4.86 6.93 11.05
N GLY F 39 4.65 7.95 10.20
CA GLY F 39 3.60 8.92 10.37
C GLY F 39 2.49 8.70 9.37
N ASN F 40 1.26 8.61 9.89
CA ASN F 40 0.07 8.33 9.07
C ASN F 40 0.25 7.06 8.24
N ASP F 41 0.85 6.04 8.87
CA ASP F 41 1.11 4.76 8.24
C ASP F 41 1.95 4.89 6.98
N TYR F 42 2.87 5.85 6.96
CA TYR F 42 3.87 5.99 5.93
C TYR F 42 5.25 6.05 6.58
N ALA F 43 6.17 5.25 6.07
CA ALA F 43 7.53 5.15 6.62
C ALA F 43 8.44 6.08 5.82
N HIS F 44 8.94 7.12 6.47
CA HIS F 44 9.92 8.02 5.89
C HIS F 44 11.24 7.82 6.63
N ASN F 45 12.27 7.43 5.89
CA ASN F 45 13.55 7.07 6.47
C ASN F 45 14.54 8.23 6.43
N GLN F 46 15.49 8.19 7.34
CA GLN F 46 16.68 9.04 7.31
C GLN F 46 17.88 8.12 7.11
N ASP F 47 18.67 8.37 6.07
CA ASP F 47 19.80 7.51 5.75
C ASP F 47 20.80 7.51 6.91
N LEU F 48 21.19 6.32 7.35
CA LEU F 48 22.08 6.20 8.50
C LEU F 48 23.44 6.85 8.26
N GLY F 49 23.79 7.11 7.01
CA GLY F 49 24.99 7.85 6.67
C GLY F 49 24.81 9.33 6.55
N SER F 50 23.56 9.84 6.73
CA SER F 50 23.20 11.24 6.68
C SER F 50 23.05 11.81 8.09
N PRO F 51 23.40 13.08 8.27
CA PRO F 51 23.27 13.69 9.61
C PRO F 51 21.85 13.72 10.14
N GLY F 52 20.84 13.61 9.25
CA GLY F 52 19.46 13.58 9.71
C GLY F 52 19.11 12.36 10.54
N SER F 53 19.89 11.29 10.41
CA SER F 53 19.68 10.08 11.20
C SER F 53 20.22 10.21 12.62
N CYS F 54 20.87 11.32 12.95
CA CYS F 54 21.43 11.57 14.28
C CYS F 54 20.64 12.71 14.91
N VAL F 55 19.75 12.37 15.84
CA VAL F 55 18.86 13.32 16.49
C VAL F 55 19.43 13.61 17.88
N PRO F 56 19.74 14.86 18.21
CA PRO F 56 20.37 15.12 19.53
C PRO F 56 19.45 14.85 20.70
N ARG F 57 18.19 15.25 20.61
CA ARG F 57 17.23 15.08 21.69
C ARG F 57 16.24 14.00 21.30
N PHE F 58 16.13 12.97 22.15
CA PHE F 58 15.32 11.81 21.83
C PHE F 58 13.87 12.02 22.24
N SER F 59 12.97 11.33 21.56
CA SER F 59 11.56 11.24 21.91
C SER F 59 10.93 10.13 21.11
N THR F 60 10.01 9.38 21.73
CA THR F 60 9.24 8.39 20.99
C THR F 60 8.36 9.02 19.92
N LEU F 61 8.21 10.34 19.93
CA LEU F 61 7.46 11.05 18.90
C LEU F 61 8.06 12.44 18.74
N PRO F 62 9.16 12.55 18.00
CA PRO F 62 9.82 13.85 17.82
C PRO F 62 9.23 14.70 16.70
N VAL F 63 8.06 14.33 16.17
CA VAL F 63 7.42 15.08 15.10
C VAL F 63 5.96 15.32 15.48
N LEU F 64 5.35 16.29 14.80
CA LEU F 64 3.94 16.58 14.96
C LEU F 64 3.33 16.79 13.59
N SER F 65 2.03 16.52 13.48
CA SER F 65 1.32 16.56 12.21
C SER F 65 0.42 17.79 12.15
N CYS F 66 0.33 18.39 10.97
CA CYS F 66 -0.57 19.50 10.71
C CYS F 66 -1.46 19.17 9.52
N GLY F 67 -2.68 19.69 9.54
CA GLY F 67 -3.65 19.37 8.52
C GLY F 67 -4.47 20.56 8.06
N GLN F 68 -5.73 20.30 7.70
CA GLN F 68 -6.60 21.35 7.19
C GLN F 68 -6.99 22.30 8.32
N ASN F 69 -7.49 23.47 7.92
CA ASN F 69 -7.99 24.49 8.83
C ASN F 69 -6.92 24.99 9.80
N ASN F 70 -5.65 24.91 9.39
CA ASN F 70 -4.52 25.41 10.17
C ASN F 70 -4.51 24.81 11.59
N VAL F 71 -4.63 23.50 11.66
CA VAL F 71 -4.63 22.77 12.92
C VAL F 71 -3.45 21.82 12.91
N CYS F 72 -2.70 21.80 14.03
CA CYS F 72 -1.60 20.88 14.22
C CYS F 72 -1.86 20.04 15.46
N ASN F 73 -1.36 18.81 15.44
CA ASN F 73 -1.63 17.86 16.51
C ASN F 73 -0.33 17.15 16.89
N TYR F 74 -0.06 17.05 18.19
CA TYR F 74 1.09 16.35 18.70
C TYR F 74 0.62 15.20 19.58
N ALA F 75 1.07 13.98 19.27
CA ALA F 75 0.70 12.78 20.00
C ALA F 75 -0.82 12.63 20.08
N SER F 76 -1.49 12.88 18.96
CA SER F 76 -2.94 12.86 18.90
C SER F 76 -3.49 11.72 18.06
N ARG F 77 -2.65 10.81 17.57
CA ARG F 77 -3.15 9.69 16.78
C ARG F 77 -2.45 8.39 17.18
N ASN F 78 -1.87 7.70 16.20
CA ASN F 78 -1.30 6.37 16.44
C ASN F 78 0.00 6.21 15.65
N ASP F 79 0.86 7.22 15.71
CA ASP F 79 2.14 7.18 15.01
C ASP F 79 3.22 6.55 15.88
N LYS F 80 4.24 6.01 15.22
CA LYS F 80 5.34 5.33 15.89
C LYS F 80 6.66 5.73 15.26
N THR F 81 7.75 5.45 15.98
CA THR F 81 9.10 5.74 15.50
C THR F 81 9.98 4.51 15.70
N PHE F 82 11.04 4.43 14.89
CA PHE F 82 11.95 3.30 14.88
C PHE F 82 13.38 3.80 15.03
N TRP F 83 14.12 3.21 15.96
CA TRP F 83 15.45 3.68 16.31
C TRP F 83 16.43 2.51 16.32
N LEU F 84 17.67 2.80 15.94
CA LEU F 84 18.72 1.78 15.98
C LEU F 84 19.01 1.37 17.41
N THR F 85 19.21 0.07 17.62
CA THR F 85 19.33 -0.51 18.95
C THR F 85 20.80 -0.61 19.36
N THR F 86 21.01 -0.99 20.63
CA THR F 86 22.29 -1.30 21.21
C THR F 86 22.43 -2.82 21.31
N ASN F 87 23.31 -3.29 22.19
CA ASN F 87 23.51 -4.71 22.43
C ASN F 87 22.82 -5.18 23.70
N ALA F 88 21.87 -4.41 24.22
CA ALA F 88 21.17 -4.79 25.45
C ALA F 88 20.30 -6.03 25.23
N ALA F 89 19.96 -6.67 26.34
CA ALA F 89 19.13 -7.87 26.30
C ALA F 89 17.69 -7.53 25.94
N ILE F 90 17.10 -8.36 25.09
CA ILE F 90 15.72 -8.13 24.65
C ILE F 90 14.78 -8.32 25.84
N PRO F 91 13.92 -7.34 26.14
CA PRO F 91 13.05 -7.45 27.32
C PRO F 91 11.88 -8.39 27.06
N MET F 92 11.09 -8.62 28.12
CA MET F 92 9.91 -9.45 28.02
C MET F 92 8.66 -8.67 27.69
N MET F 93 8.63 -7.38 28.03
CA MET F 93 7.51 -6.49 27.78
C MET F 93 8.07 -5.17 27.25
N PRO F 94 7.23 -4.34 26.65
CA PRO F 94 7.71 -3.02 26.22
C PRO F 94 8.24 -2.20 27.40
N VAL F 95 9.45 -1.68 27.24
CA VAL F 95 10.05 -0.84 28.26
C VAL F 95 9.42 0.54 28.22
N GLU F 96 9.43 1.23 29.37
CA GLU F 96 8.67 2.46 29.55
C GLU F 96 9.60 3.61 29.90
N ASN F 97 9.44 4.73 29.18
CA ASN F 97 10.09 6.00 29.47
C ASN F 97 11.60 5.89 29.62
N ILE F 98 12.11 6.01 30.86
CA ILE F 98 13.56 6.08 31.05
C ILE F 98 14.22 4.74 30.73
N GLU F 99 13.49 3.63 30.87
CA GLU F 99 14.06 2.33 30.57
C GLU F 99 14.45 2.17 29.10
N ILE F 100 13.91 3.00 28.21
CA ILE F 100 14.20 2.85 26.79
C ILE F 100 15.58 3.38 26.42
N ARG F 101 16.19 4.21 27.26
CA ARG F 101 17.48 4.82 26.91
C ARG F 101 18.58 3.77 26.75
N GLN F 102 18.51 2.68 27.51
CA GLN F 102 19.50 1.62 27.39
C GLN F 102 19.34 0.80 26.13
N TYR F 103 18.32 1.08 25.32
CA TYR F 103 18.07 0.35 24.08
C TYR F 103 18.29 1.19 22.83
N ILE F 104 18.60 2.49 22.98
CA ILE F 104 18.73 3.40 21.85
C ILE F 104 20.20 3.66 21.58
N SER F 105 20.63 3.43 20.34
CA SER F 105 22.01 3.67 19.94
C SER F 105 22.33 5.16 19.94
N ARG F 106 23.61 5.47 20.11
CA ARG F 106 24.12 6.83 20.06
C ARG F 106 24.89 7.04 18.76
N CYS F 107 25.01 8.32 18.37
CA CYS F 107 25.62 8.67 17.10
C CYS F 107 26.38 9.98 17.25
N VAL F 108 27.17 10.30 16.23
CA VAL F 108 27.95 11.53 16.19
C VAL F 108 28.08 11.96 14.74
N VAL F 109 28.03 13.27 14.52
CA VAL F 109 28.18 13.87 13.19
C VAL F 109 29.42 14.74 13.19
N CYS F 110 30.31 14.50 12.22
CA CYS F 110 31.59 15.19 12.14
C CYS F 110 31.72 15.82 10.75
N GLU F 111 32.77 16.63 10.60
CA GLU F 111 33.10 17.25 9.32
C GLU F 111 34.38 16.64 8.76
N ALA F 112 34.36 16.35 7.46
CA ALA F 112 35.49 15.73 6.80
C ALA F 112 36.01 16.62 5.68
N PRO F 113 37.31 16.59 5.39
CA PRO F 113 37.82 17.44 4.30
C PRO F 113 37.47 16.91 2.93
N ALA F 114 37.59 15.60 2.71
CA ALA F 114 37.29 14.98 1.43
C ALA F 114 36.07 14.08 1.56
N ASN F 115 35.62 13.56 0.42
CA ASN F 115 34.38 12.79 0.39
C ASN F 115 34.60 11.40 0.99
N VAL F 116 33.50 10.81 1.46
CA VAL F 116 33.51 9.53 2.14
C VAL F 116 32.43 8.65 1.53
N ILE F 117 32.81 7.41 1.16
CA ILE F 117 31.91 6.45 0.57
C ILE F 117 32.08 5.11 1.30
N ALA F 118 31.35 4.10 0.83
CA ALA F 118 31.41 2.77 1.39
C ALA F 118 31.51 1.75 0.27
N VAL F 119 32.37 0.75 0.47
CA VAL F 119 32.62 -0.30 -0.52
C VAL F 119 32.21 -1.63 0.09
N HIS F 120 31.61 -2.50 -0.74
CA HIS F 120 31.16 -3.81 -0.31
C HIS F 120 31.81 -4.89 -1.17
N SER F 121 32.20 -5.99 -0.53
CA SER F 121 32.87 -7.07 -1.23
C SER F 121 31.92 -8.19 -1.64
N GLN F 122 30.78 -8.33 -0.98
CA GLN F 122 29.83 -9.41 -1.19
C GLN F 122 30.46 -10.78 -0.95
N THR F 123 31.54 -10.81 -0.16
CA THR F 123 32.21 -12.05 0.23
C THR F 123 32.51 -11.98 1.72
N ILE F 124 33.07 -13.06 2.26
CA ILE F 124 33.44 -13.09 3.68
C ILE F 124 34.64 -12.22 3.96
N GLU F 125 35.42 -11.85 2.94
CA GLU F 125 36.61 -11.04 3.13
C GLU F 125 36.25 -9.56 3.16
N VAL F 126 36.97 -8.80 3.99
CA VAL F 126 36.78 -7.36 4.07
C VAL F 126 37.40 -6.71 2.84
N PRO F 127 36.64 -5.93 2.07
CA PRO F 127 37.21 -5.29 0.88
C PRO F 127 38.15 -4.15 1.26
N ASP F 128 39.14 -3.94 0.39
CA ASP F 128 40.09 -2.86 0.55
C ASP F 128 39.58 -1.60 -0.14
N CYS F 129 39.96 -0.45 0.41
CA CYS F 129 39.59 0.82 -0.18
C CYS F 129 40.23 0.99 -1.56
N PRO F 130 39.63 1.78 -2.43
CA PRO F 130 40.25 2.07 -3.73
C PRO F 130 41.59 2.78 -3.56
N ASN F 131 42.41 2.70 -4.60
CA ASN F 131 43.74 3.27 -4.56
C ASN F 131 43.68 4.77 -4.32
N GLY F 132 44.24 5.21 -3.20
CA GLY F 132 44.24 6.60 -2.80
C GLY F 132 43.26 6.94 -1.69
N TRP F 133 42.43 5.99 -1.27
CA TRP F 133 41.44 6.22 -0.23
C TRP F 133 41.81 5.42 1.02
N GLU F 134 41.66 6.04 2.18
CA GLU F 134 42.00 5.41 3.45
C GLU F 134 40.74 4.87 4.14
N GLY F 135 40.94 3.85 4.96
CA GLY F 135 39.82 3.18 5.62
C GLY F 135 39.49 3.81 6.97
N LEU F 136 38.20 3.83 7.28
CA LEU F 136 37.69 4.39 8.54
C LEU F 136 37.23 3.31 9.51
N TRP F 137 36.34 2.42 9.08
CA TRP F 137 35.94 1.29 9.92
C TRP F 137 35.39 0.20 9.02
N ILE F 138 35.19 -0.99 9.61
CA ILE F 138 34.70 -2.15 8.89
C ILE F 138 33.48 -2.69 9.62
N GLY F 139 32.70 -3.51 8.91
CA GLY F 139 31.51 -4.10 9.47
C GLY F 139 30.79 -5.05 8.54
N TYR F 140 29.45 -5.06 8.61
CA TYR F 140 28.63 -5.97 7.83
C TYR F 140 27.64 -5.16 7.01
N SER F 141 27.50 -5.51 5.73
CA SER F 141 26.72 -4.72 4.79
C SER F 141 25.24 -4.76 5.14
N PHE F 142 24.69 -3.61 5.52
CA PHE F 142 23.28 -3.48 5.90
C PHE F 142 22.55 -2.74 4.80
N LEU F 143 21.59 -3.41 4.16
CA LEU F 143 20.92 -2.81 3.01
C LEU F 143 19.59 -2.17 3.41
N MET F 144 18.57 -2.99 3.66
CA MET F 144 17.22 -2.49 3.91
C MET F 144 16.63 -3.20 5.13
N HIS F 145 15.38 -2.87 5.44
CA HIS F 145 14.72 -3.39 6.62
C HIS F 145 13.22 -3.35 6.40
N THR F 146 12.50 -4.19 7.16
CA THR F 146 11.06 -4.28 7.08
C THR F 146 10.50 -4.43 8.49
N ALA F 147 9.38 -3.75 8.76
CA ALA F 147 8.73 -3.85 10.06
C ALA F 147 7.23 -4.05 9.93
N VAL F 148 6.47 -3.58 10.91
CA VAL F 148 5.03 -3.79 10.94
C VAL F 148 4.35 -2.87 9.93
N GLY F 149 3.31 -3.38 9.29
CA GLY F 149 2.55 -2.58 8.35
C GLY F 149 3.39 -2.14 7.17
N ASN F 150 3.29 -0.85 6.82
CA ASN F 150 4.09 -0.27 5.76
C ASN F 150 5.50 0.10 6.21
N GLY F 151 5.94 -0.45 7.35
CA GLY F 151 7.27 -0.11 7.86
C GLY F 151 8.35 -0.70 6.98
N GLY F 152 9.32 0.13 6.63
CA GLY F 152 10.44 -0.33 5.82
C GLY F 152 11.37 0.81 5.48
N GLY F 153 12.35 0.51 4.66
CA GLY F 153 13.31 1.50 4.23
C GLY F 153 14.66 0.84 4.00
N GLY F 154 15.61 1.67 3.58
CA GLY F 154 16.95 1.18 3.29
C GLY F 154 17.91 2.32 3.10
N GLN F 155 19.19 1.96 3.05
CA GLN F 155 20.28 2.91 2.86
C GLN F 155 20.92 2.73 1.48
N ALA F 156 21.40 3.84 0.93
CA ALA F 156 22.11 3.80 -0.34
C ALA F 156 23.45 3.12 -0.18
N LEU F 157 23.81 2.30 -1.18
CA LEU F 157 24.99 1.46 -1.08
C LEU F 157 26.30 2.27 -1.06
N GLN F 158 26.27 3.52 -1.51
CA GLN F 158 27.45 4.36 -1.42
C GLN F 158 27.55 5.11 -0.11
N SER F 159 26.46 5.18 0.65
CA SER F 159 26.46 5.87 1.93
C SER F 159 27.13 5.01 3.01
N PRO F 160 27.83 5.64 3.95
CA PRO F 160 28.38 4.86 5.09
C PRO F 160 27.31 4.20 5.94
N GLY F 161 26.07 4.65 5.85
CA GLY F 161 24.98 4.01 6.56
C GLY F 161 24.63 2.63 6.05
N SER F 162 25.03 2.31 4.82
CA SER F 162 24.78 0.98 4.27
C SER F 162 25.62 -0.10 4.92
N CYS F 163 26.46 0.22 5.90
CA CYS F 163 27.29 -0.80 6.54
C CYS F 163 27.49 -0.44 8.00
N LEU F 164 26.89 -1.22 8.89
CA LEU F 164 27.05 -1.06 10.32
C LEU F 164 28.12 -2.02 10.83
N GLU F 165 28.82 -1.60 11.89
CA GLU F 165 29.93 -2.39 12.41
C GLU F 165 29.48 -3.77 12.87
N ASP F 166 28.57 -3.82 13.84
CA ASP F 166 28.08 -5.10 14.33
C ASP F 166 27.01 -5.66 13.42
N PHE F 167 26.99 -6.99 13.30
CA PHE F 167 25.88 -7.69 12.68
C PHE F 167 24.88 -8.06 13.78
N ARG F 168 23.64 -7.62 13.63
CA ARG F 168 22.61 -7.86 14.62
C ARG F 168 21.36 -8.35 13.91
N ALA F 169 20.79 -9.46 14.39
CA ALA F 169 19.51 -9.93 13.87
C ALA F 169 18.38 -9.00 14.26
N THR F 170 18.54 -8.22 15.33
CA THR F 170 17.52 -7.28 15.81
C THR F 170 18.17 -5.91 15.98
N PRO F 171 18.42 -5.20 14.88
CA PRO F 171 19.14 -3.92 14.95
C PRO F 171 18.28 -2.68 15.14
N PHE F 172 16.96 -2.81 15.24
CA PHE F 172 16.10 -1.64 15.44
C PHE F 172 14.93 -2.02 16.33
N ILE F 173 14.31 -1.01 16.91
CA ILE F 173 13.24 -1.18 17.88
C ILE F 173 12.10 -0.23 17.53
N GLU F 174 10.87 -0.66 17.85
CA GLU F 174 9.67 0.10 17.56
C GLU F 174 9.17 0.78 18.83
N CYS F 175 9.02 2.10 18.77
CA CYS F 175 8.57 2.90 19.91
C CYS F 175 7.16 3.40 19.64
N ASN F 176 6.22 3.00 20.50
CA ASN F 176 4.87 3.56 20.44
C ASN F 176 4.91 5.04 20.77
N GLY F 177 4.47 5.87 19.82
CA GLY F 177 4.61 7.31 19.94
C GLY F 177 3.88 7.92 21.13
N ALA F 178 2.56 7.77 21.15
CA ALA F 178 1.77 8.40 22.20
C ALA F 178 1.92 7.68 23.54
N LYS F 179 2.25 6.39 23.51
CA LYS F 179 2.39 5.63 24.75
C LYS F 179 3.76 5.81 25.40
N GLY F 180 4.77 6.17 24.63
CA GLY F 180 6.10 6.37 25.19
C GLY F 180 6.80 5.10 25.57
N THR F 181 6.46 3.98 24.93
CA THR F 181 7.07 2.69 25.19
C THR F 181 7.63 2.10 23.91
N CYS F 182 8.72 1.33 24.05
CA CYS F 182 9.38 0.70 22.93
C CYS F 182 9.48 -0.80 23.17
N HIS F 183 9.50 -1.56 22.07
CA HIS F 183 9.56 -3.02 22.17
C HIS F 183 9.96 -3.60 20.83
N PHE F 184 10.39 -4.85 20.85
CA PHE F 184 10.70 -5.62 19.65
C PHE F 184 9.53 -6.53 19.29
N TYR F 185 9.33 -6.71 17.99
CA TYR F 185 8.22 -7.51 17.48
C TYR F 185 8.73 -8.44 16.40
N GLU F 186 7.99 -9.54 16.20
CA GLU F 186 8.39 -10.55 15.23
C GLU F 186 8.26 -10.07 13.79
N THR F 187 7.51 -8.98 13.55
CA THR F 187 7.38 -8.44 12.20
C THR F 187 8.63 -7.72 11.73
N MET F 188 9.64 -7.55 12.59
CA MET F 188 10.88 -6.89 12.20
C MET F 188 11.76 -7.85 11.42
N THR F 189 12.33 -7.36 10.32
CA THR F 189 13.21 -8.15 9.47
C THR F 189 14.33 -7.28 8.96
N SER F 190 15.56 -7.80 9.02
CA SER F 190 16.74 -7.11 8.54
C SER F 190 17.25 -7.77 7.26
N PHE F 191 17.77 -6.96 6.36
CA PHE F 191 18.30 -7.44 5.09
C PHE F 191 19.75 -7.02 4.96
N TRP F 192 20.63 -8.00 4.74
CA TRP F 192 22.05 -7.76 4.58
C TRP F 192 22.49 -8.26 3.21
N MET F 193 23.54 -7.65 2.67
CA MET F 193 24.10 -8.12 1.42
C MET F 193 24.69 -9.51 1.61
N TYR F 194 24.50 -10.37 0.61
CA TYR F 194 24.80 -11.78 0.76
C TYR F 194 26.25 -12.09 0.35
N ASN F 195 26.76 -13.20 0.87
CA ASN F 195 28.10 -13.68 0.55
C ASN F 195 28.04 -14.50 -0.73
N LEU F 196 28.61 -13.97 -1.82
CA LEU F 196 28.55 -14.59 -3.13
C LEU F 196 29.90 -15.13 -3.57
N GLU F 197 30.67 -15.69 -2.63
CA GLU F 197 31.96 -16.27 -2.99
C GLU F 197 31.80 -17.69 -3.54
N SER F 198 30.79 -18.41 -3.09
CA SER F 198 30.54 -19.78 -3.52
C SER F 198 29.59 -19.86 -4.71
N SER F 199 29.43 -18.77 -5.45
CA SER F 199 28.54 -18.75 -6.61
C SER F 199 29.17 -17.93 -7.72
N GLN F 200 28.67 -18.12 -8.93
CA GLN F 200 29.06 -17.37 -10.10
C GLN F 200 27.94 -16.41 -10.49
N PRO F 201 28.28 -15.26 -11.12
CA PRO F 201 27.32 -14.14 -11.23
C PRO F 201 25.94 -14.46 -11.78
N PHE F 202 25.75 -15.62 -12.42
CA PHE F 202 24.45 -15.94 -13.00
C PHE F 202 23.93 -17.31 -12.55
N GLU F 203 24.43 -17.83 -11.42
CA GLU F 203 23.93 -19.08 -10.90
C GLU F 203 22.68 -18.86 -10.05
N ARG F 204 21.81 -19.86 -10.04
CA ARG F 204 20.59 -19.78 -9.25
C ARG F 204 20.92 -19.88 -7.76
N PRO F 205 20.38 -18.99 -6.93
CA PRO F 205 20.66 -19.05 -5.49
C PRO F 205 20.08 -20.31 -4.86
N GLN F 206 20.83 -20.87 -3.92
CA GLN F 206 20.43 -22.09 -3.22
C GLN F 206 19.77 -21.73 -1.90
N GLN F 207 18.63 -22.36 -1.62
CA GLN F 207 17.91 -22.10 -0.38
C GLN F 207 18.74 -22.56 0.81
N GLN F 208 18.83 -21.71 1.83
CA GLN F 208 19.65 -21.99 3.00
C GLN F 208 18.96 -21.47 4.25
N THR F 209 18.91 -22.32 5.27
CA THR F 209 18.40 -21.95 6.59
C THR F 209 19.60 -21.85 7.54
N ILE F 210 19.93 -20.63 7.93
CA ILE F 210 21.09 -20.35 8.78
C ILE F 210 20.62 -20.25 10.22
N LYS F 211 21.39 -20.85 11.13
CA LYS F 211 21.04 -20.94 12.54
C LYS F 211 22.07 -20.22 13.41
N ALA F 212 21.79 -20.20 14.70
CA ALA F 212 22.58 -19.50 15.72
C ALA F 212 24.08 -19.62 15.48
N GLY F 213 24.76 -18.48 15.48
CA GLY F 213 26.19 -18.37 15.28
C GLY F 213 26.66 -18.48 13.85
N GLU F 214 25.89 -19.19 13.01
CA GLU F 214 26.25 -19.35 11.61
C GLU F 214 25.89 -18.14 10.77
N ARG F 215 25.24 -17.13 11.35
CA ARG F 215 24.73 -16.00 10.59
C ARG F 215 25.83 -15.03 10.17
N GLN F 216 26.80 -14.77 11.04
CA GLN F 216 27.87 -13.83 10.71
C GLN F 216 28.70 -14.27 9.52
N SER F 217 28.70 -15.56 9.20
CA SER F 217 29.53 -16.08 8.11
C SER F 217 28.89 -15.89 6.74
N HIS F 218 27.59 -15.61 6.66
CA HIS F 218 26.90 -15.45 5.39
C HIS F 218 26.69 -13.99 5.01
N VAL F 219 27.19 -13.04 5.80
CA VAL F 219 26.96 -11.62 5.57
C VAL F 219 28.18 -11.00 4.89
N SER F 220 27.93 -10.14 3.92
CA SER F 220 29.00 -9.42 3.23
C SER F 220 29.72 -8.46 4.16
N ARG F 221 31.02 -8.31 3.94
CA ARG F 221 31.84 -7.35 4.67
C ARG F 221 32.00 -6.07 3.85
N CYS F 222 32.55 -5.04 4.49
CA CYS F 222 32.60 -3.71 3.87
C CYS F 222 33.74 -2.92 4.48
N GLN F 223 33.98 -1.74 3.91
CA GLN F 223 34.89 -0.76 4.48
C GLN F 223 34.45 0.62 4.00
N VAL F 224 34.47 1.58 4.91
CA VAL F 224 34.10 2.96 4.62
C VAL F 224 35.38 3.77 4.43
N CYS F 225 35.50 4.43 3.28
CA CYS F 225 36.77 5.00 2.86
C CYS F 225 36.65 6.50 2.60
N MET F 226 37.77 7.20 2.79
CA MET F 226 37.88 8.63 2.51
C MET F 226 39.21 8.92 1.82
N LYS F 227 39.22 9.96 0.99
CA LYS F 227 40.42 10.39 0.30
C LYS F 227 41.26 11.26 1.22
N ASN F 228 42.57 11.01 1.25
CA ASN F 228 43.48 11.83 2.04
C ASN F 228 44.22 12.82 1.15
#